data_1OQJ
# 
_entry.id   1OQJ 
# 
_audit_conform.dict_name       mmcif_pdbx.dic 
_audit_conform.dict_version    5.386 
_audit_conform.dict_location   http://mmcif.pdb.org/dictionaries/ascii/mmcif_pdbx.dic 
# 
loop_
_database_2.database_id 
_database_2.database_code 
_database_2.pdbx_database_accession 
_database_2.pdbx_DOI 
PDB   1OQJ         pdb_00001oqj 10.2210/pdb1oqj/pdb 
RCSB  RCSB018567   ?            ?                   
WWPDB D_1000018567 ?            ?                   
# 
loop_
_pdbx_audit_revision_history.ordinal 
_pdbx_audit_revision_history.data_content_type 
_pdbx_audit_revision_history.major_revision 
_pdbx_audit_revision_history.minor_revision 
_pdbx_audit_revision_history.revision_date 
1 'Structure model' 1 0 2003-11-11 
2 'Structure model' 1 1 2007-10-16 
3 'Structure model' 1 2 2011-07-13 
4 'Structure model' 1 3 2017-10-11 
5 'Structure model' 1 4 2024-02-14 
# 
_pdbx_audit_revision_details.ordinal             1 
_pdbx_audit_revision_details.revision_ordinal    1 
_pdbx_audit_revision_details.data_content_type   'Structure model' 
_pdbx_audit_revision_details.provider            repository 
_pdbx_audit_revision_details.type                'Initial release' 
_pdbx_audit_revision_details.description         ? 
_pdbx_audit_revision_details.details             ? 
# 
loop_
_pdbx_audit_revision_group.ordinal 
_pdbx_audit_revision_group.revision_ordinal 
_pdbx_audit_revision_group.data_content_type 
_pdbx_audit_revision_group.group 
1 2 'Structure model' 'Version format compliance' 
2 3 'Structure model' 'Version format compliance' 
3 4 'Structure model' 'Refinement description'    
4 5 'Structure model' 'Data collection'           
5 5 'Structure model' 'Database references'       
6 5 'Structure model' 'Derived calculations'      
# 
loop_
_pdbx_audit_revision_category.ordinal 
_pdbx_audit_revision_category.revision_ordinal 
_pdbx_audit_revision_category.data_content_type 
_pdbx_audit_revision_category.category 
1 4 'Structure model' software           
2 5 'Structure model' chem_comp_atom     
3 5 'Structure model' chem_comp_bond     
4 5 'Structure model' database_2         
5 5 'Structure model' struct_ref_seq_dif 
6 5 'Structure model' struct_site        
# 
loop_
_pdbx_audit_revision_item.ordinal 
_pdbx_audit_revision_item.revision_ordinal 
_pdbx_audit_revision_item.data_content_type 
_pdbx_audit_revision_item.item 
1 4 'Structure model' '_software.classification'            
2 4 'Structure model' '_software.name'                      
3 5 'Structure model' '_database_2.pdbx_DOI'                
4 5 'Structure model' '_database_2.pdbx_database_accession' 
5 5 'Structure model' '_struct_ref_seq_dif.details'         
6 5 'Structure model' '_struct_site.pdbx_auth_asym_id'      
7 5 'Structure model' '_struct_site.pdbx_auth_comp_id'      
8 5 'Structure model' '_struct_site.pdbx_auth_seq_id'       
# 
_pdbx_database_status.status_code                     REL 
_pdbx_database_status.entry_id                        1OQJ 
_pdbx_database_status.recvd_initial_deposition_date   2003-03-10 
_pdbx_database_status.deposit_site                    RCSB 
_pdbx_database_status.process_site                    RCSB 
_pdbx_database_status.status_code_sf                  REL 
_pdbx_database_status.SG_entry                        . 
_pdbx_database_status.pdb_format_compatible           Y 
_pdbx_database_status.status_code_mr                  ? 
_pdbx_database_status.status_code_cs                  ? 
_pdbx_database_status.methods_development_category    ? 
_pdbx_database_status.status_code_nmr_data            ? 
# 
_pdbx_database_related.db_name        PDB 
_pdbx_database_related.db_id          1H5P 
_pdbx_database_related.details        'Solution Structure Of The Human Sp100b Sand Domain By Heteronuclear NMR' 
_pdbx_database_related.content_type   unspecified 
# 
loop_
_audit_author.name 
_audit_author.pdbx_ordinal 
'Surdo, P.L.'     1 
'Bottomley, M.J.' 2 
'Sattler, M.'     3 
'Scheffzek, K.'   4 
# 
_citation.id                        primary 
_citation.title                     
;Crystal structure and nuclear magnetic resonance analyses of the SAND domain from glucocorticoid modulatory element binding protein-1 reveals deoxyribonucleic acid and zinc binding regions
;
_citation.journal_abbrev            MOL.ENDOCRINOL. 
_citation.journal_volume            17 
_citation.page_first                1283 
_citation.page_last                 1295 
_citation.year                      2003 
_citation.journal_id_ASTM           MOENEN 
_citation.country                   US 
_citation.journal_id_ISSN           0888-8809 
_citation.journal_id_CSD            2068 
_citation.book_publisher            ? 
_citation.pdbx_database_id_PubMed   12702733 
_citation.pdbx_database_id_DOI      10.1210/me.2002-0409 
# 
loop_
_citation_author.citation_id 
_citation_author.name 
_citation_author.ordinal 
_citation_author.identifier_ORCID 
primary 'Surdo, P.L.'     1 ? 
primary 'Bottomley, M.J.' 2 ? 
primary 'Sattler, M.'     3 ? 
primary 'Scheffzek, K.'   4 ? 
# 
loop_
_entity.id 
_entity.type 
_entity.src_method 
_entity.pdbx_description 
_entity.formula_weight 
_entity.pdbx_number_of_molecules 
_entity.pdbx_ec 
_entity.pdbx_mutation 
_entity.pdbx_fragment 
_entity.details 
1 polymer     man 'Glucocorticoid Modulatory Element Binding protein-1' 11041.105 2   ? ? 'SAND domain' ? 
2 non-polymer syn 'ZINC ION'                                            65.409    2   ? ? ?             ? 
3 water       nat water                                                 18.015    215 ? ? ?             ? 
# 
_entity_poly.entity_id                      1 
_entity_poly.type                           'polypeptide(L)' 
_entity_poly.nstd_linkage                   no 
_entity_poly.nstd_monomer                   no 
_entity_poly.pdbx_seq_one_letter_code       
;GAMEDMEIAYPITCGESKAILLWKKFVCPGINVKCVKFNDQLISPKHFVHLAGKSTLKDWKRAIRLGGIMLRKMMDSGQI
DFYQHDKVCSNTCRSTK
;
_entity_poly.pdbx_seq_one_letter_code_can   
;GAMEDMEIAYPITCGESKAILLWKKFVCPGINVKCVKFNDQLISPKHFVHLAGKSTLKDWKRAIRLGGIMLRKMMDSGQI
DFYQHDKVCSNTCRSTK
;
_entity_poly.pdbx_strand_id                 A,B 
_entity_poly.pdbx_target_identifier         ? 
# 
loop_
_pdbx_entity_nonpoly.entity_id 
_pdbx_entity_nonpoly.name 
_pdbx_entity_nonpoly.comp_id 
2 'ZINC ION' ZN  
3 water      HOH 
# 
loop_
_entity_poly_seq.entity_id 
_entity_poly_seq.num 
_entity_poly_seq.mon_id 
_entity_poly_seq.hetero 
1 1  GLY n 
1 2  ALA n 
1 3  MET n 
1 4  GLU n 
1 5  ASP n 
1 6  MET n 
1 7  GLU n 
1 8  ILE n 
1 9  ALA n 
1 10 TYR n 
1 11 PRO n 
1 12 ILE n 
1 13 THR n 
1 14 CYS n 
1 15 GLY n 
1 16 GLU n 
1 17 SER n 
1 18 LYS n 
1 19 ALA n 
1 20 ILE n 
1 21 LEU n 
1 22 LEU n 
1 23 TRP n 
1 24 LYS n 
1 25 LYS n 
1 26 PHE n 
1 27 VAL n 
1 28 CYS n 
1 29 PRO n 
1 30 GLY n 
1 31 ILE n 
1 32 ASN n 
1 33 VAL n 
1 34 LYS n 
1 35 CYS n 
1 36 VAL n 
1 37 LYS n 
1 38 PHE n 
1 39 ASN n 
1 40 ASP n 
1 41 GLN n 
1 42 LEU n 
1 43 ILE n 
1 44 SER n 
1 45 PRO n 
1 46 LYS n 
1 47 HIS n 
1 48 PHE n 
1 49 VAL n 
1 50 HIS n 
1 51 LEU n 
1 52 ALA n 
1 53 GLY n 
1 54 LYS n 
1 55 SER n 
1 56 THR n 
1 57 LEU n 
1 58 LYS n 
1 59 ASP n 
1 60 TRP n 
1 61 LYS n 
1 62 ARG n 
1 63 ALA n 
1 64 ILE n 
1 65 ARG n 
1 66 LEU n 
1 67 GLY n 
1 68 GLY n 
1 69 ILE n 
1 70 MET n 
1 71 LEU n 
1 72 ARG n 
1 73 LYS n 
1 74 MET n 
1 75 MET n 
1 76 ASP n 
1 77 SER n 
1 78 GLY n 
1 79 GLN n 
1 80 ILE n 
1 81 ASP n 
1 82 PHE n 
1 83 TYR n 
1 84 GLN n 
1 85 HIS n 
1 86 ASP n 
1 87 LYS n 
1 88 VAL n 
1 89 CYS n 
1 90 SER n 
1 91 ASN n 
1 92 THR n 
1 93 CYS n 
1 94 ARG n 
1 95 SER n 
1 96 THR n 
1 97 LYS n 
# 
_entity_src_gen.entity_id                          1 
_entity_src_gen.pdbx_src_id                        1 
_entity_src_gen.pdbx_alt_source_flag               sample 
_entity_src_gen.pdbx_seq_type                      ? 
_entity_src_gen.pdbx_beg_seq_num                   ? 
_entity_src_gen.pdbx_end_seq_num                   ? 
_entity_src_gen.gene_src_common_name               human 
_entity_src_gen.gene_src_genus                     Homo 
_entity_src_gen.pdbx_gene_src_gene                 GMEB1 
_entity_src_gen.gene_src_species                   ? 
_entity_src_gen.gene_src_strain                    ? 
_entity_src_gen.gene_src_tissue                    ? 
_entity_src_gen.gene_src_tissue_fraction           ? 
_entity_src_gen.gene_src_details                   ? 
_entity_src_gen.pdbx_gene_src_fragment             ? 
_entity_src_gen.pdbx_gene_src_scientific_name      'Homo sapiens' 
_entity_src_gen.pdbx_gene_src_ncbi_taxonomy_id     9606 
_entity_src_gen.pdbx_gene_src_variant              ? 
_entity_src_gen.pdbx_gene_src_cell_line            ? 
_entity_src_gen.pdbx_gene_src_atcc                 ? 
_entity_src_gen.pdbx_gene_src_organ                ? 
_entity_src_gen.pdbx_gene_src_organelle            ? 
_entity_src_gen.pdbx_gene_src_cell                 ? 
_entity_src_gen.pdbx_gene_src_cellular_location    ? 
_entity_src_gen.host_org_common_name               ? 
_entity_src_gen.pdbx_host_org_scientific_name      'Escherichia coli BL21(DE3)' 
_entity_src_gen.pdbx_host_org_ncbi_taxonomy_id     469008 
_entity_src_gen.host_org_genus                     Escherichia 
_entity_src_gen.pdbx_host_org_gene                 ? 
_entity_src_gen.pdbx_host_org_organ                ? 
_entity_src_gen.host_org_species                   'Escherichia coli' 
_entity_src_gen.pdbx_host_org_tissue               ? 
_entity_src_gen.pdbx_host_org_tissue_fraction      ? 
_entity_src_gen.pdbx_host_org_strain               'BL21(DE3)' 
_entity_src_gen.pdbx_host_org_variant              ? 
_entity_src_gen.pdbx_host_org_cell_line            ? 
_entity_src_gen.pdbx_host_org_atcc                 ? 
_entity_src_gen.pdbx_host_org_culture_collection   ? 
_entity_src_gen.pdbx_host_org_cell                 ? 
_entity_src_gen.pdbx_host_org_organelle            ? 
_entity_src_gen.pdbx_host_org_cellular_location    ? 
_entity_src_gen.pdbx_host_org_vector_type          PLASMID 
_entity_src_gen.pdbx_host_org_vector               ? 
_entity_src_gen.host_org_details                   ? 
_entity_src_gen.expression_system_id               ? 
_entity_src_gen.plasmid_name                       'modified pET24d with N-His-TEV cleavage site' 
_entity_src_gen.plasmid_details                    ? 
_entity_src_gen.pdbx_description                   ? 
# 
loop_
_chem_comp.id 
_chem_comp.type 
_chem_comp.mon_nstd_flag 
_chem_comp.name 
_chem_comp.pdbx_synonyms 
_chem_comp.formula 
_chem_comp.formula_weight 
ALA 'L-peptide linking' y ALANINE         ? 'C3 H7 N O2'     89.093  
ARG 'L-peptide linking' y ARGININE        ? 'C6 H15 N4 O2 1' 175.209 
ASN 'L-peptide linking' y ASPARAGINE      ? 'C4 H8 N2 O3'    132.118 
ASP 'L-peptide linking' y 'ASPARTIC ACID' ? 'C4 H7 N O4'     133.103 
CYS 'L-peptide linking' y CYSTEINE        ? 'C3 H7 N O2 S'   121.158 
GLN 'L-peptide linking' y GLUTAMINE       ? 'C5 H10 N2 O3'   146.144 
GLU 'L-peptide linking' y 'GLUTAMIC ACID' ? 'C5 H9 N O4'     147.129 
GLY 'peptide linking'   y GLYCINE         ? 'C2 H5 N O2'     75.067  
HIS 'L-peptide linking' y HISTIDINE       ? 'C6 H10 N3 O2 1' 156.162 
HOH non-polymer         . WATER           ? 'H2 O'           18.015  
ILE 'L-peptide linking' y ISOLEUCINE      ? 'C6 H13 N O2'    131.173 
LEU 'L-peptide linking' y LEUCINE         ? 'C6 H13 N O2'    131.173 
LYS 'L-peptide linking' y LYSINE          ? 'C6 H15 N2 O2 1' 147.195 
MET 'L-peptide linking' y METHIONINE      ? 'C5 H11 N O2 S'  149.211 
PHE 'L-peptide linking' y PHENYLALANINE   ? 'C9 H11 N O2'    165.189 
PRO 'L-peptide linking' y PROLINE         ? 'C5 H9 N O2'     115.130 
SER 'L-peptide linking' y SERINE          ? 'C3 H7 N O3'     105.093 
THR 'L-peptide linking' y THREONINE       ? 'C4 H9 N O3'     119.119 
TRP 'L-peptide linking' y TRYPTOPHAN      ? 'C11 H12 N2 O2'  204.225 
TYR 'L-peptide linking' y TYROSINE        ? 'C9 H11 N O3'    181.189 
VAL 'L-peptide linking' y VALINE          ? 'C5 H11 N O2'    117.146 
ZN  non-polymer         . 'ZINC ION'      ? 'Zn 2'           65.409  
# 
loop_
_pdbx_poly_seq_scheme.asym_id 
_pdbx_poly_seq_scheme.entity_id 
_pdbx_poly_seq_scheme.seq_id 
_pdbx_poly_seq_scheme.mon_id 
_pdbx_poly_seq_scheme.ndb_seq_num 
_pdbx_poly_seq_scheme.pdb_seq_num 
_pdbx_poly_seq_scheme.auth_seq_num 
_pdbx_poly_seq_scheme.pdb_mon_id 
_pdbx_poly_seq_scheme.auth_mon_id 
_pdbx_poly_seq_scheme.pdb_strand_id 
_pdbx_poly_seq_scheme.pdb_ins_code 
_pdbx_poly_seq_scheme.hetero 
A 1 1  GLY 1  86  ?   ?   ?   A . n 
A 1 2  ALA 2  87  ?   ?   ?   A . n 
A 1 3  MET 3  88  ?   ?   ?   A . n 
A 1 4  GLU 4  89  ?   ?   ?   A . n 
A 1 5  ASP 5  90  90  ASP GLY A . n 
A 1 6  MET 6  91  91  MET MET A . n 
A 1 7  GLU 7  92  92  GLU GLU A . n 
A 1 8  ILE 8  93  93  ILE ILE A . n 
A 1 9  ALA 9  94  94  ALA ALA A . n 
A 1 10 TYR 10 95  95  TYR TYR A . n 
A 1 11 PRO 11 96  96  PRO PRO A . n 
A 1 12 ILE 12 97  97  ILE ILE A . n 
A 1 13 THR 13 98  98  THR THR A . n 
A 1 14 CYS 14 99  99  CYS CYS A . n 
A 1 15 GLY 15 100 100 GLY GLY A . n 
A 1 16 GLU 16 101 101 GLU GLU A . n 
A 1 17 SER 17 102 102 SER SER A . n 
A 1 18 LYS 18 103 103 LYS LYS A . n 
A 1 19 ALA 19 104 104 ALA ALA A . n 
A 1 20 ILE 20 105 105 ILE ILE A . n 
A 1 21 LEU 21 106 106 LEU LEU A . n 
A 1 22 LEU 22 107 107 LEU LEU A . n 
A 1 23 TRP 23 108 108 TRP TRP A . n 
A 1 24 LYS 24 109 109 LYS LYS A . n 
A 1 25 LYS 25 110 110 LYS LYS A . n 
A 1 26 PHE 26 111 111 PHE PHE A . n 
A 1 27 VAL 27 112 112 VAL VAL A . n 
A 1 28 CYS 28 113 113 CYS CYS A . n 
A 1 29 PRO 29 114 114 PRO PRO A . n 
A 1 30 GLY 30 115 115 GLY GLY A . n 
A 1 31 ILE 31 116 116 ILE ILE A . n 
A 1 32 ASN 32 117 117 ASN ASN A . n 
A 1 33 VAL 33 118 118 VAL VAL A . n 
A 1 34 LYS 34 119 119 LYS LYS A . n 
A 1 35 CYS 35 120 120 CYS CYS A . n 
A 1 36 VAL 36 121 121 VAL VAL A . n 
A 1 37 LYS 37 122 122 LYS LYS A . n 
A 1 38 PHE 38 123 123 PHE PHE A . n 
A 1 39 ASN 39 124 124 ASN ASN A . n 
A 1 40 ASP 40 125 125 ASP ASP A . n 
A 1 41 GLN 41 126 126 GLN GLN A . n 
A 1 42 LEU 42 127 127 LEU LEU A . n 
A 1 43 ILE 43 128 128 ILE ILE A . n 
A 1 44 SER 44 129 129 SER SER A . n 
A 1 45 PRO 45 130 130 PRO PRO A . n 
A 1 46 LYS 46 131 131 LYS LYS A . n 
A 1 47 HIS 47 132 132 HIS HIS A . n 
A 1 48 PHE 48 133 133 PHE PHE A . n 
A 1 49 VAL 49 134 134 VAL VAL A . n 
A 1 50 HIS 50 135 135 HIS HIS A . n 
A 1 51 LEU 51 136 136 LEU LEU A . n 
A 1 52 ALA 52 137 137 ALA ALA A . n 
A 1 53 GLY 53 138 138 GLY GLY A . n 
A 1 54 LYS 54 139 139 LYS LYS A . n 
A 1 55 SER 55 140 140 SER SER A . n 
A 1 56 THR 56 141 141 THR THR A . n 
A 1 57 LEU 57 142 142 LEU LEU A . n 
A 1 58 LYS 58 143 143 LYS LYS A . n 
A 1 59 ASP 59 144 144 ASP ASP A . n 
A 1 60 TRP 60 145 145 TRP TRP A . n 
A 1 61 LYS 61 146 146 LYS LYS A . n 
A 1 62 ARG 62 147 147 ARG ARG A . n 
A 1 63 ALA 63 148 148 ALA ALA A . n 
A 1 64 ILE 64 149 149 ILE ILE A . n 
A 1 65 ARG 65 150 150 ARG ARG A . n 
A 1 66 LEU 66 151 151 LEU LEU A . n 
A 1 67 GLY 67 152 152 GLY GLY A . n 
A 1 68 GLY 68 153 153 GLY GLY A . n 
A 1 69 ILE 69 154 154 ILE ILE A . n 
A 1 70 MET 70 155 155 MET MET A . n 
A 1 71 LEU 71 156 156 LEU LEU A . n 
A 1 72 ARG 72 157 157 ARG ARG A . n 
A 1 73 LYS 73 158 158 LYS LYS A . n 
A 1 74 MET 74 159 159 MET MET A . n 
A 1 75 MET 75 160 160 MET MET A . n 
A 1 76 ASP 76 161 161 ASP ASP A . n 
A 1 77 SER 77 162 162 SER SER A . n 
A 1 78 GLY 78 163 163 GLY GLY A . n 
A 1 79 GLN 79 164 164 GLN GLN A . n 
A 1 80 ILE 80 165 165 ILE ILE A . n 
A 1 81 ASP 81 166 166 ASP ASP A . n 
A 1 82 PHE 82 167 167 PHE PHE A . n 
A 1 83 TYR 83 168 168 TYR TYR A . n 
A 1 84 GLN 84 169 169 GLN GLN A . n 
A 1 85 HIS 85 170 170 HIS HIS A . n 
A 1 86 ASP 86 171 171 ASP ASP A . n 
A 1 87 LYS 87 172 172 LYS LYS A . n 
A 1 88 VAL 88 173 173 VAL VAL A . n 
A 1 89 CYS 89 174 174 CYS CYS A . n 
A 1 90 SER 90 175 175 SER SER A . n 
A 1 91 ASN 91 176 176 ASN ASN A . n 
A 1 92 THR 92 177 177 THR THR A . n 
A 1 93 CYS 93 178 178 CYS CYS A . n 
A 1 94 ARG 94 179 179 ARG ALA A . n 
A 1 95 SER 95 180 ?   ?   ?   A . n 
A 1 96 THR 96 181 ?   ?   ?   A . n 
A 1 97 LYS 97 182 ?   ?   ?   A . n 
B 1 1  GLY 1  86  ?   ?   ?   B . n 
B 1 2  ALA 2  87  ?   ?   ?   B . n 
B 1 3  MET 3  88  ?   ?   ?   B . n 
B 1 4  GLU 4  89  ?   ?   ?   B . n 
B 1 5  ASP 5  90  90  ASP GLY B . n 
B 1 6  MET 6  91  91  MET MET B . n 
B 1 7  GLU 7  92  92  GLU GLU B . n 
B 1 8  ILE 8  93  93  ILE ILE B . n 
B 1 9  ALA 9  94  94  ALA ALA B . n 
B 1 10 TYR 10 95  95  TYR TYR B . n 
B 1 11 PRO 11 96  96  PRO PRO B . n 
B 1 12 ILE 12 97  97  ILE ILE B . n 
B 1 13 THR 13 98  98  THR THR B . n 
B 1 14 CYS 14 99  99  CYS CYS B . n 
B 1 15 GLY 15 100 100 GLY GLY B . n 
B 1 16 GLU 16 101 101 GLU GLU B . n 
B 1 17 SER 17 102 102 SER SER B . n 
B 1 18 LYS 18 103 103 LYS LYS B . n 
B 1 19 ALA 19 104 104 ALA ALA B . n 
B 1 20 ILE 20 105 105 ILE ILE B . n 
B 1 21 LEU 21 106 106 LEU LEU B . n 
B 1 22 LEU 22 107 107 LEU LEU B . n 
B 1 23 TRP 23 108 108 TRP TRP B . n 
B 1 24 LYS 24 109 109 LYS LYS B . n 
B 1 25 LYS 25 110 110 LYS LYS B . n 
B 1 26 PHE 26 111 111 PHE PHE B . n 
B 1 27 VAL 27 112 112 VAL VAL B . n 
B 1 28 CYS 28 113 113 CYS CYS B . n 
B 1 29 PRO 29 114 114 PRO PRO B . n 
B 1 30 GLY 30 115 115 GLY GLY B . n 
B 1 31 ILE 31 116 116 ILE ILE B . n 
B 1 32 ASN 32 117 117 ASN ASN B . n 
B 1 33 VAL 33 118 118 VAL VAL B . n 
B 1 34 LYS 34 119 119 LYS LYS B . n 
B 1 35 CYS 35 120 120 CYS CYS B . n 
B 1 36 VAL 36 121 121 VAL VAL B . n 
B 1 37 LYS 37 122 122 LYS LYS B . n 
B 1 38 PHE 38 123 123 PHE PHE B . n 
B 1 39 ASN 39 124 124 ASN ASN B . n 
B 1 40 ASP 40 125 125 ASP ASP B . n 
B 1 41 GLN 41 126 126 GLN GLN B . n 
B 1 42 LEU 42 127 127 LEU LEU B . n 
B 1 43 ILE 43 128 128 ILE ILE B . n 
B 1 44 SER 44 129 129 SER SER B . n 
B 1 45 PRO 45 130 130 PRO PRO B . n 
B 1 46 LYS 46 131 131 LYS LYS B . n 
B 1 47 HIS 47 132 132 HIS HIS B . n 
B 1 48 PHE 48 133 133 PHE PHE B . n 
B 1 49 VAL 49 134 134 VAL VAL B . n 
B 1 50 HIS 50 135 135 HIS HIS B . n 
B 1 51 LEU 51 136 136 LEU LEU B . n 
B 1 52 ALA 52 137 137 ALA ALA B . n 
B 1 53 GLY 53 138 138 GLY GLY B . n 
B 1 54 LYS 54 139 139 LYS GLY B . n 
B 1 55 SER 55 140 140 SER SER B . n 
B 1 56 THR 56 141 141 THR THR B . n 
B 1 57 LEU 57 142 142 LEU LEU B . n 
B 1 58 LYS 58 143 143 LYS LYS B . n 
B 1 59 ASP 59 144 144 ASP ASP B . n 
B 1 60 TRP 60 145 145 TRP TRP B . n 
B 1 61 LYS 61 146 146 LYS LYS B . n 
B 1 62 ARG 62 147 147 ARG ARG B . n 
B 1 63 ALA 63 148 148 ALA ALA B . n 
B 1 64 ILE 64 149 149 ILE ILE B . n 
B 1 65 ARG 65 150 150 ARG ARG B . n 
B 1 66 LEU 66 151 151 LEU LEU B . n 
B 1 67 GLY 67 152 152 GLY GLY B . n 
B 1 68 GLY 68 153 153 GLY GLY B . n 
B 1 69 ILE 69 154 154 ILE ILE B . n 
B 1 70 MET 70 155 155 MET MET B . n 
B 1 71 LEU 71 156 156 LEU LEU B . n 
B 1 72 ARG 72 157 157 ARG ARG B . n 
B 1 73 LYS 73 158 158 LYS LYS B . n 
B 1 74 MET 74 159 159 MET MET B . n 
B 1 75 MET 75 160 160 MET MET B . n 
B 1 76 ASP 76 161 161 ASP ASP B . n 
B 1 77 SER 77 162 162 SER SER B . n 
B 1 78 GLY 78 163 163 GLY GLY B . n 
B 1 79 GLN 79 164 164 GLN GLN B . n 
B 1 80 ILE 80 165 165 ILE ILE B . n 
B 1 81 ASP 81 166 166 ASP ASP B . n 
B 1 82 PHE 82 167 167 PHE PHE B . n 
B 1 83 TYR 83 168 168 TYR TYR B . n 
B 1 84 GLN 84 169 169 GLN GLN B . n 
B 1 85 HIS 85 170 170 HIS HIS B . n 
B 1 86 ASP 86 171 171 ASP ASP B . n 
B 1 87 LYS 87 172 172 LYS LYS B . n 
B 1 88 VAL 88 173 173 VAL VAL B . n 
B 1 89 CYS 89 174 174 CYS CYS B . n 
B 1 90 SER 90 175 175 SER SER B . n 
B 1 91 ASN 91 176 176 ASN ASN B . n 
B 1 92 THR 92 177 177 THR THR B . n 
B 1 93 CYS 93 178 178 CYS CYS B . n 
B 1 94 ARG 94 179 ?   ?   ?   B . n 
B 1 95 SER 95 180 ?   ?   ?   B . n 
B 1 96 THR 96 181 ?   ?   ?   B . n 
B 1 97 LYS 97 182 ?   ?   ?   B . n 
# 
loop_
_pdbx_nonpoly_scheme.asym_id 
_pdbx_nonpoly_scheme.entity_id 
_pdbx_nonpoly_scheme.mon_id 
_pdbx_nonpoly_scheme.ndb_seq_num 
_pdbx_nonpoly_scheme.pdb_seq_num 
_pdbx_nonpoly_scheme.auth_seq_num 
_pdbx_nonpoly_scheme.pdb_mon_id 
_pdbx_nonpoly_scheme.auth_mon_id 
_pdbx_nonpoly_scheme.pdb_strand_id 
_pdbx_nonpoly_scheme.pdb_ins_code 
C 2 ZN  1   183 180 ZN  ZN2 A . 
D 2 ZN  1   183 179 ZN  ZN2 B . 
E 3 HOH 1   184 1   HOH WAT A . 
E 3 HOH 2   185 2   HOH WAT A . 
E 3 HOH 3   186 3   HOH WAT A . 
E 3 HOH 4   187 4   HOH WAT A . 
E 3 HOH 5   188 8   HOH WAT A . 
E 3 HOH 6   189 9   HOH WAT A . 
E 3 HOH 7   190 10  HOH WAT A . 
E 3 HOH 8   191 12  HOH WAT A . 
E 3 HOH 9   192 13  HOH WAT A . 
E 3 HOH 10  193 14  HOH WAT A . 
E 3 HOH 11  194 15  HOH WAT A . 
E 3 HOH 12  195 16  HOH WAT A . 
E 3 HOH 13  196 18  HOH WAT A . 
E 3 HOH 14  197 19  HOH WAT A . 
E 3 HOH 15  198 20  HOH WAT A . 
E 3 HOH 16  199 21  HOH WAT A . 
E 3 HOH 17  200 23  HOH WAT A . 
E 3 HOH 18  201 24  HOH WAT A . 
E 3 HOH 19  202 26  HOH WAT A . 
E 3 HOH 20  203 27  HOH WAT A . 
E 3 HOH 21  204 29  HOH WAT A . 
E 3 HOH 22  205 32  HOH WAT A . 
E 3 HOH 23  206 33  HOH WAT A . 
E 3 HOH 24  207 35  HOH WAT A . 
E 3 HOH 25  208 37  HOH WAT A . 
E 3 HOH 26  209 39  HOH WAT A . 
E 3 HOH 27  210 41  HOH WAT A . 
E 3 HOH 28  211 42  HOH WAT A . 
E 3 HOH 29  212 45  HOH WAT A . 
E 3 HOH 30  213 47  HOH WAT A . 
E 3 HOH 31  214 53  HOH WAT A . 
E 3 HOH 32  215 56  HOH WAT A . 
E 3 HOH 33  216 58  HOH WAT A . 
E 3 HOH 34  217 61  HOH WAT A . 
E 3 HOH 35  218 62  HOH WAT A . 
E 3 HOH 36  219 65  HOH WAT A . 
E 3 HOH 37  220 68  HOH WAT A . 
E 3 HOH 38  221 71  HOH WAT A . 
E 3 HOH 39  222 72  HOH WAT A . 
E 3 HOH 40  223 74  HOH WAT A . 
E 3 HOH 41  224 78  HOH WAT A . 
E 3 HOH 42  225 81  HOH WAT A . 
E 3 HOH 43  226 83  HOH WAT A . 
E 3 HOH 44  227 84  HOH WAT A . 
E 3 HOH 45  228 85  HOH WAT A . 
E 3 HOH 46  229 87  HOH WAT A . 
E 3 HOH 47  230 88  HOH WAT A . 
E 3 HOH 48  231 89  HOH WAT A . 
E 3 HOH 49  232 91  HOH WAT A . 
E 3 HOH 50  233 94  HOH WAT A . 
E 3 HOH 51  234 96  HOH WAT A . 
E 3 HOH 52  235 98  HOH WAT A . 
E 3 HOH 53  236 99  HOH WAT A . 
E 3 HOH 54  237 102 HOH WAT A . 
E 3 HOH 55  238 104 HOH WAT A . 
E 3 HOH 56  239 110 HOH WAT A . 
E 3 HOH 57  240 115 HOH WAT A . 
E 3 HOH 58  241 117 HOH WAT A . 
E 3 HOH 59  242 118 HOH WAT A . 
E 3 HOH 60  243 122 HOH WAT A . 
E 3 HOH 61  244 123 HOH WAT A . 
E 3 HOH 62  245 124 HOH WAT A . 
E 3 HOH 63  246 127 HOH WAT A . 
E 3 HOH 64  247 128 HOH WAT A . 
E 3 HOH 65  248 129 HOH WAT A . 
E 3 HOH 66  249 132 HOH WAT A . 
E 3 HOH 67  250 133 HOH WAT A . 
E 3 HOH 68  251 134 HOH WAT A . 
E 3 HOH 69  252 135 HOH WAT A . 
E 3 HOH 70  253 136 HOH WAT A . 
E 3 HOH 71  254 138 HOH WAT A . 
E 3 HOH 72  255 139 HOH WAT A . 
E 3 HOH 73  256 140 HOH WAT A . 
E 3 HOH 74  257 144 HOH WAT A . 
E 3 HOH 75  258 145 HOH WAT A . 
E 3 HOH 76  259 147 HOH WAT A . 
E 3 HOH 77  260 149 HOH WAT A . 
E 3 HOH 78  261 150 HOH WAT A . 
E 3 HOH 79  262 152 HOH WAT A . 
E 3 HOH 80  263 153 HOH WAT A . 
E 3 HOH 81  264 154 HOH WAT A . 
E 3 HOH 82  265 156 HOH WAT A . 
E 3 HOH 83  266 157 HOH WAT A . 
E 3 HOH 84  267 159 HOH WAT A . 
E 3 HOH 85  268 160 HOH WAT A . 
E 3 HOH 86  269 162 HOH WAT A . 
E 3 HOH 87  270 163 HOH WAT A . 
E 3 HOH 88  271 164 HOH WAT A . 
E 3 HOH 89  272 167 HOH WAT A . 
E 3 HOH 90  273 168 HOH WAT A . 
E 3 HOH 91  274 169 HOH WAT A . 
E 3 HOH 92  275 170 HOH WAT A . 
E 3 HOH 93  276 171 HOH WAT A . 
E 3 HOH 94  277 172 HOH WAT A . 
E 3 HOH 95  278 174 HOH WAT A . 
E 3 HOH 96  279 176 HOH WAT A . 
E 3 HOH 97  280 179 HOH WAT A . 
E 3 HOH 98  281 184 HOH WAT A . 
E 3 HOH 99  282 189 HOH WAT A . 
E 3 HOH 100 283 193 HOH WAT A . 
E 3 HOH 101 284 194 HOH WAT A . 
E 3 HOH 102 285 195 HOH WAT A . 
E 3 HOH 103 286 196 HOH WAT A . 
E 3 HOH 104 287 197 HOH WAT A . 
E 3 HOH 105 288 199 HOH WAT A . 
E 3 HOH 106 289 202 HOH WAT A . 
E 3 HOH 107 290 203 HOH WAT A . 
E 3 HOH 108 291 204 HOH WAT A . 
E 3 HOH 109 292 205 HOH WAT A . 
E 3 HOH 110 293 208 HOH WAT A . 
E 3 HOH 111 294 213 HOH WAT A . 
E 3 HOH 112 295 215 HOH WAT A . 
F 3 HOH 1   184 5   HOH WAT B . 
F 3 HOH 2   185 6   HOH WAT B . 
F 3 HOH 3   186 7   HOH WAT B . 
F 3 HOH 4   187 11  HOH WAT B . 
F 3 HOH 5   188 17  HOH WAT B . 
F 3 HOH 6   189 22  HOH WAT B . 
F 3 HOH 7   190 25  HOH WAT B . 
F 3 HOH 8   191 28  HOH WAT B . 
F 3 HOH 9   192 30  HOH WAT B . 
F 3 HOH 10  193 31  HOH WAT B . 
F 3 HOH 11  194 34  HOH WAT B . 
F 3 HOH 12  195 36  HOH WAT B . 
F 3 HOH 13  196 38  HOH WAT B . 
F 3 HOH 14  197 40  HOH WAT B . 
F 3 HOH 15  198 43  HOH WAT B . 
F 3 HOH 16  199 44  HOH WAT B . 
F 3 HOH 17  200 46  HOH WAT B . 
F 3 HOH 18  201 48  HOH WAT B . 
F 3 HOH 19  202 49  HOH WAT B . 
F 3 HOH 20  203 50  HOH WAT B . 
F 3 HOH 21  204 51  HOH WAT B . 
F 3 HOH 22  205 52  HOH WAT B . 
F 3 HOH 23  206 54  HOH WAT B . 
F 3 HOH 24  207 55  HOH WAT B . 
F 3 HOH 25  208 57  HOH WAT B . 
F 3 HOH 26  209 59  HOH WAT B . 
F 3 HOH 27  210 60  HOH WAT B . 
F 3 HOH 28  211 63  HOH WAT B . 
F 3 HOH 29  212 64  HOH WAT B . 
F 3 HOH 30  213 66  HOH WAT B . 
F 3 HOH 31  214 67  HOH WAT B . 
F 3 HOH 32  215 69  HOH WAT B . 
F 3 HOH 33  216 70  HOH WAT B . 
F 3 HOH 34  217 73  HOH WAT B . 
F 3 HOH 35  218 75  HOH WAT B . 
F 3 HOH 36  219 76  HOH WAT B . 
F 3 HOH 37  220 77  HOH WAT B . 
F 3 HOH 38  221 79  HOH WAT B . 
F 3 HOH 39  222 80  HOH WAT B . 
F 3 HOH 40  223 82  HOH WAT B . 
F 3 HOH 41  224 86  HOH WAT B . 
F 3 HOH 42  225 90  HOH WAT B . 
F 3 HOH 43  226 92  HOH WAT B . 
F 3 HOH 44  227 93  HOH WAT B . 
F 3 HOH 45  228 95  HOH WAT B . 
F 3 HOH 46  229 97  HOH WAT B . 
F 3 HOH 47  230 100 HOH WAT B . 
F 3 HOH 48  231 101 HOH WAT B . 
F 3 HOH 49  232 103 HOH WAT B . 
F 3 HOH 50  233 106 HOH WAT B . 
F 3 HOH 51  234 107 HOH WAT B . 
F 3 HOH 52  235 108 HOH WAT B . 
F 3 HOH 53  236 109 HOH WAT B . 
F 3 HOH 54  237 111 HOH WAT B . 
F 3 HOH 55  238 112 HOH WAT B . 
F 3 HOH 56  239 113 HOH WAT B . 
F 3 HOH 57  240 114 HOH WAT B . 
F 3 HOH 58  241 116 HOH WAT B . 
F 3 HOH 59  242 119 HOH WAT B . 
F 3 HOH 60  243 120 HOH WAT B . 
F 3 HOH 61  244 121 HOH WAT B . 
F 3 HOH 62  245 125 HOH WAT B . 
F 3 HOH 63  246 126 HOH WAT B . 
F 3 HOH 64  247 130 HOH WAT B . 
F 3 HOH 65  248 131 HOH WAT B . 
F 3 HOH 66  249 137 HOH WAT B . 
F 3 HOH 67  250 141 HOH WAT B . 
F 3 HOH 68  251 142 HOH WAT B . 
F 3 HOH 69  252 143 HOH WAT B . 
F 3 HOH 70  253 146 HOH WAT B . 
F 3 HOH 71  254 148 HOH WAT B . 
F 3 HOH 72  255 151 HOH WAT B . 
F 3 HOH 73  256 155 HOH WAT B . 
F 3 HOH 74  257 158 HOH WAT B . 
F 3 HOH 75  258 161 HOH WAT B . 
F 3 HOH 76  259 165 HOH WAT B . 
F 3 HOH 77  260 166 HOH WAT B . 
F 3 HOH 78  261 173 HOH WAT B . 
F 3 HOH 79  262 175 HOH WAT B . 
F 3 HOH 80  263 177 HOH WAT B . 
F 3 HOH 81  264 178 HOH WAT B . 
F 3 HOH 82  265 180 HOH WAT B . 
F 3 HOH 83  266 181 HOH WAT B . 
F 3 HOH 84  267 182 HOH WAT B . 
F 3 HOH 85  268 183 HOH WAT B . 
F 3 HOH 86  269 185 HOH WAT B . 
F 3 HOH 87  270 186 HOH WAT B . 
F 3 HOH 88  271 187 HOH WAT B . 
F 3 HOH 89  272 188 HOH WAT B . 
F 3 HOH 90  273 190 HOH WAT B . 
F 3 HOH 91  274 191 HOH WAT B . 
F 3 HOH 92  275 192 HOH WAT B . 
F 3 HOH 93  276 198 HOH WAT B . 
F 3 HOH 94  277 200 HOH WAT B . 
F 3 HOH 95  278 201 HOH WAT B . 
F 3 HOH 96  279 206 HOH WAT B . 
F 3 HOH 97  280 207 HOH WAT B . 
F 3 HOH 98  281 209 HOH WAT B . 
F 3 HOH 99  282 210 HOH WAT B . 
F 3 HOH 100 283 211 HOH WAT B . 
F 3 HOH 101 284 212 HOH WAT B . 
F 3 HOH 102 285 214 HOH WAT B . 
F 3 HOH 103 286 216 HOH WAT B . 
# 
loop_
_pdbx_unobs_or_zero_occ_atoms.id 
_pdbx_unobs_or_zero_occ_atoms.PDB_model_num 
_pdbx_unobs_or_zero_occ_atoms.polymer_flag 
_pdbx_unobs_or_zero_occ_atoms.occupancy_flag 
_pdbx_unobs_or_zero_occ_atoms.auth_asym_id 
_pdbx_unobs_or_zero_occ_atoms.auth_comp_id 
_pdbx_unobs_or_zero_occ_atoms.auth_seq_id 
_pdbx_unobs_or_zero_occ_atoms.PDB_ins_code 
_pdbx_unobs_or_zero_occ_atoms.auth_atom_id 
_pdbx_unobs_or_zero_occ_atoms.label_alt_id 
_pdbx_unobs_or_zero_occ_atoms.label_asym_id 
_pdbx_unobs_or_zero_occ_atoms.label_comp_id 
_pdbx_unobs_or_zero_occ_atoms.label_seq_id 
_pdbx_unobs_or_zero_occ_atoms.label_atom_id 
1  1 Y 1 A ASP 90  ? CB  ? A ASP 5  CB  
2  1 Y 1 A ASP 90  ? CG  ? A ASP 5  CG  
3  1 Y 1 A ASP 90  ? OD1 ? A ASP 5  OD1 
4  1 Y 1 A ASP 90  ? OD2 ? A ASP 5  OD2 
5  1 Y 1 A ARG 179 ? CG  ? A ARG 94 CG  
6  1 Y 1 A ARG 179 ? CD  ? A ARG 94 CD  
7  1 Y 1 A ARG 179 ? NE  ? A ARG 94 NE  
8  1 Y 1 A ARG 179 ? CZ  ? A ARG 94 CZ  
9  1 Y 1 A ARG 179 ? NH1 ? A ARG 94 NH1 
10 1 Y 1 A ARG 179 ? NH2 ? A ARG 94 NH2 
11 1 Y 1 B ASP 90  ? CB  ? B ASP 5  CB  
12 1 Y 1 B ASP 90  ? CG  ? B ASP 5  CG  
13 1 Y 1 B ASP 90  ? OD1 ? B ASP 5  OD1 
14 1 Y 1 B ASP 90  ? OD2 ? B ASP 5  OD2 
15 1 Y 1 B LYS 139 ? CB  ? B LYS 54 CB  
16 1 Y 1 B LYS 139 ? CG  ? B LYS 54 CG  
17 1 Y 1 B LYS 139 ? CD  ? B LYS 54 CD  
18 1 Y 1 B LYS 139 ? CE  ? B LYS 54 CE  
19 1 Y 1 B LYS 139 ? NZ  ? B LYS 54 NZ  
# 
loop_
_software.name 
_software.classification 
_software.version 
_software.citation_id 
_software.pdbx_ordinal 
CNS   refinement        1.1 ? 1 
ProDC 'data collection' .   ? 2 
XDS   'data scaling'    .   ? 3 
CNS   phasing           .   ? 4 
# 
_cell.entry_id           1OQJ 
_cell.length_a           40.946 
_cell.length_b           49.077 
_cell.length_c           88.903 
_cell.angle_alpha        90.00 
_cell.angle_beta         90.00 
_cell.angle_gamma        90.00 
_cell.Z_PDB              8 
_cell.pdbx_unique_axis   ? 
# 
_symmetry.entry_id                         1OQJ 
_symmetry.space_group_name_H-M             'P 21 21 21' 
_symmetry.pdbx_full_space_group_name_H-M   ? 
_symmetry.cell_setting                     ? 
_symmetry.Int_Tables_number                19 
# 
_exptl.entry_id          1OQJ 
_exptl.method            'X-RAY DIFFRACTION' 
_exptl.crystals_number   1 
# 
_exptl_crystal.id                    1 
_exptl_crystal.density_meas          ? 
_exptl_crystal.density_Matthews      1.96 
_exptl_crystal.density_percent_sol   36.86 
_exptl_crystal.description           ? 
# 
_exptl_crystal_grow.crystal_id      1 
_exptl_crystal_grow.method          'VAPOR DIFFUSION, HANGING DROP' 
_exptl_crystal_grow.temp            296.0 
_exptl_crystal_grow.temp_details    ? 
_exptl_crystal_grow.pH              7.5 
_exptl_crystal_grow.pdbx_details    '100 mM Hepes, 1.4 M sodium citrate, pH 7.5, VAPOR DIFFUSION, HANGING DROP, temperature 296.0K' 
_exptl_crystal_grow.pdbx_pH_range   . 
# 
_diffrn.id                     1 
_diffrn.ambient_temp           100 
_diffrn.ambient_temp_details   ? 
_diffrn.crystal_id             1 
# 
_diffrn_detector.diffrn_id              1 
_diffrn_detector.detector               CCD 
_diffrn_detector.type                   MARRESEARCH 
_diffrn_detector.pdbx_collection_date   2000-05-13 
_diffrn_detector.details                mirrors 
# 
_diffrn_radiation.diffrn_id                        1 
_diffrn_radiation.wavelength_id                    1 
_diffrn_radiation.pdbx_monochromatic_or_laue_m_l   M 
_diffrn_radiation.monochromator                    'Si(111)' 
_diffrn_radiation.pdbx_diffrn_protocol             'SINGLE WAVELENGTH' 
_diffrn_radiation.pdbx_scattering_type             x-ray 
# 
_diffrn_radiation_wavelength.id           1 
_diffrn_radiation_wavelength.wavelength   0.9185 
_diffrn_radiation_wavelength.wt           1.0 
# 
_diffrn_source.diffrn_id                   1 
_diffrn_source.source                      SYNCHROTRON 
_diffrn_source.type                        'ESRF BEAMLINE BM14' 
_diffrn_source.pdbx_synchrotron_site       ESRF 
_diffrn_source.pdbx_synchrotron_beamline   BM14 
_diffrn_source.pdbx_wavelength             ? 
_diffrn_source.pdbx_wavelength_list        0.9185 
# 
_reflns.entry_id                     1OQJ 
_reflns.observed_criterion_sigma_I   0 
_reflns.observed_criterion_sigma_F   ? 
_reflns.d_resolution_low             44.45 
_reflns.d_resolution_high            1.55 
_reflns.number_obs                   26235 
_reflns.number_all                   ? 
_reflns.percent_possible_obs         98.8 
_reflns.pdbx_Rmerge_I_obs            ? 
_reflns.pdbx_Rsym_value              0.047 
_reflns.pdbx_netI_over_sigmaI        29.22 
_reflns.B_iso_Wilson_estimate        16.7 
_reflns.pdbx_redundancy              6.87 
_reflns.R_free_details               ? 
_reflns.limit_h_max                  ? 
_reflns.limit_h_min                  ? 
_reflns.limit_k_max                  ? 
_reflns.limit_k_min                  ? 
_reflns.limit_l_max                  ? 
_reflns.limit_l_min                  ? 
_reflns.observed_criterion_F_max     ? 
_reflns.observed_criterion_F_min     ? 
_reflns.pdbx_diffrn_id               1 
_reflns.pdbx_ordinal                 1 
# 
_reflns_shell.d_res_high             1.55 
_reflns_shell.d_res_low              1.6 
_reflns_shell.percent_possible_all   88.6 
_reflns_shell.Rmerge_I_obs           ? 
_reflns_shell.pdbx_Rsym_value        0.108 
_reflns_shell.meanI_over_sigI_obs    7.15 
_reflns_shell.pdbx_redundancy        2.79 
_reflns_shell.percent_possible_obs   ? 
_reflns_shell.number_unique_all      2085 
_reflns_shell.pdbx_diffrn_id         ? 
_reflns_shell.pdbx_ordinal           1 
# 
_refine.entry_id                                 1OQJ 
_refine.ls_number_reflns_obs                     26235 
_refine.ls_number_reflns_all                     26739 
_refine.pdbx_ls_sigma_I                          0.0 
_refine.pdbx_ls_sigma_F                          0.0 
_refine.pdbx_data_cutoff_high_absF               2224707.71 
_refine.pdbx_data_cutoff_low_absF                0 
_refine.pdbx_data_cutoff_high_rms_absF           2224707.71 
_refine.ls_d_res_low                             44.45 
_refine.ls_d_res_high                            1.55 
_refine.ls_percent_reflns_obs                    98.4 
_refine.ls_R_factor_obs                          0.194 
_refine.ls_R_factor_all                          0.234 
_refine.ls_R_factor_R_work                       0.194 
_refine.ls_R_factor_R_free                       0.21 
_refine.ls_R_factor_R_free_error                 0.004 
_refine.ls_R_factor_R_free_error_details         ? 
_refine.ls_percent_reflns_R_free                 10.0 
_refine.ls_number_reflns_R_free                  2624 
_refine.ls_number_parameters                     ? 
_refine.ls_number_restraints                     ? 
_refine.occupancy_min                            ? 
_refine.occupancy_max                            ? 
_refine.correlation_coeff_Fo_to_Fc               ? 
_refine.correlation_coeff_Fo_to_Fc_free          ? 
_refine.B_iso_mean                               16.8 
_refine.aniso_B[1][1]                            4.02 
_refine.aniso_B[2][2]                            -1.82 
_refine.aniso_B[3][3]                            -2.20 
_refine.aniso_B[1][2]                            0.00 
_refine.aniso_B[1][3]                            0.00 
_refine.aniso_B[2][3]                            0.00 
_refine.solvent_model_details                    'FLAT MODEL' 
_refine.solvent_model_param_ksol                 0.385166 
_refine.solvent_model_param_bsol                 40.2031 
_refine.pdbx_solvent_vdw_probe_radii             ? 
_refine.pdbx_solvent_ion_probe_radii             ? 
_refine.pdbx_solvent_shrinkage_radii             ? 
_refine.pdbx_ls_cross_valid_method               THROUGHOUT 
_refine.details                                  ? 
_refine.pdbx_starting_model                      ? 
_refine.pdbx_method_to_determine_struct          MAD 
_refine.pdbx_isotropic_thermal_model             RESTRAINED 
_refine.pdbx_stereochemistry_target_values       ? 
_refine.pdbx_stereochem_target_val_spec_case     ? 
_refine.pdbx_R_Free_selection_details            RANDOM 
_refine.pdbx_overall_ESU_R                       ? 
_refine.pdbx_overall_ESU_R_Free                  ? 
_refine.overall_SU_ML                            ? 
_refine.overall_SU_B                             ? 
_refine.ls_redundancy_reflns_obs                 ? 
_refine.B_iso_min                                ? 
_refine.B_iso_max                                ? 
_refine.overall_SU_R_Cruickshank_DPI             ? 
_refine.overall_SU_R_free                        ? 
_refine.pdbx_refine_id                           'X-RAY DIFFRACTION' 
_refine.pdbx_diffrn_id                           1 
_refine.pdbx_TLS_residual_ADP_flag               ? 
_refine.pdbx_overall_phase_error                 ? 
_refine.pdbx_overall_SU_R_free_Cruickshank_DPI   ? 
_refine.pdbx_overall_SU_R_Blow_DPI               ? 
_refine.pdbx_overall_SU_R_free_Blow_DPI          ? 
# 
_refine_analyze.entry_id                        1OQJ 
_refine_analyze.Luzzati_coordinate_error_obs    0.17 
_refine_analyze.Luzzati_sigma_a_obs             0.03 
_refine_analyze.Luzzati_d_res_low_obs           5.0 
_refine_analyze.Luzzati_coordinate_error_free   0.19 
_refine_analyze.Luzzati_sigma_a_free            0.05 
_refine_analyze.Luzzati_d_res_low_free          ? 
_refine_analyze.number_disordered_residues      ? 
_refine_analyze.occupancy_sum_hydrogen          ? 
_refine_analyze.occupancy_sum_non_hydrogen      ? 
_refine_analyze.pdbx_Luzzati_d_res_high_obs     ? 
_refine_analyze.pdbx_refine_id                  'X-RAY DIFFRACTION' 
# 
_refine_hist.pdbx_refine_id                   'X-RAY DIFFRACTION' 
_refine_hist.cycle_id                         LAST 
_refine_hist.pdbx_number_atoms_protein        1408 
_refine_hist.pdbx_number_atoms_nucleic_acid   0 
_refine_hist.pdbx_number_atoms_ligand         2 
_refine_hist.number_atoms_solvent             215 
_refine_hist.number_atoms_total               1625 
_refine_hist.d_res_high                       1.55 
_refine_hist.d_res_low                        44.45 
# 
loop_
_refine_ls_restr.type 
_refine_ls_restr.dev_ideal 
_refine_ls_restr.dev_ideal_target 
_refine_ls_restr.weight 
_refine_ls_restr.number 
_refine_ls_restr.pdbx_refine_id 
_refine_ls_restr.pdbx_restraint_function 
c_bond_d           0.004 ? ? ? 'X-RAY DIFFRACTION' ? 
c_angle_deg        1.2   ? ? ? 'X-RAY DIFFRACTION' ? 
c_dihedral_angle_d 23.0  ? ? ? 'X-RAY DIFFRACTION' ? 
c_improper_angle_d 0.80  ? ? ? 'X-RAY DIFFRACTION' ? 
# 
_refine_ls_shell.pdbx_total_number_of_bins_used   6 
_refine_ls_shell.d_res_high                       1.55 
_refine_ls_shell.d_res_low                        1.65 
_refine_ls_shell.number_reflns_R_work             3537 
_refine_ls_shell.R_factor_R_work                  0.206 
_refine_ls_shell.percent_reflns_obs               89.7 
_refine_ls_shell.R_factor_R_free                  0.222 
_refine_ls_shell.R_factor_R_free_error            0.011 
_refine_ls_shell.percent_reflns_R_free            10.0 
_refine_ls_shell.number_reflns_R_free             391 
_refine_ls_shell.number_reflns_obs                26235 
_refine_ls_shell.redundancy_reflns_obs            ? 
_refine_ls_shell.number_reflns_all                ? 
_refine_ls_shell.pdbx_refine_id                   'X-RAY DIFFRACTION' 
_refine_ls_shell.R_factor_all                     ? 
# 
loop_
_pdbx_xplor_file.serial_no 
_pdbx_xplor_file.param_file 
_pdbx_xplor_file.topol_file 
_pdbx_xplor_file.pdbx_refine_id 
1 PROTEIN_REP.PARAM PROTEIN.TOP 'X-RAY DIFFRACTION' 
2 DNA-RNA_REP.PARAM DNA-RNA.TOP 'X-RAY DIFFRACTION' 
3 WATER_REP.PARAM   WATER.TOP   'X-RAY DIFFRACTION' 
4 ION.PARAM         ION.TOP     'X-RAY DIFFRACTION' 
# 
_struct.entry_id                  1OQJ 
_struct.title                     
'Crystal structure of the SAND domain from glucocorticoid modulatory element binding protein-1 (GMEB1)' 
_struct.pdbx_model_details        ? 
_struct.pdbx_CASP_flag            ? 
_struct.pdbx_model_type_details   ? 
# 
_struct_keywords.entry_id        1OQJ 
_struct_keywords.pdbx_keywords   'DNA BINDING PROTEIN' 
_struct_keywords.text            'sand domain, alpha-beta fold, KDWK motif, zinc-binding motif, DNA BINDING PROTEIN' 
# 
loop_
_struct_asym.id 
_struct_asym.pdbx_blank_PDB_chainid_flag 
_struct_asym.pdbx_modified 
_struct_asym.entity_id 
_struct_asym.details 
A N N 1 ? 
B N N 1 ? 
C N N 2 ? 
D N N 2 ? 
E N N 3 ? 
F N N 3 ? 
# 
_struct_ref.id                         1 
_struct_ref.db_name                    UNP 
_struct_ref.db_code                    GMEB1_HUMAN 
_struct_ref.entity_id                  1 
_struct_ref.pdbx_seq_one_letter_code   
;EDMEIAYPITCGESKAILLWKKFVCPGINVKCVKFNDQLISPKHFVHLAGKSTLKDWKRAIRLGGIMLRKMMDSGQIDFY
QHDKVCSNTCRSTK
;
_struct_ref.pdbx_align_begin           89 
_struct_ref.pdbx_db_accession          Q9Y692 
_struct_ref.pdbx_db_isoform            ? 
# 
loop_
_struct_ref_seq.align_id 
_struct_ref_seq.ref_id 
_struct_ref_seq.pdbx_PDB_id_code 
_struct_ref_seq.pdbx_strand_id 
_struct_ref_seq.seq_align_beg 
_struct_ref_seq.pdbx_seq_align_beg_ins_code 
_struct_ref_seq.seq_align_end 
_struct_ref_seq.pdbx_seq_align_end_ins_code 
_struct_ref_seq.pdbx_db_accession 
_struct_ref_seq.db_align_beg 
_struct_ref_seq.pdbx_db_align_beg_ins_code 
_struct_ref_seq.db_align_end 
_struct_ref_seq.pdbx_db_align_end_ins_code 
_struct_ref_seq.pdbx_auth_seq_align_beg 
_struct_ref_seq.pdbx_auth_seq_align_end 
1 1 1OQJ A 4 ? 97 ? Q9Y692 89 ? 182 ? 89 182 
2 1 1OQJ B 4 ? 97 ? Q9Y692 89 ? 182 ? 89 182 
# 
loop_
_struct_ref_seq_dif.align_id 
_struct_ref_seq_dif.pdbx_pdb_id_code 
_struct_ref_seq_dif.mon_id 
_struct_ref_seq_dif.pdbx_pdb_strand_id 
_struct_ref_seq_dif.seq_num 
_struct_ref_seq_dif.pdbx_pdb_ins_code 
_struct_ref_seq_dif.pdbx_seq_db_name 
_struct_ref_seq_dif.pdbx_seq_db_accession_code 
_struct_ref_seq_dif.db_mon_id 
_struct_ref_seq_dif.pdbx_seq_db_seq_num 
_struct_ref_seq_dif.details 
_struct_ref_seq_dif.pdbx_auth_seq_num 
_struct_ref_seq_dif.pdbx_ordinal 
1 1OQJ GLY A 1 ? UNP Q9Y692 ? ? 'expression tag' 86 1 
1 1OQJ ALA A 2 ? UNP Q9Y692 ? ? 'expression tag' 87 2 
1 1OQJ MET A 3 ? UNP Q9Y692 ? ? 'expression tag' 88 3 
2 1OQJ GLY B 1 ? UNP Q9Y692 ? ? 'expression tag' 86 4 
2 1OQJ ALA B 2 ? UNP Q9Y692 ? ? 'expression tag' 87 5 
2 1OQJ MET B 3 ? UNP Q9Y692 ? ? 'expression tag' 88 6 
# 
loop_
_pdbx_struct_assembly.id 
_pdbx_struct_assembly.details 
_pdbx_struct_assembly.method_details 
_pdbx_struct_assembly.oligomeric_details 
_pdbx_struct_assembly.oligomeric_count 
1 author_defined_assembly ? monomeric 1 
2 author_defined_assembly ? monomeric 1 
# 
loop_
_pdbx_struct_assembly_gen.assembly_id 
_pdbx_struct_assembly_gen.oper_expression 
_pdbx_struct_assembly_gen.asym_id_list 
1 1 A,C,E 
2 1 B,D,F 
# 
_pdbx_struct_oper_list.id                   1 
_pdbx_struct_oper_list.type                 'identity operation' 
_pdbx_struct_oper_list.name                 1_555 
_pdbx_struct_oper_list.symmetry_operation   x,y,z 
_pdbx_struct_oper_list.matrix[1][1]         1.0000000000 
_pdbx_struct_oper_list.matrix[1][2]         0.0000000000 
_pdbx_struct_oper_list.matrix[1][3]         0.0000000000 
_pdbx_struct_oper_list.vector[1]            0.0000000000 
_pdbx_struct_oper_list.matrix[2][1]         0.0000000000 
_pdbx_struct_oper_list.matrix[2][2]         1.0000000000 
_pdbx_struct_oper_list.matrix[2][3]         0.0000000000 
_pdbx_struct_oper_list.vector[2]            0.0000000000 
_pdbx_struct_oper_list.matrix[3][1]         0.0000000000 
_pdbx_struct_oper_list.matrix[3][2]         0.0000000000 
_pdbx_struct_oper_list.matrix[3][3]         1.0000000000 
_pdbx_struct_oper_list.vector[3]            0.0000000000 
# 
loop_
_struct_biol.id 
_struct_biol.pdbx_parent_biol_id 
_struct_biol.details 
1 ? ? 
2 ? ? 
# 
loop_
_struct_conf.conf_type_id 
_struct_conf.id 
_struct_conf.pdbx_PDB_helix_id 
_struct_conf.beg_label_comp_id 
_struct_conf.beg_label_asym_id 
_struct_conf.beg_label_seq_id 
_struct_conf.pdbx_beg_PDB_ins_code 
_struct_conf.end_label_comp_id 
_struct_conf.end_label_asym_id 
_struct_conf.end_label_seq_id 
_struct_conf.pdbx_end_PDB_ins_code 
_struct_conf.beg_auth_comp_id 
_struct_conf.beg_auth_asym_id 
_struct_conf.beg_auth_seq_id 
_struct_conf.end_auth_comp_id 
_struct_conf.end_auth_asym_id 
_struct_conf.end_auth_seq_id 
_struct_conf.pdbx_PDB_helix_class 
_struct_conf.details 
_struct_conf.pdbx_PDB_helix_length 
HELX_P HELX_P1 1 LYS A 24 ? PHE A 26 ? LYS A 109 PHE A 111 5 ? 3  
HELX_P HELX_P2 2 SER A 44 ? ALA A 52 ? SER A 129 ALA A 137 1 ? 9  
HELX_P HELX_P3 3 LYS A 54 ? LYS A 58 ? LYS A 139 LYS A 143 5 ? 5  
HELX_P HELX_P4 4 ASP A 59 ? ILE A 64 ? ASP A 144 ILE A 149 1 ? 6  
HELX_P HELX_P5 5 LEU A 71 ? SER A 77 ? LEU A 156 SER A 162 1 ? 7  
HELX_P HELX_P6 6 LYS B 24 ? PHE B 26 ? LYS B 109 PHE B 111 5 ? 3  
HELX_P HELX_P7 7 SER B 44 ? LYS B 54 ? SER B 129 LYS B 139 1 ? 11 
HELX_P HELX_P8 8 ASP B 59 ? ILE B 64 ? ASP B 144 ILE B 149 1 ? 6  
HELX_P HELX_P9 9 LEU B 71 ? SER B 77 ? LEU B 156 SER B 162 1 ? 7  
# 
_struct_conf_type.id          HELX_P 
_struct_conf_type.criteria    ? 
_struct_conf_type.reference   ? 
# 
loop_
_struct_conn.id 
_struct_conn.conn_type_id 
_struct_conn.pdbx_leaving_atom_flag 
_struct_conn.pdbx_PDB_id 
_struct_conn.ptnr1_label_asym_id 
_struct_conn.ptnr1_label_comp_id 
_struct_conn.ptnr1_label_seq_id 
_struct_conn.ptnr1_label_atom_id 
_struct_conn.pdbx_ptnr1_label_alt_id 
_struct_conn.pdbx_ptnr1_PDB_ins_code 
_struct_conn.pdbx_ptnr1_standard_comp_id 
_struct_conn.ptnr1_symmetry 
_struct_conn.ptnr2_label_asym_id 
_struct_conn.ptnr2_label_comp_id 
_struct_conn.ptnr2_label_seq_id 
_struct_conn.ptnr2_label_atom_id 
_struct_conn.pdbx_ptnr2_label_alt_id 
_struct_conn.pdbx_ptnr2_PDB_ins_code 
_struct_conn.ptnr1_auth_asym_id 
_struct_conn.ptnr1_auth_comp_id 
_struct_conn.ptnr1_auth_seq_id 
_struct_conn.ptnr2_auth_asym_id 
_struct_conn.ptnr2_auth_comp_id 
_struct_conn.ptnr2_auth_seq_id 
_struct_conn.ptnr2_symmetry 
_struct_conn.pdbx_ptnr3_label_atom_id 
_struct_conn.pdbx_ptnr3_label_seq_id 
_struct_conn.pdbx_ptnr3_label_comp_id 
_struct_conn.pdbx_ptnr3_label_asym_id 
_struct_conn.pdbx_ptnr3_label_alt_id 
_struct_conn.pdbx_ptnr3_PDB_ins_code 
_struct_conn.details 
_struct_conn.pdbx_dist_value 
_struct_conn.pdbx_value_order 
_struct_conn.pdbx_role 
metalc1 metalc ? ? A CYS 28 SG  ? ? ? 1_555 C ZN . ZN ? ? A CYS 113 A ZN 183 1_555 ? ? ? ? ? ? ? 2.280 ? ? 
metalc2 metalc ? ? A HIS 85 NE2 ? ? ? 1_555 C ZN . ZN ? ? A HIS 170 A ZN 183 1_555 ? ? ? ? ? ? ? 2.096 ? ? 
metalc3 metalc ? ? A CYS 89 SG  ? ? ? 1_555 C ZN . ZN ? ? A CYS 174 A ZN 183 1_555 ? ? ? ? ? ? ? 2.372 ? ? 
metalc4 metalc ? ? A CYS 93 SG  ? ? ? 1_555 C ZN . ZN ? ? A CYS 178 A ZN 183 1_555 ? ? ? ? ? ? ? 2.362 ? ? 
metalc5 metalc ? ? B CYS 28 SG  ? ? ? 1_555 D ZN . ZN ? ? B CYS 113 B ZN 183 1_555 ? ? ? ? ? ? ? 2.302 ? ? 
metalc6 metalc ? ? B HIS 85 NE2 ? ? ? 1_555 D ZN . ZN ? ? B HIS 170 B ZN 183 1_555 ? ? ? ? ? ? ? 2.134 ? ? 
metalc7 metalc ? ? B CYS 89 SG  ? ? ? 1_555 D ZN . ZN ? ? B CYS 174 B ZN 183 1_555 ? ? ? ? ? ? ? 2.297 ? ? 
metalc8 metalc ? ? B CYS 93 SG  ? ? ? 1_555 D ZN . ZN ? ? B CYS 178 B ZN 183 1_555 ? ? ? ? ? ? ? 2.298 ? ? 
# 
_struct_conn_type.id          metalc 
_struct_conn_type.criteria    ? 
_struct_conn_type.reference   ? 
# 
loop_
_pdbx_struct_conn_angle.id 
_pdbx_struct_conn_angle.ptnr1_label_atom_id 
_pdbx_struct_conn_angle.ptnr1_label_alt_id 
_pdbx_struct_conn_angle.ptnr1_label_asym_id 
_pdbx_struct_conn_angle.ptnr1_label_comp_id 
_pdbx_struct_conn_angle.ptnr1_label_seq_id 
_pdbx_struct_conn_angle.ptnr1_auth_atom_id 
_pdbx_struct_conn_angle.ptnr1_auth_asym_id 
_pdbx_struct_conn_angle.ptnr1_auth_comp_id 
_pdbx_struct_conn_angle.ptnr1_auth_seq_id 
_pdbx_struct_conn_angle.ptnr1_PDB_ins_code 
_pdbx_struct_conn_angle.ptnr1_symmetry 
_pdbx_struct_conn_angle.ptnr2_label_atom_id 
_pdbx_struct_conn_angle.ptnr2_label_alt_id 
_pdbx_struct_conn_angle.ptnr2_label_asym_id 
_pdbx_struct_conn_angle.ptnr2_label_comp_id 
_pdbx_struct_conn_angle.ptnr2_label_seq_id 
_pdbx_struct_conn_angle.ptnr2_auth_atom_id 
_pdbx_struct_conn_angle.ptnr2_auth_asym_id 
_pdbx_struct_conn_angle.ptnr2_auth_comp_id 
_pdbx_struct_conn_angle.ptnr2_auth_seq_id 
_pdbx_struct_conn_angle.ptnr2_PDB_ins_code 
_pdbx_struct_conn_angle.ptnr2_symmetry 
_pdbx_struct_conn_angle.ptnr3_label_atom_id 
_pdbx_struct_conn_angle.ptnr3_label_alt_id 
_pdbx_struct_conn_angle.ptnr3_label_asym_id 
_pdbx_struct_conn_angle.ptnr3_label_comp_id 
_pdbx_struct_conn_angle.ptnr3_label_seq_id 
_pdbx_struct_conn_angle.ptnr3_auth_atom_id 
_pdbx_struct_conn_angle.ptnr3_auth_asym_id 
_pdbx_struct_conn_angle.ptnr3_auth_comp_id 
_pdbx_struct_conn_angle.ptnr3_auth_seq_id 
_pdbx_struct_conn_angle.ptnr3_PDB_ins_code 
_pdbx_struct_conn_angle.ptnr3_symmetry 
_pdbx_struct_conn_angle.value 
_pdbx_struct_conn_angle.value_esd 
1  SG  ? A CYS 28 ? A CYS 113 ? 1_555 ZN ? C ZN . ? A ZN 183 ? 1_555 NE2 ? A HIS 85 ? A HIS 170 ? 1_555 110.6 ? 
2  SG  ? A CYS 28 ? A CYS 113 ? 1_555 ZN ? C ZN . ? A ZN 183 ? 1_555 SG  ? A CYS 89 ? A CYS 174 ? 1_555 111.9 ? 
3  NE2 ? A HIS 85 ? A HIS 170 ? 1_555 ZN ? C ZN . ? A ZN 183 ? 1_555 SG  ? A CYS 89 ? A CYS 174 ? 1_555 107.9 ? 
4  SG  ? A CYS 28 ? A CYS 113 ? 1_555 ZN ? C ZN . ? A ZN 183 ? 1_555 SG  ? A CYS 93 ? A CYS 178 ? 1_555 110.1 ? 
5  NE2 ? A HIS 85 ? A HIS 170 ? 1_555 ZN ? C ZN . ? A ZN 183 ? 1_555 SG  ? A CYS 93 ? A CYS 178 ? 1_555 107.6 ? 
6  SG  ? A CYS 89 ? A CYS 174 ? 1_555 ZN ? C ZN . ? A ZN 183 ? 1_555 SG  ? A CYS 93 ? A CYS 178 ? 1_555 108.5 ? 
7  SG  ? B CYS 28 ? B CYS 113 ? 1_555 ZN ? D ZN . ? B ZN 183 ? 1_555 NE2 ? B HIS 85 ? B HIS 170 ? 1_555 109.0 ? 
8  SG  ? B CYS 28 ? B CYS 113 ? 1_555 ZN ? D ZN . ? B ZN 183 ? 1_555 SG  ? B CYS 89 ? B CYS 174 ? 1_555 115.1 ? 
9  NE2 ? B HIS 85 ? B HIS 170 ? 1_555 ZN ? D ZN . ? B ZN 183 ? 1_555 SG  ? B CYS 89 ? B CYS 174 ? 1_555 107.7 ? 
10 SG  ? B CYS 28 ? B CYS 113 ? 1_555 ZN ? D ZN . ? B ZN 183 ? 1_555 SG  ? B CYS 93 ? B CYS 178 ? 1_555 108.5 ? 
11 NE2 ? B HIS 85 ? B HIS 170 ? 1_555 ZN ? D ZN . ? B ZN 183 ? 1_555 SG  ? B CYS 93 ? B CYS 178 ? 1_555 108.3 ? 
12 SG  ? B CYS 89 ? B CYS 174 ? 1_555 ZN ? D ZN . ? B ZN 183 ? 1_555 SG  ? B CYS 93 ? B CYS 178 ? 1_555 108.0 ? 
# 
loop_
_struct_mon_prot_cis.pdbx_id 
_struct_mon_prot_cis.label_comp_id 
_struct_mon_prot_cis.label_seq_id 
_struct_mon_prot_cis.label_asym_id 
_struct_mon_prot_cis.label_alt_id 
_struct_mon_prot_cis.pdbx_PDB_ins_code 
_struct_mon_prot_cis.auth_comp_id 
_struct_mon_prot_cis.auth_seq_id 
_struct_mon_prot_cis.auth_asym_id 
_struct_mon_prot_cis.pdbx_label_comp_id_2 
_struct_mon_prot_cis.pdbx_label_seq_id_2 
_struct_mon_prot_cis.pdbx_label_asym_id_2 
_struct_mon_prot_cis.pdbx_PDB_ins_code_2 
_struct_mon_prot_cis.pdbx_auth_comp_id_2 
_struct_mon_prot_cis.pdbx_auth_seq_id_2 
_struct_mon_prot_cis.pdbx_auth_asym_id_2 
_struct_mon_prot_cis.pdbx_PDB_model_num 
_struct_mon_prot_cis.pdbx_omega_angle 
1 CYS 28 A . ? CYS 113 A PRO 29 A ? PRO 114 A 1 0.11 
2 CYS 28 B . ? CYS 113 B PRO 29 B ? PRO 114 B 1 0.01 
# 
loop_
_struct_sheet.id 
_struct_sheet.type 
_struct_sheet.number_strands 
_struct_sheet.details 
A ? 8 ? 
B ? 7 ? 
C ? 2 ? 
# 
loop_
_struct_sheet_order.sheet_id 
_struct_sheet_order.range_id_1 
_struct_sheet_order.range_id_2 
_struct_sheet_order.offset 
_struct_sheet_order.sense 
A 1 2 ? anti-parallel 
A 2 3 ? anti-parallel 
A 3 4 ? anti-parallel 
A 4 5 ? parallel      
A 5 6 ? anti-parallel 
A 6 7 ? anti-parallel 
A 7 8 ? anti-parallel 
B 1 2 ? anti-parallel 
B 2 3 ? anti-parallel 
B 3 4 ? anti-parallel 
B 4 5 ? parallel      
B 5 6 ? anti-parallel 
B 6 7 ? anti-parallel 
C 1 2 ? anti-parallel 
# 
loop_
_struct_sheet_range.sheet_id 
_struct_sheet_range.id 
_struct_sheet_range.beg_label_comp_id 
_struct_sheet_range.beg_label_asym_id 
_struct_sheet_range.beg_label_seq_id 
_struct_sheet_range.pdbx_beg_PDB_ins_code 
_struct_sheet_range.end_label_comp_id 
_struct_sheet_range.end_label_asym_id 
_struct_sheet_range.end_label_seq_id 
_struct_sheet_range.pdbx_end_PDB_ins_code 
_struct_sheet_range.beg_auth_comp_id 
_struct_sheet_range.beg_auth_asym_id 
_struct_sheet_range.beg_auth_seq_id 
_struct_sheet_range.end_auth_comp_id 
_struct_sheet_range.end_auth_asym_id 
_struct_sheet_range.end_auth_seq_id 
A 1 GLN A 41 ? ILE A 43 ? GLN A 126 ILE A 128 
A 2 VAL A 36 ? PHE A 38 ? VAL A 121 PHE A 123 
A 3 SER A 17 ? LEU A 22 ? SER A 102 LEU A 107 
A 4 GLU A 7  ? CYS A 14 ? GLU A 92  CYS A 99  
A 5 ILE B 8  ? CYS B 14 ? ILE B 93  CYS B 99  
A 6 SER B 17 ? LEU B 22 ? SER B 102 LEU B 107 
A 7 VAL B 36 ? PHE B 38 ? VAL B 121 PHE B 123 
A 8 GLN B 41 ? ILE B 43 ? GLN B 126 ILE B 128 
B 1 GLN A 41 ? ILE A 43 ? GLN A 126 ILE A 128 
B 2 VAL A 36 ? PHE A 38 ? VAL A 121 PHE A 123 
B 3 SER A 17 ? LEU A 22 ? SER A 102 LEU A 107 
B 4 GLU A 7  ? CYS A 14 ? GLU A 92  CYS A 99  
B 5 ILE B 8  ? CYS B 14 ? ILE B 93  CYS B 99  
B 6 ARG B 65 ? LEU B 66 ? ARG B 150 LEU B 151 
B 7 ILE B 69 ? MET B 70 ? ILE B 154 MET B 155 
C 1 ARG A 65 ? LEU A 66 ? ARG A 150 LEU A 151 
C 2 ILE A 69 ? MET A 70 ? ILE A 154 MET A 155 
# 
loop_
_pdbx_struct_sheet_hbond.sheet_id 
_pdbx_struct_sheet_hbond.range_id_1 
_pdbx_struct_sheet_hbond.range_id_2 
_pdbx_struct_sheet_hbond.range_1_label_atom_id 
_pdbx_struct_sheet_hbond.range_1_label_comp_id 
_pdbx_struct_sheet_hbond.range_1_label_asym_id 
_pdbx_struct_sheet_hbond.range_1_label_seq_id 
_pdbx_struct_sheet_hbond.range_1_PDB_ins_code 
_pdbx_struct_sheet_hbond.range_1_auth_atom_id 
_pdbx_struct_sheet_hbond.range_1_auth_comp_id 
_pdbx_struct_sheet_hbond.range_1_auth_asym_id 
_pdbx_struct_sheet_hbond.range_1_auth_seq_id 
_pdbx_struct_sheet_hbond.range_2_label_atom_id 
_pdbx_struct_sheet_hbond.range_2_label_comp_id 
_pdbx_struct_sheet_hbond.range_2_label_asym_id 
_pdbx_struct_sheet_hbond.range_2_label_seq_id 
_pdbx_struct_sheet_hbond.range_2_PDB_ins_code 
_pdbx_struct_sheet_hbond.range_2_auth_atom_id 
_pdbx_struct_sheet_hbond.range_2_auth_comp_id 
_pdbx_struct_sheet_hbond.range_2_auth_asym_id 
_pdbx_struct_sheet_hbond.range_2_auth_seq_id 
A 1 2 O ILE A 43 ? O ILE A 128 N VAL A 36 ? N VAL A 121 
A 2 3 O LYS A 37 ? O LYS A 122 N ILE A 20 ? N ILE A 105 
A 3 4 O LEU A 21 ? O LEU A 106 N TYR A 10 ? N TYR A 95  
A 4 5 N GLU A 7  ? N GLU A 92  O ALA B 9  ? O ALA B 94  
A 5 6 N TYR B 10 ? N TYR B 95  O LEU B 21 ? O LEU B 106 
A 6 7 N ILE B 20 ? N ILE B 105 O LYS B 37 ? O LYS B 122 
A 7 8 N VAL B 36 ? N VAL B 121 O ILE B 43 ? O ILE B 128 
B 1 2 O ILE A 43 ? O ILE A 128 N VAL A 36 ? N VAL A 121 
B 2 3 O LYS A 37 ? O LYS A 122 N ILE A 20 ? N ILE A 105 
B 3 4 O LEU A 21 ? O LEU A 106 N TYR A 10 ? N TYR A 95  
B 4 5 N GLU A 7  ? N GLU A 92  O ALA B 9  ? O ALA B 94  
B 5 6 N THR B 13 ? N THR B 98  O ARG B 65 ? O ARG B 150 
B 6 7 N LEU B 66 ? N LEU B 151 O ILE B 69 ? O ILE B 154 
C 1 2 N LEU A 66 ? N LEU A 151 O ILE A 69 ? O ILE A 154 
# 
loop_
_struct_site.id 
_struct_site.pdbx_evidence_code 
_struct_site.pdbx_auth_asym_id 
_struct_site.pdbx_auth_comp_id 
_struct_site.pdbx_auth_seq_id 
_struct_site.pdbx_auth_ins_code 
_struct_site.pdbx_num_residues 
_struct_site.details 
AC1 Software A ZN 183 ? 4 'BINDING SITE FOR RESIDUE ZN A 183' 
AC2 Software B ZN 183 ? 4 'BINDING SITE FOR RESIDUE ZN B 183' 
# 
loop_
_struct_site_gen.id 
_struct_site_gen.site_id 
_struct_site_gen.pdbx_num_res 
_struct_site_gen.label_comp_id 
_struct_site_gen.label_asym_id 
_struct_site_gen.label_seq_id 
_struct_site_gen.pdbx_auth_ins_code 
_struct_site_gen.auth_comp_id 
_struct_site_gen.auth_asym_id 
_struct_site_gen.auth_seq_id 
_struct_site_gen.label_atom_id 
_struct_site_gen.label_alt_id 
_struct_site_gen.symmetry 
_struct_site_gen.details 
1 AC1 4 CYS A 28 ? CYS A 113 . ? 1_555 ? 
2 AC1 4 HIS A 85 ? HIS A 170 . ? 1_555 ? 
3 AC1 4 CYS A 89 ? CYS A 174 . ? 1_555 ? 
4 AC1 4 CYS A 93 ? CYS A 178 . ? 1_555 ? 
5 AC2 4 CYS B 28 ? CYS B 113 . ? 1_555 ? 
6 AC2 4 HIS B 85 ? HIS B 170 . ? 1_555 ? 
7 AC2 4 CYS B 89 ? CYS B 174 . ? 1_555 ? 
8 AC2 4 CYS B 93 ? CYS B 178 . ? 1_555 ? 
# 
_pdbx_validate_torsion.id              1 
_pdbx_validate_torsion.PDB_model_num   1 
_pdbx_validate_torsion.auth_comp_id    ASP 
_pdbx_validate_torsion.auth_asym_id    A 
_pdbx_validate_torsion.auth_seq_id     144 
_pdbx_validate_torsion.PDB_ins_code    ? 
_pdbx_validate_torsion.label_alt_id    ? 
_pdbx_validate_torsion.phi             -161.63 
_pdbx_validate_torsion.psi             80.21 
# 
loop_
_pdbx_unobs_or_zero_occ_residues.id 
_pdbx_unobs_or_zero_occ_residues.PDB_model_num 
_pdbx_unobs_or_zero_occ_residues.polymer_flag 
_pdbx_unobs_or_zero_occ_residues.occupancy_flag 
_pdbx_unobs_or_zero_occ_residues.auth_asym_id 
_pdbx_unobs_or_zero_occ_residues.auth_comp_id 
_pdbx_unobs_or_zero_occ_residues.auth_seq_id 
_pdbx_unobs_or_zero_occ_residues.PDB_ins_code 
_pdbx_unobs_or_zero_occ_residues.label_asym_id 
_pdbx_unobs_or_zero_occ_residues.label_comp_id 
_pdbx_unobs_or_zero_occ_residues.label_seq_id 
1  1 Y 1 A GLY 86  ? A GLY 1  
2  1 Y 1 A ALA 87  ? A ALA 2  
3  1 Y 1 A MET 88  ? A MET 3  
4  1 Y 1 A GLU 89  ? A GLU 4  
5  1 Y 1 A SER 180 ? A SER 95 
6  1 Y 1 A THR 181 ? A THR 96 
7  1 Y 1 A LYS 182 ? A LYS 97 
8  1 Y 1 B GLY 86  ? B GLY 1  
9  1 Y 1 B ALA 87  ? B ALA 2  
10 1 Y 1 B MET 88  ? B MET 3  
11 1 Y 1 B GLU 89  ? B GLU 4  
12 1 Y 1 B ARG 179 ? B ARG 94 
13 1 Y 1 B SER 180 ? B SER 95 
14 1 Y 1 B THR 181 ? B THR 96 
15 1 Y 1 B LYS 182 ? B LYS 97 
# 
loop_
_chem_comp_atom.comp_id 
_chem_comp_atom.atom_id 
_chem_comp_atom.type_symbol 
_chem_comp_atom.pdbx_aromatic_flag 
_chem_comp_atom.pdbx_stereo_config 
_chem_comp_atom.pdbx_ordinal 
ALA N    N  N N 1   
ALA CA   C  N S 2   
ALA C    C  N N 3   
ALA O    O  N N 4   
ALA CB   C  N N 5   
ALA OXT  O  N N 6   
ALA H    H  N N 7   
ALA H2   H  N N 8   
ALA HA   H  N N 9   
ALA HB1  H  N N 10  
ALA HB2  H  N N 11  
ALA HB3  H  N N 12  
ALA HXT  H  N N 13  
ARG N    N  N N 14  
ARG CA   C  N S 15  
ARG C    C  N N 16  
ARG O    O  N N 17  
ARG CB   C  N N 18  
ARG CG   C  N N 19  
ARG CD   C  N N 20  
ARG NE   N  N N 21  
ARG CZ   C  N N 22  
ARG NH1  N  N N 23  
ARG NH2  N  N N 24  
ARG OXT  O  N N 25  
ARG H    H  N N 26  
ARG H2   H  N N 27  
ARG HA   H  N N 28  
ARG HB2  H  N N 29  
ARG HB3  H  N N 30  
ARG HG2  H  N N 31  
ARG HG3  H  N N 32  
ARG HD2  H  N N 33  
ARG HD3  H  N N 34  
ARG HE   H  N N 35  
ARG HH11 H  N N 36  
ARG HH12 H  N N 37  
ARG HH21 H  N N 38  
ARG HH22 H  N N 39  
ARG HXT  H  N N 40  
ASN N    N  N N 41  
ASN CA   C  N S 42  
ASN C    C  N N 43  
ASN O    O  N N 44  
ASN CB   C  N N 45  
ASN CG   C  N N 46  
ASN OD1  O  N N 47  
ASN ND2  N  N N 48  
ASN OXT  O  N N 49  
ASN H    H  N N 50  
ASN H2   H  N N 51  
ASN HA   H  N N 52  
ASN HB2  H  N N 53  
ASN HB3  H  N N 54  
ASN HD21 H  N N 55  
ASN HD22 H  N N 56  
ASN HXT  H  N N 57  
ASP N    N  N N 58  
ASP CA   C  N S 59  
ASP C    C  N N 60  
ASP O    O  N N 61  
ASP CB   C  N N 62  
ASP CG   C  N N 63  
ASP OD1  O  N N 64  
ASP OD2  O  N N 65  
ASP OXT  O  N N 66  
ASP H    H  N N 67  
ASP H2   H  N N 68  
ASP HA   H  N N 69  
ASP HB2  H  N N 70  
ASP HB3  H  N N 71  
ASP HD2  H  N N 72  
ASP HXT  H  N N 73  
CYS N    N  N N 74  
CYS CA   C  N R 75  
CYS C    C  N N 76  
CYS O    O  N N 77  
CYS CB   C  N N 78  
CYS SG   S  N N 79  
CYS OXT  O  N N 80  
CYS H    H  N N 81  
CYS H2   H  N N 82  
CYS HA   H  N N 83  
CYS HB2  H  N N 84  
CYS HB3  H  N N 85  
CYS HG   H  N N 86  
CYS HXT  H  N N 87  
GLN N    N  N N 88  
GLN CA   C  N S 89  
GLN C    C  N N 90  
GLN O    O  N N 91  
GLN CB   C  N N 92  
GLN CG   C  N N 93  
GLN CD   C  N N 94  
GLN OE1  O  N N 95  
GLN NE2  N  N N 96  
GLN OXT  O  N N 97  
GLN H    H  N N 98  
GLN H2   H  N N 99  
GLN HA   H  N N 100 
GLN HB2  H  N N 101 
GLN HB3  H  N N 102 
GLN HG2  H  N N 103 
GLN HG3  H  N N 104 
GLN HE21 H  N N 105 
GLN HE22 H  N N 106 
GLN HXT  H  N N 107 
GLU N    N  N N 108 
GLU CA   C  N S 109 
GLU C    C  N N 110 
GLU O    O  N N 111 
GLU CB   C  N N 112 
GLU CG   C  N N 113 
GLU CD   C  N N 114 
GLU OE1  O  N N 115 
GLU OE2  O  N N 116 
GLU OXT  O  N N 117 
GLU H    H  N N 118 
GLU H2   H  N N 119 
GLU HA   H  N N 120 
GLU HB2  H  N N 121 
GLU HB3  H  N N 122 
GLU HG2  H  N N 123 
GLU HG3  H  N N 124 
GLU HE2  H  N N 125 
GLU HXT  H  N N 126 
GLY N    N  N N 127 
GLY CA   C  N N 128 
GLY C    C  N N 129 
GLY O    O  N N 130 
GLY OXT  O  N N 131 
GLY H    H  N N 132 
GLY H2   H  N N 133 
GLY HA2  H  N N 134 
GLY HA3  H  N N 135 
GLY HXT  H  N N 136 
HIS N    N  N N 137 
HIS CA   C  N S 138 
HIS C    C  N N 139 
HIS O    O  N N 140 
HIS CB   C  N N 141 
HIS CG   C  Y N 142 
HIS ND1  N  Y N 143 
HIS CD2  C  Y N 144 
HIS CE1  C  Y N 145 
HIS NE2  N  Y N 146 
HIS OXT  O  N N 147 
HIS H    H  N N 148 
HIS H2   H  N N 149 
HIS HA   H  N N 150 
HIS HB2  H  N N 151 
HIS HB3  H  N N 152 
HIS HD1  H  N N 153 
HIS HD2  H  N N 154 
HIS HE1  H  N N 155 
HIS HE2  H  N N 156 
HIS HXT  H  N N 157 
HOH O    O  N N 158 
HOH H1   H  N N 159 
HOH H2   H  N N 160 
ILE N    N  N N 161 
ILE CA   C  N S 162 
ILE C    C  N N 163 
ILE O    O  N N 164 
ILE CB   C  N S 165 
ILE CG1  C  N N 166 
ILE CG2  C  N N 167 
ILE CD1  C  N N 168 
ILE OXT  O  N N 169 
ILE H    H  N N 170 
ILE H2   H  N N 171 
ILE HA   H  N N 172 
ILE HB   H  N N 173 
ILE HG12 H  N N 174 
ILE HG13 H  N N 175 
ILE HG21 H  N N 176 
ILE HG22 H  N N 177 
ILE HG23 H  N N 178 
ILE HD11 H  N N 179 
ILE HD12 H  N N 180 
ILE HD13 H  N N 181 
ILE HXT  H  N N 182 
LEU N    N  N N 183 
LEU CA   C  N S 184 
LEU C    C  N N 185 
LEU O    O  N N 186 
LEU CB   C  N N 187 
LEU CG   C  N N 188 
LEU CD1  C  N N 189 
LEU CD2  C  N N 190 
LEU OXT  O  N N 191 
LEU H    H  N N 192 
LEU H2   H  N N 193 
LEU HA   H  N N 194 
LEU HB2  H  N N 195 
LEU HB3  H  N N 196 
LEU HG   H  N N 197 
LEU HD11 H  N N 198 
LEU HD12 H  N N 199 
LEU HD13 H  N N 200 
LEU HD21 H  N N 201 
LEU HD22 H  N N 202 
LEU HD23 H  N N 203 
LEU HXT  H  N N 204 
LYS N    N  N N 205 
LYS CA   C  N S 206 
LYS C    C  N N 207 
LYS O    O  N N 208 
LYS CB   C  N N 209 
LYS CG   C  N N 210 
LYS CD   C  N N 211 
LYS CE   C  N N 212 
LYS NZ   N  N N 213 
LYS OXT  O  N N 214 
LYS H    H  N N 215 
LYS H2   H  N N 216 
LYS HA   H  N N 217 
LYS HB2  H  N N 218 
LYS HB3  H  N N 219 
LYS HG2  H  N N 220 
LYS HG3  H  N N 221 
LYS HD2  H  N N 222 
LYS HD3  H  N N 223 
LYS HE2  H  N N 224 
LYS HE3  H  N N 225 
LYS HZ1  H  N N 226 
LYS HZ2  H  N N 227 
LYS HZ3  H  N N 228 
LYS HXT  H  N N 229 
MET N    N  N N 230 
MET CA   C  N S 231 
MET C    C  N N 232 
MET O    O  N N 233 
MET CB   C  N N 234 
MET CG   C  N N 235 
MET SD   S  N N 236 
MET CE   C  N N 237 
MET OXT  O  N N 238 
MET H    H  N N 239 
MET H2   H  N N 240 
MET HA   H  N N 241 
MET HB2  H  N N 242 
MET HB3  H  N N 243 
MET HG2  H  N N 244 
MET HG3  H  N N 245 
MET HE1  H  N N 246 
MET HE2  H  N N 247 
MET HE3  H  N N 248 
MET HXT  H  N N 249 
PHE N    N  N N 250 
PHE CA   C  N S 251 
PHE C    C  N N 252 
PHE O    O  N N 253 
PHE CB   C  N N 254 
PHE CG   C  Y N 255 
PHE CD1  C  Y N 256 
PHE CD2  C  Y N 257 
PHE CE1  C  Y N 258 
PHE CE2  C  Y N 259 
PHE CZ   C  Y N 260 
PHE OXT  O  N N 261 
PHE H    H  N N 262 
PHE H2   H  N N 263 
PHE HA   H  N N 264 
PHE HB2  H  N N 265 
PHE HB3  H  N N 266 
PHE HD1  H  N N 267 
PHE HD2  H  N N 268 
PHE HE1  H  N N 269 
PHE HE2  H  N N 270 
PHE HZ   H  N N 271 
PHE HXT  H  N N 272 
PRO N    N  N N 273 
PRO CA   C  N S 274 
PRO C    C  N N 275 
PRO O    O  N N 276 
PRO CB   C  N N 277 
PRO CG   C  N N 278 
PRO CD   C  N N 279 
PRO OXT  O  N N 280 
PRO H    H  N N 281 
PRO HA   H  N N 282 
PRO HB2  H  N N 283 
PRO HB3  H  N N 284 
PRO HG2  H  N N 285 
PRO HG3  H  N N 286 
PRO HD2  H  N N 287 
PRO HD3  H  N N 288 
PRO HXT  H  N N 289 
SER N    N  N N 290 
SER CA   C  N S 291 
SER C    C  N N 292 
SER O    O  N N 293 
SER CB   C  N N 294 
SER OG   O  N N 295 
SER OXT  O  N N 296 
SER H    H  N N 297 
SER H2   H  N N 298 
SER HA   H  N N 299 
SER HB2  H  N N 300 
SER HB3  H  N N 301 
SER HG   H  N N 302 
SER HXT  H  N N 303 
THR N    N  N N 304 
THR CA   C  N S 305 
THR C    C  N N 306 
THR O    O  N N 307 
THR CB   C  N R 308 
THR OG1  O  N N 309 
THR CG2  C  N N 310 
THR OXT  O  N N 311 
THR H    H  N N 312 
THR H2   H  N N 313 
THR HA   H  N N 314 
THR HB   H  N N 315 
THR HG1  H  N N 316 
THR HG21 H  N N 317 
THR HG22 H  N N 318 
THR HG23 H  N N 319 
THR HXT  H  N N 320 
TRP N    N  N N 321 
TRP CA   C  N S 322 
TRP C    C  N N 323 
TRP O    O  N N 324 
TRP CB   C  N N 325 
TRP CG   C  Y N 326 
TRP CD1  C  Y N 327 
TRP CD2  C  Y N 328 
TRP NE1  N  Y N 329 
TRP CE2  C  Y N 330 
TRP CE3  C  Y N 331 
TRP CZ2  C  Y N 332 
TRP CZ3  C  Y N 333 
TRP CH2  C  Y N 334 
TRP OXT  O  N N 335 
TRP H    H  N N 336 
TRP H2   H  N N 337 
TRP HA   H  N N 338 
TRP HB2  H  N N 339 
TRP HB3  H  N N 340 
TRP HD1  H  N N 341 
TRP HE1  H  N N 342 
TRP HE3  H  N N 343 
TRP HZ2  H  N N 344 
TRP HZ3  H  N N 345 
TRP HH2  H  N N 346 
TRP HXT  H  N N 347 
TYR N    N  N N 348 
TYR CA   C  N S 349 
TYR C    C  N N 350 
TYR O    O  N N 351 
TYR CB   C  N N 352 
TYR CG   C  Y N 353 
TYR CD1  C  Y N 354 
TYR CD2  C  Y N 355 
TYR CE1  C  Y N 356 
TYR CE2  C  Y N 357 
TYR CZ   C  Y N 358 
TYR OH   O  N N 359 
TYR OXT  O  N N 360 
TYR H    H  N N 361 
TYR H2   H  N N 362 
TYR HA   H  N N 363 
TYR HB2  H  N N 364 
TYR HB3  H  N N 365 
TYR HD1  H  N N 366 
TYR HD2  H  N N 367 
TYR HE1  H  N N 368 
TYR HE2  H  N N 369 
TYR HH   H  N N 370 
TYR HXT  H  N N 371 
VAL N    N  N N 372 
VAL CA   C  N S 373 
VAL C    C  N N 374 
VAL O    O  N N 375 
VAL CB   C  N N 376 
VAL CG1  C  N N 377 
VAL CG2  C  N N 378 
VAL OXT  O  N N 379 
VAL H    H  N N 380 
VAL H2   H  N N 381 
VAL HA   H  N N 382 
VAL HB   H  N N 383 
VAL HG11 H  N N 384 
VAL HG12 H  N N 385 
VAL HG13 H  N N 386 
VAL HG21 H  N N 387 
VAL HG22 H  N N 388 
VAL HG23 H  N N 389 
VAL HXT  H  N N 390 
ZN  ZN   ZN N N 391 
# 
loop_
_chem_comp_bond.comp_id 
_chem_comp_bond.atom_id_1 
_chem_comp_bond.atom_id_2 
_chem_comp_bond.value_order 
_chem_comp_bond.pdbx_aromatic_flag 
_chem_comp_bond.pdbx_stereo_config 
_chem_comp_bond.pdbx_ordinal 
ALA N   CA   sing N N 1   
ALA N   H    sing N N 2   
ALA N   H2   sing N N 3   
ALA CA  C    sing N N 4   
ALA CA  CB   sing N N 5   
ALA CA  HA   sing N N 6   
ALA C   O    doub N N 7   
ALA C   OXT  sing N N 8   
ALA CB  HB1  sing N N 9   
ALA CB  HB2  sing N N 10  
ALA CB  HB3  sing N N 11  
ALA OXT HXT  sing N N 12  
ARG N   CA   sing N N 13  
ARG N   H    sing N N 14  
ARG N   H2   sing N N 15  
ARG CA  C    sing N N 16  
ARG CA  CB   sing N N 17  
ARG CA  HA   sing N N 18  
ARG C   O    doub N N 19  
ARG C   OXT  sing N N 20  
ARG CB  CG   sing N N 21  
ARG CB  HB2  sing N N 22  
ARG CB  HB3  sing N N 23  
ARG CG  CD   sing N N 24  
ARG CG  HG2  sing N N 25  
ARG CG  HG3  sing N N 26  
ARG CD  NE   sing N N 27  
ARG CD  HD2  sing N N 28  
ARG CD  HD3  sing N N 29  
ARG NE  CZ   sing N N 30  
ARG NE  HE   sing N N 31  
ARG CZ  NH1  sing N N 32  
ARG CZ  NH2  doub N N 33  
ARG NH1 HH11 sing N N 34  
ARG NH1 HH12 sing N N 35  
ARG NH2 HH21 sing N N 36  
ARG NH2 HH22 sing N N 37  
ARG OXT HXT  sing N N 38  
ASN N   CA   sing N N 39  
ASN N   H    sing N N 40  
ASN N   H2   sing N N 41  
ASN CA  C    sing N N 42  
ASN CA  CB   sing N N 43  
ASN CA  HA   sing N N 44  
ASN C   O    doub N N 45  
ASN C   OXT  sing N N 46  
ASN CB  CG   sing N N 47  
ASN CB  HB2  sing N N 48  
ASN CB  HB3  sing N N 49  
ASN CG  OD1  doub N N 50  
ASN CG  ND2  sing N N 51  
ASN ND2 HD21 sing N N 52  
ASN ND2 HD22 sing N N 53  
ASN OXT HXT  sing N N 54  
ASP N   CA   sing N N 55  
ASP N   H    sing N N 56  
ASP N   H2   sing N N 57  
ASP CA  C    sing N N 58  
ASP CA  CB   sing N N 59  
ASP CA  HA   sing N N 60  
ASP C   O    doub N N 61  
ASP C   OXT  sing N N 62  
ASP CB  CG   sing N N 63  
ASP CB  HB2  sing N N 64  
ASP CB  HB3  sing N N 65  
ASP CG  OD1  doub N N 66  
ASP CG  OD2  sing N N 67  
ASP OD2 HD2  sing N N 68  
ASP OXT HXT  sing N N 69  
CYS N   CA   sing N N 70  
CYS N   H    sing N N 71  
CYS N   H2   sing N N 72  
CYS CA  C    sing N N 73  
CYS CA  CB   sing N N 74  
CYS CA  HA   sing N N 75  
CYS C   O    doub N N 76  
CYS C   OXT  sing N N 77  
CYS CB  SG   sing N N 78  
CYS CB  HB2  sing N N 79  
CYS CB  HB3  sing N N 80  
CYS SG  HG   sing N N 81  
CYS OXT HXT  sing N N 82  
GLN N   CA   sing N N 83  
GLN N   H    sing N N 84  
GLN N   H2   sing N N 85  
GLN CA  C    sing N N 86  
GLN CA  CB   sing N N 87  
GLN CA  HA   sing N N 88  
GLN C   O    doub N N 89  
GLN C   OXT  sing N N 90  
GLN CB  CG   sing N N 91  
GLN CB  HB2  sing N N 92  
GLN CB  HB3  sing N N 93  
GLN CG  CD   sing N N 94  
GLN CG  HG2  sing N N 95  
GLN CG  HG3  sing N N 96  
GLN CD  OE1  doub N N 97  
GLN CD  NE2  sing N N 98  
GLN NE2 HE21 sing N N 99  
GLN NE2 HE22 sing N N 100 
GLN OXT HXT  sing N N 101 
GLU N   CA   sing N N 102 
GLU N   H    sing N N 103 
GLU N   H2   sing N N 104 
GLU CA  C    sing N N 105 
GLU CA  CB   sing N N 106 
GLU CA  HA   sing N N 107 
GLU C   O    doub N N 108 
GLU C   OXT  sing N N 109 
GLU CB  CG   sing N N 110 
GLU CB  HB2  sing N N 111 
GLU CB  HB3  sing N N 112 
GLU CG  CD   sing N N 113 
GLU CG  HG2  sing N N 114 
GLU CG  HG3  sing N N 115 
GLU CD  OE1  doub N N 116 
GLU CD  OE2  sing N N 117 
GLU OE2 HE2  sing N N 118 
GLU OXT HXT  sing N N 119 
GLY N   CA   sing N N 120 
GLY N   H    sing N N 121 
GLY N   H2   sing N N 122 
GLY CA  C    sing N N 123 
GLY CA  HA2  sing N N 124 
GLY CA  HA3  sing N N 125 
GLY C   O    doub N N 126 
GLY C   OXT  sing N N 127 
GLY OXT HXT  sing N N 128 
HIS N   CA   sing N N 129 
HIS N   H    sing N N 130 
HIS N   H2   sing N N 131 
HIS CA  C    sing N N 132 
HIS CA  CB   sing N N 133 
HIS CA  HA   sing N N 134 
HIS C   O    doub N N 135 
HIS C   OXT  sing N N 136 
HIS CB  CG   sing N N 137 
HIS CB  HB2  sing N N 138 
HIS CB  HB3  sing N N 139 
HIS CG  ND1  sing Y N 140 
HIS CG  CD2  doub Y N 141 
HIS ND1 CE1  doub Y N 142 
HIS ND1 HD1  sing N N 143 
HIS CD2 NE2  sing Y N 144 
HIS CD2 HD2  sing N N 145 
HIS CE1 NE2  sing Y N 146 
HIS CE1 HE1  sing N N 147 
HIS NE2 HE2  sing N N 148 
HIS OXT HXT  sing N N 149 
HOH O   H1   sing N N 150 
HOH O   H2   sing N N 151 
ILE N   CA   sing N N 152 
ILE N   H    sing N N 153 
ILE N   H2   sing N N 154 
ILE CA  C    sing N N 155 
ILE CA  CB   sing N N 156 
ILE CA  HA   sing N N 157 
ILE C   O    doub N N 158 
ILE C   OXT  sing N N 159 
ILE CB  CG1  sing N N 160 
ILE CB  CG2  sing N N 161 
ILE CB  HB   sing N N 162 
ILE CG1 CD1  sing N N 163 
ILE CG1 HG12 sing N N 164 
ILE CG1 HG13 sing N N 165 
ILE CG2 HG21 sing N N 166 
ILE CG2 HG22 sing N N 167 
ILE CG2 HG23 sing N N 168 
ILE CD1 HD11 sing N N 169 
ILE CD1 HD12 sing N N 170 
ILE CD1 HD13 sing N N 171 
ILE OXT HXT  sing N N 172 
LEU N   CA   sing N N 173 
LEU N   H    sing N N 174 
LEU N   H2   sing N N 175 
LEU CA  C    sing N N 176 
LEU CA  CB   sing N N 177 
LEU CA  HA   sing N N 178 
LEU C   O    doub N N 179 
LEU C   OXT  sing N N 180 
LEU CB  CG   sing N N 181 
LEU CB  HB2  sing N N 182 
LEU CB  HB3  sing N N 183 
LEU CG  CD1  sing N N 184 
LEU CG  CD2  sing N N 185 
LEU CG  HG   sing N N 186 
LEU CD1 HD11 sing N N 187 
LEU CD1 HD12 sing N N 188 
LEU CD1 HD13 sing N N 189 
LEU CD2 HD21 sing N N 190 
LEU CD2 HD22 sing N N 191 
LEU CD2 HD23 sing N N 192 
LEU OXT HXT  sing N N 193 
LYS N   CA   sing N N 194 
LYS N   H    sing N N 195 
LYS N   H2   sing N N 196 
LYS CA  C    sing N N 197 
LYS CA  CB   sing N N 198 
LYS CA  HA   sing N N 199 
LYS C   O    doub N N 200 
LYS C   OXT  sing N N 201 
LYS CB  CG   sing N N 202 
LYS CB  HB2  sing N N 203 
LYS CB  HB3  sing N N 204 
LYS CG  CD   sing N N 205 
LYS CG  HG2  sing N N 206 
LYS CG  HG3  sing N N 207 
LYS CD  CE   sing N N 208 
LYS CD  HD2  sing N N 209 
LYS CD  HD3  sing N N 210 
LYS CE  NZ   sing N N 211 
LYS CE  HE2  sing N N 212 
LYS CE  HE3  sing N N 213 
LYS NZ  HZ1  sing N N 214 
LYS NZ  HZ2  sing N N 215 
LYS NZ  HZ3  sing N N 216 
LYS OXT HXT  sing N N 217 
MET N   CA   sing N N 218 
MET N   H    sing N N 219 
MET N   H2   sing N N 220 
MET CA  C    sing N N 221 
MET CA  CB   sing N N 222 
MET CA  HA   sing N N 223 
MET C   O    doub N N 224 
MET C   OXT  sing N N 225 
MET CB  CG   sing N N 226 
MET CB  HB2  sing N N 227 
MET CB  HB3  sing N N 228 
MET CG  SD   sing N N 229 
MET CG  HG2  sing N N 230 
MET CG  HG3  sing N N 231 
MET SD  CE   sing N N 232 
MET CE  HE1  sing N N 233 
MET CE  HE2  sing N N 234 
MET CE  HE3  sing N N 235 
MET OXT HXT  sing N N 236 
PHE N   CA   sing N N 237 
PHE N   H    sing N N 238 
PHE N   H2   sing N N 239 
PHE CA  C    sing N N 240 
PHE CA  CB   sing N N 241 
PHE CA  HA   sing N N 242 
PHE C   O    doub N N 243 
PHE C   OXT  sing N N 244 
PHE CB  CG   sing N N 245 
PHE CB  HB2  sing N N 246 
PHE CB  HB3  sing N N 247 
PHE CG  CD1  doub Y N 248 
PHE CG  CD2  sing Y N 249 
PHE CD1 CE1  sing Y N 250 
PHE CD1 HD1  sing N N 251 
PHE CD2 CE2  doub Y N 252 
PHE CD2 HD2  sing N N 253 
PHE CE1 CZ   doub Y N 254 
PHE CE1 HE1  sing N N 255 
PHE CE2 CZ   sing Y N 256 
PHE CE2 HE2  sing N N 257 
PHE CZ  HZ   sing N N 258 
PHE OXT HXT  sing N N 259 
PRO N   CA   sing N N 260 
PRO N   CD   sing N N 261 
PRO N   H    sing N N 262 
PRO CA  C    sing N N 263 
PRO CA  CB   sing N N 264 
PRO CA  HA   sing N N 265 
PRO C   O    doub N N 266 
PRO C   OXT  sing N N 267 
PRO CB  CG   sing N N 268 
PRO CB  HB2  sing N N 269 
PRO CB  HB3  sing N N 270 
PRO CG  CD   sing N N 271 
PRO CG  HG2  sing N N 272 
PRO CG  HG3  sing N N 273 
PRO CD  HD2  sing N N 274 
PRO CD  HD3  sing N N 275 
PRO OXT HXT  sing N N 276 
SER N   CA   sing N N 277 
SER N   H    sing N N 278 
SER N   H2   sing N N 279 
SER CA  C    sing N N 280 
SER CA  CB   sing N N 281 
SER CA  HA   sing N N 282 
SER C   O    doub N N 283 
SER C   OXT  sing N N 284 
SER CB  OG   sing N N 285 
SER CB  HB2  sing N N 286 
SER CB  HB3  sing N N 287 
SER OG  HG   sing N N 288 
SER OXT HXT  sing N N 289 
THR N   CA   sing N N 290 
THR N   H    sing N N 291 
THR N   H2   sing N N 292 
THR CA  C    sing N N 293 
THR CA  CB   sing N N 294 
THR CA  HA   sing N N 295 
THR C   O    doub N N 296 
THR C   OXT  sing N N 297 
THR CB  OG1  sing N N 298 
THR CB  CG2  sing N N 299 
THR CB  HB   sing N N 300 
THR OG1 HG1  sing N N 301 
THR CG2 HG21 sing N N 302 
THR CG2 HG22 sing N N 303 
THR CG2 HG23 sing N N 304 
THR OXT HXT  sing N N 305 
TRP N   CA   sing N N 306 
TRP N   H    sing N N 307 
TRP N   H2   sing N N 308 
TRP CA  C    sing N N 309 
TRP CA  CB   sing N N 310 
TRP CA  HA   sing N N 311 
TRP C   O    doub N N 312 
TRP C   OXT  sing N N 313 
TRP CB  CG   sing N N 314 
TRP CB  HB2  sing N N 315 
TRP CB  HB3  sing N N 316 
TRP CG  CD1  doub Y N 317 
TRP CG  CD2  sing Y N 318 
TRP CD1 NE1  sing Y N 319 
TRP CD1 HD1  sing N N 320 
TRP CD2 CE2  doub Y N 321 
TRP CD2 CE3  sing Y N 322 
TRP NE1 CE2  sing Y N 323 
TRP NE1 HE1  sing N N 324 
TRP CE2 CZ2  sing Y N 325 
TRP CE3 CZ3  doub Y N 326 
TRP CE3 HE3  sing N N 327 
TRP CZ2 CH2  doub Y N 328 
TRP CZ2 HZ2  sing N N 329 
TRP CZ3 CH2  sing Y N 330 
TRP CZ3 HZ3  sing N N 331 
TRP CH2 HH2  sing N N 332 
TRP OXT HXT  sing N N 333 
TYR N   CA   sing N N 334 
TYR N   H    sing N N 335 
TYR N   H2   sing N N 336 
TYR CA  C    sing N N 337 
TYR CA  CB   sing N N 338 
TYR CA  HA   sing N N 339 
TYR C   O    doub N N 340 
TYR C   OXT  sing N N 341 
TYR CB  CG   sing N N 342 
TYR CB  HB2  sing N N 343 
TYR CB  HB3  sing N N 344 
TYR CG  CD1  doub Y N 345 
TYR CG  CD2  sing Y N 346 
TYR CD1 CE1  sing Y N 347 
TYR CD1 HD1  sing N N 348 
TYR CD2 CE2  doub Y N 349 
TYR CD2 HD2  sing N N 350 
TYR CE1 CZ   doub Y N 351 
TYR CE1 HE1  sing N N 352 
TYR CE2 CZ   sing Y N 353 
TYR CE2 HE2  sing N N 354 
TYR CZ  OH   sing N N 355 
TYR OH  HH   sing N N 356 
TYR OXT HXT  sing N N 357 
VAL N   CA   sing N N 358 
VAL N   H    sing N N 359 
VAL N   H2   sing N N 360 
VAL CA  C    sing N N 361 
VAL CA  CB   sing N N 362 
VAL CA  HA   sing N N 363 
VAL C   O    doub N N 364 
VAL C   OXT  sing N N 365 
VAL CB  CG1  sing N N 366 
VAL CB  CG2  sing N N 367 
VAL CB  HB   sing N N 368 
VAL CG1 HG11 sing N N 369 
VAL CG1 HG12 sing N N 370 
VAL CG1 HG13 sing N N 371 
VAL CG2 HG21 sing N N 372 
VAL CG2 HG22 sing N N 373 
VAL CG2 HG23 sing N N 374 
VAL OXT HXT  sing N N 375 
# 
_atom_sites.entry_id                    1OQJ 
_atom_sites.fract_transf_matrix[1][1]   -0.02037808 
_atom_sites.fract_transf_matrix[1][2]   0.00550941 
_atom_sites.fract_transf_matrix[1][3]   -0.01228065 
_atom_sites.fract_transf_matrix[2][1]   0.01089041 
_atom_sites.fract_transf_matrix[2][2]   0.01128589 
_atom_sites.fract_transf_matrix[2][3]   -0.01300804 
_atom_sites.fract_transf_matrix[3][1]   0.00151288 
_atom_sites.fract_transf_matrix[3][2]   -0.00901472 
_atom_sites.fract_transf_matrix[3][3]   -0.00655466 
_atom_sites.fract_transf_vector[1]      0.274414 
_atom_sites.fract_transf_vector[2]      0.298202 
_atom_sites.fract_transf_vector[3]      0.142575 
# 
loop_
_atom_type.symbol 
C  
N  
O  
S  
ZN 
# 
loop_
_atom_site.group_PDB 
_atom_site.id 
_atom_site.type_symbol 
_atom_site.label_atom_id 
_atom_site.label_alt_id 
_atom_site.label_comp_id 
_atom_site.label_asym_id 
_atom_site.label_entity_id 
_atom_site.label_seq_id 
_atom_site.pdbx_PDB_ins_code 
_atom_site.Cartn_x 
_atom_site.Cartn_y 
_atom_site.Cartn_z 
_atom_site.occupancy 
_atom_site.B_iso_or_equiv 
_atom_site.pdbx_formal_charge 
_atom_site.auth_seq_id 
_atom_site.auth_comp_id 
_atom_site.auth_asym_id 
_atom_site.auth_atom_id 
_atom_site.pdbx_PDB_model_num 
ATOM   1    N  N   . ASP A 1 5  ? -7.190  13.844  -9.516  1.00 29.98 ? 90  ASP A N   1 
ATOM   2    C  CA  . ASP A 1 5  ? -5.761  13.431  -9.557  1.00 29.25 ? 90  ASP A CA  1 
ATOM   3    C  C   . ASP A 1 5  ? -5.582  11.933  -9.389  1.00 28.43 ? 90  ASP A C   1 
ATOM   4    O  O   . ASP A 1 5  ? -6.099  11.142  -10.179 1.00 29.95 ? 90  ASP A O   1 
ATOM   5    N  N   . MET A 1 6  ? -4.842  11.539  -8.358  1.00 26.17 ? 91  MET A N   1 
ATOM   6    C  CA  . MET A 1 6  ? -4.600  10.127  -8.090  1.00 23.07 ? 91  MET A CA  1 
ATOM   7    C  C   . MET A 1 6  ? -5.258  9.720   -6.780  1.00 19.97 ? 91  MET A C   1 
ATOM   8    O  O   . MET A 1 6  ? -5.424  10.542  -5.880  1.00 20.62 ? 91  MET A O   1 
ATOM   9    C  CB  . MET A 1 6  ? -3.096  9.853   -8.016  1.00 25.50 ? 91  MET A CB  1 
ATOM   10   C  CG  . MET A 1 6  ? -2.364  10.060  -9.330  1.00 28.83 ? 91  MET A CG  1 
ATOM   11   S  SD  . MET A 1 6  ? -0.591  9.808   -9.171  1.00 35.00 ? 91  MET A SD  1 
ATOM   12   C  CE  . MET A 1 6  ? -0.035  11.495  -8.875  1.00 34.02 ? 91  MET A CE  1 
ATOM   13   N  N   . GLU A 1 7  ? -5.641  8.451   -6.679  1.00 15.23 ? 92  GLU A N   1 
ATOM   14   C  CA  . GLU A 1 7  ? -6.272  7.949   -5.466  1.00 11.84 ? 92  GLU A CA  1 
ATOM   15   C  C   . GLU A 1 7  ? -5.190  7.333   -4.581  1.00 10.91 ? 92  GLU A C   1 
ATOM   16   O  O   . GLU A 1 7  ? -4.805  6.177   -4.766  1.00 10.18 ? 92  GLU A O   1 
ATOM   17   C  CB  . GLU A 1 7  ? -7.331  6.899   -5.817  1.00 11.81 ? 92  GLU A CB  1 
ATOM   18   C  CG  . GLU A 1 7  ? -8.227  6.481   -4.653  1.00 13.84 ? 92  GLU A CG  1 
ATOM   19   C  CD  . GLU A 1 7  ? -9.190  7.574   -4.223  1.00 15.16 ? 92  GLU A CD  1 
ATOM   20   O  OE1 . GLU A 1 7  ? -9.787  8.224   -5.108  1.00 18.63 ? 92  GLU A OE1 1 
ATOM   21   O  OE2 . GLU A 1 7  ? -9.369  7.775   -3.003  1.00 14.17 ? 92  GLU A OE2 1 
ATOM   22   N  N   . ILE A 1 8  ? -4.693  8.116   -3.629  1.00 8.75  ? 93  ILE A N   1 
ATOM   23   C  CA  . ILE A 1 8  ? -3.653  7.649   -2.719  1.00 9.22  ? 93  ILE A CA  1 
ATOM   24   C  C   . ILE A 1 8  ? -4.157  6.436   -1.957  1.00 7.76  ? 93  ILE A C   1 
ATOM   25   O  O   . ILE A 1 8  ? -5.245  6.459   -1.372  1.00 9.26  ? 93  ILE A O   1 
ATOM   26   C  CB  . ILE A 1 8  ? -3.253  8.755   -1.722  1.00 10.31 ? 93  ILE A CB  1 
ATOM   27   C  CG1 . ILE A 1 8  ? -2.768  9.987   -2.490  1.00 11.40 ? 93  ILE A CG1 1 
ATOM   28   C  CG2 . ILE A 1 8  ? -2.151  8.255   -0.798  1.00 9.80  ? 93  ILE A CG2 1 
ATOM   29   C  CD1 . ILE A 1 8  ? -1.572  9.720   -3.375  1.00 13.18 ? 93  ILE A CD1 1 
ATOM   30   N  N   . ALA A 1 9  ? -3.356  5.375   -1.948  1.00 7.17  ? 94  ALA A N   1 
ATOM   31   C  CA  . ALA A 1 9  ? -3.762  4.140   -1.292  1.00 7.39  ? 94  ALA A CA  1 
ATOM   32   C  C   . ALA A 1 9  ? -2.594  3.307   -0.800  1.00 7.33  ? 94  ALA A C   1 
ATOM   33   O  O   . ALA A 1 9  ? -1.431  3.639   -1.032  1.00 7.50  ? 94  ALA A O   1 
ATOM   34   C  CB  . ALA A 1 9  ? -4.601  3.319   -2.263  1.00 9.98  ? 94  ALA A CB  1 
ATOM   35   N  N   . TYR A 1 10 ? -2.916  2.215   -0.113  1.00 6.99  ? 95  TYR A N   1 
ATOM   36   C  CA  . TYR A 1 10 ? -1.903  1.295   0.393   1.00 6.63  ? 95  TYR A CA  1 
ATOM   37   C  C   . TYR A 1 10 ? -2.400  -0.137  0.311   1.00 7.38  ? 95  TYR A C   1 
ATOM   38   O  O   . TYR A 1 10 ? -3.578  -0.409  0.553   1.00 7.75  ? 95  TYR A O   1 
ATOM   39   C  CB  . TYR A 1 10 ? -1.561  1.579   1.858   1.00 8.31  ? 95  TYR A CB  1 
ATOM   40   C  CG  . TYR A 1 10 ? -0.861  2.888   2.099   1.00 8.54  ? 95  TYR A CG  1 
ATOM   41   C  CD1 . TYR A 1 10 ? -1.581  4.034   2.413   1.00 10.21 ? 95  TYR A CD1 1 
ATOM   42   C  CD2 . TYR A 1 10 ? 0.524   2.980   2.006   1.00 10.87 ? 95  TYR A CD2 1 
ATOM   43   C  CE1 . TYR A 1 10 ? -0.937  5.249   2.630   1.00 10.39 ? 95  TYR A CE1 1 
ATOM   44   C  CE2 . TYR A 1 10 ? 1.179   4.185   2.218   1.00 9.92  ? 95  TYR A CE2 1 
ATOM   45   C  CZ  . TYR A 1 10 ? 0.442   5.315   2.530   1.00 11.04 ? 95  TYR A CZ  1 
ATOM   46   O  OH  . TYR A 1 10 ? 1.085   6.516   2.733   1.00 13.32 ? 95  TYR A OH  1 
ATOM   47   N  N   . PRO A 1 11 ? -1.512  -1.068  -0.053  1.00 8.01  ? 96  PRO A N   1 
ATOM   48   C  CA  . PRO A 1 11 ? -1.902  -2.475  -0.140  1.00 8.15  ? 96  PRO A CA  1 
ATOM   49   C  C   . PRO A 1 11 ? -1.941  -3.006  1.293   1.00 8.96  ? 96  PRO A C   1 
ATOM   50   O  O   . PRO A 1 11 ? -1.002  -2.785  2.068   1.00 9.12  ? 96  PRO A O   1 
ATOM   51   C  CB  . PRO A 1 11 ? -0.773  -3.094  -0.965  1.00 8.18  ? 96  PRO A CB  1 
ATOM   52   C  CG  . PRO A 1 11 ? 0.421   -2.280  -0.550  1.00 8.33  ? 96  PRO A CG  1 
ATOM   53   C  CD  . PRO A 1 11 ? -0.134  -0.866  -0.534  1.00 8.34  ? 96  PRO A CD  1 
ATOM   54   N  N   . ILE A 1 12 ? -3.031  -3.678  1.654   1.00 7.33  ? 97  ILE A N   1 
ATOM   55   C  CA  . ILE A 1 12 ? -3.165  -4.226  3.001   1.00 9.16  ? 97  ILE A CA  1 
ATOM   56   C  C   . ILE A 1 12 ? -3.554  -5.695  2.947   1.00 8.86  ? 97  ILE A C   1 
ATOM   57   O  O   . ILE A 1 12 ? -3.923  -6.216  1.892   1.00 8.64  ? 97  ILE A O   1 
ATOM   58   C  CB  . ILE A 1 12 ? -4.237  -3.470  3.828   1.00 8.43  ? 97  ILE A CB  1 
ATOM   59   C  CG1 . ILE A 1 12 ? -5.605  -3.568  3.145   1.00 8.18  ? 97  ILE A CG1 1 
ATOM   60   C  CG2 . ILE A 1 12 ? -3.813  -2.010  4.013   1.00 8.87  ? 97  ILE A CG2 1 
ATOM   61   C  CD1 . ILE A 1 12 ? -6.753  -2.983  3.964   1.00 9.31  ? 97  ILE A CD1 1 
ATOM   62   N  N   . THR A 1 13 ? -3.454  -6.363  4.091   1.00 7.30  ? 98  THR A N   1 
ATOM   63   C  CA  . THR A 1 13 ? -3.818  -7.768  4.185   1.00 8.52  ? 98  THR A CA  1 
ATOM   64   C  C   . THR A 1 13 ? -4.489  -8.043  5.520   1.00 8.29  ? 98  THR A C   1 
ATOM   65   O  O   . THR A 1 13 ? -4.447  -7.227  6.443   1.00 9.48  ? 98  THR A O   1 
ATOM   66   C  CB  . THR A 1 13 ? -2.589  -8.700  4.105   1.00 8.50  ? 98  THR A CB  1 
ATOM   67   O  OG1 . THR A 1 13 ? -1.751  -8.488  5.251   1.00 10.07 ? 98  THR A OG1 1 
ATOM   68   C  CG2 . THR A 1 13 ? -1.794  -8.433  2.837   1.00 9.54  ? 98  THR A CG2 1 
ATOM   69   N  N   . CYS A 1 14 ? -5.137  -9.195  5.594   1.00 9.66  ? 99  CYS A N   1 
ATOM   70   C  CA  . CYS A 1 14 ? -5.773  -9.660  6.816   1.00 9.10  ? 99  CYS A CA  1 
ATOM   71   C  C   . CYS A 1 14 ? -5.824  -11.156 6.603   1.00 12.17 ? 99  CYS A C   1 
ATOM   72   O  O   . CYS A 1 14 ? -6.478  -11.631 5.679   1.00 10.72 ? 99  CYS A O   1 
ATOM   73   C  CB  . CYS A 1 14 ? -7.183  -9.103  6.991   1.00 10.01 ? 99  CYS A CB  1 
ATOM   74   S  SG  . CYS A 1 14 ? -7.899  -9.626  8.573   1.00 11.72 ? 99  CYS A SG  1 
ATOM   75   N  N   . GLY A 1 15 ? -5.117  -11.896 7.448   1.00 13.00 ? 100 GLY A N   1 
ATOM   76   C  CA  . GLY A 1 15 ? -5.080  -13.331 7.272   1.00 13.38 ? 100 GLY A CA  1 
ATOM   77   C  C   . GLY A 1 15 ? -4.407  -13.565 5.933   1.00 13.43 ? 100 GLY A C   1 
ATOM   78   O  O   . GLY A 1 15 ? -3.319  -13.043 5.686   1.00 14.22 ? 100 GLY A O   1 
ATOM   79   N  N   . GLU A 1 16 ? -5.053  -14.319 5.052   1.00 13.88 ? 101 GLU A N   1 
ATOM   80   C  CA  . GLU A 1 16 ? -4.486  -14.591 3.738   1.00 14.73 ? 101 GLU A CA  1 
ATOM   81   C  C   . GLU A 1 16 ? -5.224  -13.822 2.647   1.00 14.58 ? 101 GLU A C   1 
ATOM   82   O  O   . GLU A 1 16 ? -5.118  -14.147 1.464   1.00 15.47 ? 101 GLU A O   1 
ATOM   83   C  CB  . GLU A 1 16 ? -4.529  -16.096 3.454   1.00 17.42 ? 101 GLU A CB  1 
ATOM   84   C  CG  . GLU A 1 16 ? -3.718  -16.907 4.457   1.00 19.49 ? 101 GLU A CG  1 
ATOM   85   C  CD  . GLU A 1 16 ? -3.716  -18.396 4.168   1.00 24.11 ? 101 GLU A CD  1 
ATOM   86   O  OE1 . GLU A 1 16 ? -3.153  -19.154 4.985   1.00 26.10 ? 101 GLU A OE1 1 
ATOM   87   O  OE2 . GLU A 1 16 ? -4.271  -18.807 3.129   1.00 25.24 ? 101 GLU A OE2 1 
ATOM   88   N  N   . SER A 1 17 ? -5.960  -12.792 3.056   1.00 13.03 ? 102 SER A N   1 
ATOM   89   C  CA  . SER A 1 17 ? -6.722  -11.960 2.128   1.00 12.06 ? 102 SER A CA  1 
ATOM   90   C  C   . SER A 1 17 ? -6.010  -10.640 1.836   1.00 11.93 ? 102 SER A C   1 
ATOM   91   O  O   . SER A 1 17 ? -5.399  -10.043 2.726   1.00 11.30 ? 102 SER A O   1 
ATOM   92   C  CB  . SER A 1 17 ? -8.113  -11.668 2.699   1.00 12.47 ? 102 SER A CB  1 
ATOM   93   O  OG  . SER A 1 17 ? -8.870  -12.861 2.848   1.00 13.22 ? 102 SER A OG  1 
ATOM   94   N  N   . LYS A 1 18 ? -6.100  -10.192 0.585   1.00 10.19 ? 103 LYS A N   1 
ATOM   95   C  CA  . LYS A 1 18 ? -5.477  -8.940  0.156   1.00 9.79  ? 103 LYS A CA  1 
ATOM   96   C  C   . LYS A 1 18 ? -6.535  -7.926  -0.257  1.00 9.36  ? 103 LYS A C   1 
ATOM   97   O  O   . LYS A 1 18 ? -7.550  -8.279  -0.859  1.00 10.51 ? 103 LYS A O   1 
ATOM   98   C  CB  . LYS A 1 18 ? -4.541  -9.181  -1.033  1.00 10.32 ? 103 LYS A CB  1 
ATOM   99   C  CG  . LYS A 1 18 ? -3.332  -10.048 -0.719  1.00 9.66  ? 103 LYS A CG  1 
ATOM   100  C  CD  . LYS A 1 18 ? -2.385  -10.146 -1.909  1.00 14.18 ? 103 LYS A CD  1 
ATOM   101  C  CE  . LYS A 1 18 ? -2.982  -10.951 -3.049  1.00 15.18 ? 103 LYS A CE  1 
ATOM   102  N  NZ  . LYS A 1 18 ? -2.032  -11.061 -4.194  1.00 17.64 ? 103 LYS A NZ  1 
ATOM   103  N  N   . ALA A 1 19 ? -6.285  -6.663  0.059   1.00 7.78  ? 104 ALA A N   1 
ATOM   104  C  CA  . ALA A 1 19 ? -7.208  -5.596  -0.294  1.00 6.95  ? 104 ALA A CA  1 
ATOM   105  C  C   . ALA A 1 19 ? -6.429  -4.300  -0.437  1.00 7.35  ? 104 ALA A C   1 
ATOM   106  O  O   . ALA A 1 19 ? -5.206  -4.278  -0.264  1.00 8.76  ? 104 ALA A O   1 
ATOM   107  C  CB  . ALA A 1 19 ? -8.287  -5.458  0.771   1.00 7.12  ? 104 ALA A CB  1 
ATOM   108  N  N   . ILE A 1 20 ? -7.141  -3.227  -0.764  1.00 6.88  ? 105 ILE A N   1 
ATOM   109  C  CA  . ILE A 1 20 ? -6.518  -1.922  -0.942  1.00 8.16  ? 105 ILE A CA  1 
ATOM   110  C  C   . ILE A 1 20 ? -7.208  -0.881  -0.074  1.00 8.63  ? 105 ILE A C   1 
ATOM   111  O  O   . ILE A 1 20 ? -8.425  -0.725  -0.128  1.00 8.63  ? 105 ILE A O   1 
ATOM   112  C  CB  . ILE A 1 20 ? -6.605  -1.472  -2.416  1.00 7.69  ? 105 ILE A CB  1 
ATOM   113  C  CG1 . ILE A 1 20 ? -5.900  -2.496  -3.306  1.00 7.73  ? 105 ILE A CG1 1 
ATOM   114  C  CG2 . ILE A 1 20 ? -5.970  -0.097  -2.592  1.00 8.92  ? 105 ILE A CG2 1 
ATOM   115  C  CD1 . ILE A 1 20 ? -6.035  -2.204  -4.786  1.00 11.16 ? 105 ILE A CD1 1 
ATOM   116  N  N   . LEU A 1 21 ? -6.422  -0.179  0.733   1.00 7.01  ? 106 LEU A N   1 
ATOM   117  C  CA  . LEU A 1 21 ? -6.959  0.865   1.599   1.00 6.45  ? 106 LEU A CA  1 
ATOM   118  C  C   . LEU A 1 21 ? -6.887  2.202   0.864   1.00 7.45  ? 106 LEU A C   1 
ATOM   119  O  O   . LEU A 1 21 ? -5.802  2.636   0.486   1.00 7.83  ? 106 LEU A O   1 
ATOM   120  C  CB  . LEU A 1 21 ? -6.132  0.956   2.892   1.00 7.15  ? 106 LEU A CB  1 
ATOM   121  C  CG  . LEU A 1 21 ? -6.519  2.057   3.891   1.00 6.86  ? 106 LEU A CG  1 
ATOM   122  C  CD1 . LEU A 1 21 ? -7.869  1.737   4.505   1.00 7.98  ? 106 LEU A CD1 1 
ATOM   123  C  CD2 . LEU A 1 21 ? -5.463  2.159   4.987   1.00 9.25  ? 106 LEU A CD2 1 
ATOM   124  N  N   . LEU A 1 22 ? -8.037  2.837   0.641   1.00 7.31  ? 107 LEU A N   1 
ATOM   125  C  CA  . LEU A 1 22 ? -8.062  4.148   -0.014  1.00 7.93  ? 107 LEU A CA  1 
ATOM   126  C  C   . LEU A 1 22 ? -7.830  5.125   1.134   1.00 8.46  ? 107 LEU A C   1 
ATOM   127  O  O   . LEU A 1 22 ? -8.731  5.392   1.934   1.00 8.87  ? 107 LEU A O   1 
ATOM   128  C  CB  . LEU A 1 22 ? -9.417  4.389   -0.686  1.00 10.04 ? 107 LEU A CB  1 
ATOM   129  C  CG  . LEU A 1 22 ? -9.823  3.317   -1.700  1.00 10.30 ? 107 LEU A CG  1 
ATOM   130  C  CD1 . LEU A 1 22 ? -11.099 3.752   -2.400  1.00 12.60 ? 107 LEU A CD1 1 
ATOM   131  C  CD2 . LEU A 1 22 ? -8.706  3.092   -2.717  1.00 12.65 ? 107 LEU A CD2 1 
ATOM   132  N  N   . TRP A 1 23 ? -6.616  5.665   1.207   1.00 8.60  ? 108 TRP A N   1 
ATOM   133  C  CA  . TRP A 1 23 ? -6.238  6.536   2.313   1.00 7.77  ? 108 TRP A CA  1 
ATOM   134  C  C   . TRP A 1 23 ? -7.097  7.747   2.643   1.00 7.28  ? 108 TRP A C   1 
ATOM   135  O  O   . TRP A 1 23 ? -7.407  7.974   3.812   1.00 6.62  ? 108 TRP A O   1 
ATOM   136  C  CB  . TRP A 1 23 ? -4.784  6.981   2.163   1.00 8.95  ? 108 TRP A CB  1 
ATOM   137  C  CG  . TRP A 1 23 ? -4.306  7.766   3.352   1.00 9.03  ? 108 TRP A CG  1 
ATOM   138  C  CD1 . TRP A 1 23 ? -4.206  7.327   4.641   1.00 10.36 ? 108 TRP A CD1 1 
ATOM   139  C  CD2 . TRP A 1 23 ? -3.921  9.146   3.365   1.00 10.42 ? 108 TRP A CD2 1 
ATOM   140  N  NE1 . TRP A 1 23 ? -3.782  8.354   5.458   1.00 11.00 ? 108 TRP A NE1 1 
ATOM   141  C  CE2 . TRP A 1 23 ? -3.600  9.480   4.698   1.00 11.06 ? 108 TRP A CE2 1 
ATOM   142  C  CE3 . TRP A 1 23 ? -3.815  10.135  2.377   1.00 10.40 ? 108 TRP A CE3 1 
ATOM   143  C  CZ2 . TRP A 1 23 ? -3.181  10.762  5.068   1.00 12.44 ? 108 TRP A CZ2 1 
ATOM   144  C  CZ3 . TRP A 1 23 ? -3.395  11.412  2.746   1.00 10.88 ? 108 TRP A CZ3 1 
ATOM   145  C  CH2 . TRP A 1 23 ? -3.085  11.711  4.082   1.00 11.69 ? 108 TRP A CH2 1 
ATOM   146  N  N   . LYS A 1 24 ? -7.473  8.540   1.648   1.00 7.73  ? 109 LYS A N   1 
ATOM   147  C  CA  . LYS A 1 24 ? -8.287  9.706   1.958   1.00 7.78  ? 109 LYS A CA  1 
ATOM   148  C  C   . LYS A 1 24 ? -9.693  9.338   2.424   1.00 7.73  ? 109 LYS A C   1 
ATOM   149  O  O   . LYS A 1 24 ? -10.350 10.139  3.083   1.00 8.65  ? 109 LYS A O   1 
ATOM   150  C  CB  . LYS A 1 24 ? -8.326  10.672  0.770   1.00 8.27  ? 109 LYS A CB  1 
ATOM   151  C  CG  . LYS A 1 24 ? -6.964  11.327  0.529   1.00 9.47  ? 109 LYS A CG  1 
ATOM   152  C  CD  . LYS A 1 24 ? -7.028  12.473  -0.457  1.00 11.88 ? 109 LYS A CD  1 
ATOM   153  C  CE  . LYS A 1 24 ? -5.635  13.029  -0.703  1.00 14.96 ? 109 LYS A CE  1 
ATOM   154  N  NZ  . LYS A 1 24 ? -5.629  14.099  -1.739  1.00 17.27 ? 109 LYS A NZ  1 
ATOM   155  N  N   . LYS A 1 25 ? -10.144 8.125   2.105   1.00 8.52  ? 110 LYS A N   1 
ATOM   156  C  CA  . LYS A 1 25 ? -11.465 7.663   2.540   1.00 8.41  ? 110 LYS A CA  1 
ATOM   157  C  C   . LYS A 1 25 ? -11.379 7.050   3.945   1.00 7.93  ? 110 LYS A C   1 
ATOM   158  O  O   . LYS A 1 25 ? -12.399 6.767   4.574   1.00 8.05  ? 110 LYS A O   1 
ATOM   159  C  CB  . LYS A 1 25 ? -12.022 6.611   1.573   1.00 9.29  ? 110 LYS A CB  1 
ATOM   160  C  CG  . LYS A 1 25 ? -12.724 7.168   0.344   1.00 13.54 ? 110 LYS A CG  1 
ATOM   161  C  CD  . LYS A 1 25 ? -11.818 8.013   -0.517  1.00 15.25 ? 110 LYS A CD  1 
ATOM   162  C  CE  . LYS A 1 25 ? -12.567 8.493   -1.754  1.00 16.45 ? 110 LYS A CE  1 
ATOM   163  N  NZ  . LYS A 1 25 ? -11.691 9.289   -2.654  1.00 15.38 ? 110 LYS A NZ  1 
ATOM   164  N  N   . PHE A 1 26 ? -10.151 6.852   4.418   1.00 8.41  ? 111 PHE A N   1 
ATOM   165  C  CA  . PHE A 1 26 ? -9.870  6.267   5.733   1.00 7.30  ? 111 PHE A CA  1 
ATOM   166  C  C   . PHE A 1 26 ? -10.058 7.350   6.802   1.00 7.60  ? 111 PHE A C   1 
ATOM   167  O  O   . PHE A 1 26 ? -9.094  7.920   7.308   1.00 8.13  ? 111 PHE A O   1 
ATOM   168  C  CB  . PHE A 1 26 ? -8.429  5.747   5.711   1.00 6.58  ? 111 PHE A CB  1 
ATOM   169  C  CG  . PHE A 1 26 ? -8.009  4.997   6.947   1.00 8.58  ? 111 PHE A CG  1 
ATOM   170  C  CD1 . PHE A 1 26 ? -8.796  3.974   7.469   1.00 9.28  ? 111 PHE A CD1 1 
ATOM   171  C  CD2 . PHE A 1 26 ? -6.775  5.258   7.536   1.00 7.85  ? 111 PHE A CD2 1 
ATOM   172  C  CE1 . PHE A 1 26 ? -8.358  3.215   8.555   1.00 10.67 ? 111 PHE A CE1 1 
ATOM   173  C  CE2 . PHE A 1 26 ? -6.323  4.503   8.625   1.00 10.49 ? 111 PHE A CE2 1 
ATOM   174  C  CZ  . PHE A 1 26 ? -7.119  3.480   9.131   1.00 9.39  ? 111 PHE A CZ  1 
ATOM   175  N  N   . VAL A 1 27 ? -11.318 7.610   7.141   1.00 7.58  ? 112 VAL A N   1 
ATOM   176  C  CA  . VAL A 1 27 ? -11.687 8.649   8.098   1.00 9.07  ? 112 VAL A CA  1 
ATOM   177  C  C   . VAL A 1 27 ? -12.046 8.095   9.474   1.00 8.21  ? 112 VAL A C   1 
ATOM   178  O  O   . VAL A 1 27 ? -12.712 7.067   9.582   1.00 9.32  ? 112 VAL A O   1 
ATOM   179  C  CB  . VAL A 1 27 ? -12.883 9.461   7.539   1.00 9.94  ? 112 VAL A CB  1 
ATOM   180  C  CG1 . VAL A 1 27 ? -13.298 10.547  8.513   1.00 11.25 ? 112 VAL A CG1 1 
ATOM   181  C  CG2 . VAL A 1 27 ? -12.502 10.068  6.193   1.00 11.13 ? 112 VAL A CG2 1 
ATOM   182  N  N   . CYS A 1 28 ? -11.602 8.778   10.525  1.00 7.63  ? 113 CYS A N   1 
ATOM   183  C  CA  . CYS A 1 28 ? -11.892 8.336   11.888  1.00 8.90  ? 113 CYS A CA  1 
ATOM   184  C  C   . CYS A 1 28 ? -13.398 8.180   12.078  1.00 9.18  ? 113 CYS A C   1 
ATOM   185  O  O   . CYS A 1 28 ? -14.172 9.023   11.623  1.00 10.06 ? 113 CYS A O   1 
ATOM   186  C  CB  . CYS A 1 28 ? -11.353 9.353   12.886  1.00 8.16  ? 113 CYS A CB  1 
ATOM   187  S  SG  . CYS A 1 28 ? -11.736 8.961   14.605  1.00 9.09  ? 113 CYS A SG  1 
ATOM   188  N  N   . PRO A 1 29 ? -13.836 7.135   12.810  1.00 9.85  ? 114 PRO A N   1 
ATOM   189  C  CA  . PRO A 1 29 ? -13.056 6.086   13.479  1.00 10.21 ? 114 PRO A CA  1 
ATOM   190  C  C   . PRO A 1 29 ? -12.739 4.865   12.615  1.00 10.04 ? 114 PRO A C   1 
ATOM   191  O  O   . PRO A 1 29 ? -12.349 3.811   13.131  1.00 10.23 ? 114 PRO A O   1 
ATOM   192  C  CB  . PRO A 1 29 ? -13.935 5.733   14.668  1.00 10.56 ? 114 PRO A CB  1 
ATOM   193  C  CG  . PRO A 1 29 ? -15.293 5.782   14.059  1.00 11.21 ? 114 PRO A CG  1 
ATOM   194  C  CD  . PRO A 1 29 ? -15.257 7.037   13.193  1.00 10.48 ? 114 PRO A CD  1 
ATOM   195  N  N   . GLY A 1 30 ? -12.937 5.010   11.309  1.00 9.46  ? 115 GLY A N   1 
ATOM   196  C  CA  . GLY A 1 30 ? -12.640 3.957   10.354  1.00 11.16 ? 115 GLY A CA  1 
ATOM   197  C  C   . GLY A 1 30 ? -13.399 2.643   10.339  1.00 10.21 ? 115 GLY A C   1 
ATOM   198  O  O   . GLY A 1 30 ? -13.692 2.124   9.261   1.00 9.99  ? 115 GLY A O   1 
ATOM   199  N  N   . ILE A 1 31 ? -13.727 2.103   11.508  1.00 10.81 ? 116 ILE A N   1 
ATOM   200  C  CA  . ILE A 1 31 ? -14.393 0.801   11.594  1.00 11.30 ? 116 ILE A CA  1 
ATOM   201  C  C   . ILE A 1 31 ? -15.541 0.525   10.612  1.00 10.26 ? 116 ILE A C   1 
ATOM   202  O  O   . ILE A 1 31 ? -15.537 -0.511  9.935   1.00 9.87  ? 116 ILE A O   1 
ATOM   203  C  CB  . ILE A 1 31 ? -14.860 0.525   13.050  1.00 11.20 ? 116 ILE A CB  1 
ATOM   204  C  CG1 . ILE A 1 31 ? -15.299 -0.933  13.187  1.00 12.94 ? 116 ILE A CG1 1 
ATOM   205  C  CG2 . ILE A 1 31 ? -15.983 1.474   13.440  1.00 13.03 ? 116 ILE A CG2 1 
ATOM   206  C  CD1 . ILE A 1 31 ? -15.482 -1.370  14.617  1.00 14.58 ? 116 ILE A CD1 1 
ATOM   207  N  N   . ASN A 1 32 ? -16.507 1.435   10.516  1.00 10.54 ? 117 ASN A N   1 
ATOM   208  C  CA  . ASN A 1 32 ? -17.638 1.241   9.606   1.00 11.42 ? 117 ASN A CA  1 
ATOM   209  C  C   . ASN A 1 32 ? -17.616 2.169   8.399   1.00 11.23 ? 117 ASN A C   1 
ATOM   210  O  O   . ASN A 1 32 ? -18.650 2.413   7.774   1.00 13.72 ? 117 ASN A O   1 
ATOM   211  C  CB  . ASN A 1 32 ? -18.959 1.421   10.356  1.00 12.60 ? 117 ASN A CB  1 
ATOM   212  C  CG  . ASN A 1 32 ? -19.166 0.368   11.420  1.00 12.84 ? 117 ASN A CG  1 
ATOM   213  O  OD1 . ASN A 1 32 ? -19.094 -0.830  11.145  1.00 14.08 ? 117 ASN A OD1 1 
ATOM   214  N  ND2 . ASN A 1 32 ? -19.425 0.806   12.647  1.00 15.16 ? 117 ASN A ND2 1 
ATOM   215  N  N   . VAL A 1 33 ? -16.435 2.675   8.068   1.00 10.14 ? 118 VAL A N   1 
ATOM   216  C  CA  . VAL A 1 33 ? -16.285 3.577   6.934   1.00 9.56  ? 118 VAL A CA  1 
ATOM   217  C  C   . VAL A 1 33 ? -15.867 2.766   5.718   1.00 9.51  ? 118 VAL A C   1 
ATOM   218  O  O   . VAL A 1 33 ? -14.927 1.975   5.794   1.00 9.78  ? 118 VAL A O   1 
ATOM   219  C  CB  . VAL A 1 33 ? -15.202 4.636   7.218   1.00 9.81  ? 118 VAL A CB  1 
ATOM   220  C  CG1 . VAL A 1 33 ? -15.072 5.584   6.034   1.00 10.58 ? 118 VAL A CG1 1 
ATOM   221  C  CG2 . VAL A 1 33 ? -15.545 5.398   8.491   1.00 10.62 ? 118 VAL A CG2 1 
ATOM   222  N  N   . LYS A 1 34 ? -16.566 2.950   4.601   1.00 11.01 ? 119 LYS A N   1 
ATOM   223  C  CA  . LYS A 1 34 ? -16.230 2.213   3.391   1.00 10.71 ? 119 LYS A CA  1 
ATOM   224  C  C   . LYS A 1 34 ? -14.981 2.831   2.774   1.00 12.23 ? 119 LYS A C   1 
ATOM   225  O  O   . LYS A 1 34 ? -15.041 3.847   2.079   1.00 14.77 ? 119 LYS A O   1 
ATOM   226  C  CB  . LYS A 1 34 ? -17.415 2.227   2.418   1.00 12.91 ? 119 LYS A CB  1 
ATOM   227  C  CG  . LYS A 1 34 ? -18.632 1.510   2.993   1.00 14.63 ? 119 LYS A CG  1 
ATOM   228  C  CD  . LYS A 1 34 ? -19.789 1.447   2.010   1.00 18.80 ? 119 LYS A CD  1 
ATOM   229  C  CE  . LYS A 1 34 ? -20.967 0.691   2.608   1.00 22.19 ? 119 LYS A CE  1 
ATOM   230  N  NZ  . LYS A 1 34 ? -22.098 0.572   1.646   1.00 25.70 ? 119 LYS A NZ  1 
ATOM   231  N  N   . CYS A 1 35 ? -13.841 2.208   3.054   1.00 8.54  ? 120 CYS A N   1 
ATOM   232  C  CA  . CYS A 1 35 ? -12.564 2.704   2.568   1.00 8.75  ? 120 CYS A CA  1 
ATOM   233  C  C   . CYS A 1 35 ? -11.622 1.594   2.118   1.00 9.34  ? 120 CYS A C   1 
ATOM   234  O  O   . CYS A 1 35 ? -10.457 1.844   1.814   1.00 10.01 ? 120 CYS A O   1 
ATOM   235  C  CB  . CYS A 1 35 ? -11.887 3.528   3.668   1.00 8.80  ? 120 CYS A CB  1 
ATOM   236  S  SG  . CYS A 1 35 ? -11.562 2.623   5.209   1.00 8.53  ? 120 CYS A SG  1 
ATOM   237  N  N   . VAL A 1 36 ? -12.127 0.367   2.075   1.00 8.54  ? 121 VAL A N   1 
ATOM   238  C  CA  . VAL A 1 36 ? -11.317 -0.769  1.660   1.00 9.07  ? 121 VAL A CA  1 
ATOM   239  C  C   . VAL A 1 36 ? -11.861 -1.385  0.377   1.00 8.42  ? 121 VAL A C   1 
ATOM   240  O  O   . VAL A 1 36 ? -13.033 -1.750  0.311   1.00 9.58  ? 121 VAL A O   1 
ATOM   241  C  CB  . VAL A 1 36 ? -11.296 -1.863  2.747   1.00 8.90  ? 121 VAL A CB  1 
ATOM   242  C  CG1 . VAL A 1 36 ? -10.552 -3.089  2.243   1.00 9.21  ? 121 VAL A CG1 1 
ATOM   243  C  CG2 . VAL A 1 36 ? -10.640 -1.327  4.012   1.00 8.35  ? 121 VAL A CG2 1 
ATOM   244  N  N   . LYS A 1 37 ? -11.015 -1.490  -0.645  1.00 8.21  ? 122 LYS A N   1 
ATOM   245  C  CA  . LYS A 1 37 ? -11.441 -2.096  -1.902  1.00 9.23  ? 122 LYS A CA  1 
ATOM   246  C  C   . LYS A 1 37 ? -11.078 -3.578  -1.824  1.00 10.08 ? 122 LYS A C   1 
ATOM   247  O  O   . LYS A 1 37 ? -9.906  -3.936  -1.677  1.00 9.73  ? 122 LYS A O   1 
ATOM   248  C  CB  . LYS A 1 37 ? -10.741 -1.426  -3.088  1.00 10.30 ? 122 LYS A CB  1 
ATOM   249  C  CG  . LYS A 1 37 ? -11.210 -1.909  -4.461  1.00 15.85 ? 122 LYS A CG  1 
ATOM   250  C  CD  . LYS A 1 37 ? -10.585 -1.080  -5.581  1.00 18.44 ? 122 LYS A CD  1 
ATOM   251  C  CE  . LYS A 1 37 ? -11.005 -1.586  -6.956  1.00 21.97 ? 122 LYS A CE  1 
ATOM   252  N  NZ  . LYS A 1 37 ? -10.451 -2.939  -7.267  1.00 24.83 ? 122 LYS A NZ  1 
ATOM   253  N  N   . PHE A 1 38 ? -12.097 -4.429  -1.905  1.00 9.35  ? 123 PHE A N   1 
ATOM   254  C  CA  . PHE A 1 38 ? -11.926 -5.873  -1.823  1.00 9.66  ? 123 PHE A CA  1 
ATOM   255  C  C   . PHE A 1 38 ? -12.833 -6.503  -2.872  1.00 10.57 ? 123 PHE A C   1 
ATOM   256  O  O   . PHE A 1 38 ? -14.055 -6.362  -2.806  1.00 10.35 ? 123 PHE A O   1 
ATOM   257  C  CB  . PHE A 1 38 ? -12.321 -6.342  -0.421  1.00 10.28 ? 123 PHE A CB  1 
ATOM   258  C  CG  . PHE A 1 38 ? -12.051 -7.793  -0.160  1.00 9.70  ? 123 PHE A CG  1 
ATOM   259  C  CD1 . PHE A 1 38 ? -10.783 -8.329  -0.361  1.00 10.10 ? 123 PHE A CD1 1 
ATOM   260  C  CD2 . PHE A 1 38 ? -13.057 -8.615  0.336   1.00 10.87 ? 123 PHE A CD2 1 
ATOM   261  C  CE1 . PHE A 1 38 ? -10.515 -9.672  -0.065  1.00 9.45  ? 123 PHE A CE1 1 
ATOM   262  C  CE2 . PHE A 1 38 ? -12.803 -9.956  0.635   1.00 10.39 ? 123 PHE A CE2 1 
ATOM   263  C  CZ  . PHE A 1 38 ? -11.529 -10.483 0.434   1.00 10.66 ? 123 PHE A CZ  1 
ATOM   264  N  N   . ASN A 1 39 ? -12.228 -7.185  -3.839  1.00 11.64 ? 124 ASN A N   1 
ATOM   265  C  CA  . ASN A 1 39 ? -12.966 -7.814  -4.930  1.00 13.26 ? 124 ASN A CA  1 
ATOM   266  C  C   . ASN A 1 39 ? -13.850 -6.808  -5.663  1.00 13.78 ? 124 ASN A C   1 
ATOM   267  O  O   . ASN A 1 39 ? -15.011 -7.074  -5.986  1.00 14.53 ? 124 ASN A O   1 
ATOM   268  C  CB  . ASN A 1 39 ? -13.787 -8.997  -4.413  1.00 13.23 ? 124 ASN A CB  1 
ATOM   269  C  CG  . ASN A 1 39 ? -12.908 -10.146 -3.966  1.00 15.24 ? 124 ASN A CG  1 
ATOM   270  O  OD1 . ASN A 1 39 ? -11.901 -10.451 -4.608  1.00 17.13 ? 124 ASN A OD1 1 
ATOM   271  N  ND2 . ASN A 1 39 ? -13.280 -10.794 -2.869  1.00 15.31 ? 124 ASN A ND2 1 
ATOM   272  N  N   . ASP A 1 40 ? -13.262 -5.643  -5.924  1.00 14.93 ? 125 ASP A N   1 
ATOM   273  C  CA  . ASP A 1 40 ? -13.899 -4.539  -6.634  1.00 16.28 ? 125 ASP A CA  1 
ATOM   274  C  C   . ASP A 1 40 ? -15.096 -3.925  -5.919  1.00 14.69 ? 125 ASP A C   1 
ATOM   275  O  O   . ASP A 1 40 ? -15.937 -3.278  -6.544  1.00 17.76 ? 125 ASP A O   1 
ATOM   276  C  CB  . ASP A 1 40 ? -14.319 -4.973  -8.041  1.00 20.10 ? 125 ASP A CB  1 
ATOM   277  C  CG  . ASP A 1 40 ? -14.351 -3.809  -9.016  1.00 24.75 ? 125 ASP A CG  1 
ATOM   278  O  OD1 . ASP A 1 40 ? -14.907 -3.964  -10.123 1.00 26.89 ? 125 ASP A OD1 1 
ATOM   279  O  OD2 . ASP A 1 40 ? -13.809 -2.735  -8.671  1.00 27.16 ? 125 ASP A OD2 1 
ATOM   280  N  N   . GLN A 1 41 ? -15.174 -4.132  -4.611  1.00 12.89 ? 126 GLN A N   1 
ATOM   281  C  CA  . GLN A 1 41 ? -16.257 -3.568  -3.823  1.00 12.24 ? 126 GLN A CA  1 
ATOM   282  C  C   . GLN A 1 41 ? -15.658 -2.721  -2.705  1.00 10.25 ? 126 GLN A C   1 
ATOM   283  O  O   . GLN A 1 41 ? -14.661 -3.110  -2.102  1.00 11.66 ? 126 GLN A O   1 
ATOM   284  C  CB  . GLN A 1 41 ? -17.118 -4.677  -3.212  1.00 12.93 ? 126 GLN A CB  1 
ATOM   285  C  CG  . GLN A 1 41 ? -18.206 -4.147  -2.295  1.00 15.35 ? 126 GLN A CG  1 
ATOM   286  C  CD  . GLN A 1 41 ? -19.030 -5.244  -1.657  1.00 14.51 ? 126 GLN A CD  1 
ATOM   287  O  OE1 . GLN A 1 41 ? -18.493 -6.243  -1.176  1.00 15.02 ? 126 GLN A OE1 1 
ATOM   288  N  NE2 . GLN A 1 41 ? -20.347 -5.057  -1.634  1.00 17.32 ? 126 GLN A NE2 1 
ATOM   289  N  N   . LEU A 1 42 ? -16.251 -1.561  -2.442  1.00 11.38 ? 127 LEU A N   1 
ATOM   290  C  CA  . LEU A 1 42 ? -15.756 -0.706  -1.374  1.00 11.94 ? 127 LEU A CA  1 
ATOM   291  C  C   . LEU A 1 42 ? -16.481 -1.130  -0.102  1.00 11.68 ? 127 LEU A C   1 
ATOM   292  O  O   . LEU A 1 42 ? -17.710 -1.014  -0.012  1.00 13.96 ? 127 LEU A O   1 
ATOM   293  C  CB  . LEU A 1 42 ? -16.049 0.767   -1.683  1.00 12.47 ? 127 LEU A CB  1 
ATOM   294  C  CG  . LEU A 1 42 ? -15.380 1.803   -0.775  1.00 16.56 ? 127 LEU A CG  1 
ATOM   295  C  CD1 . LEU A 1 42 ? -13.871 1.756   -0.969  1.00 18.08 ? 127 LEU A CD1 1 
ATOM   296  C  CD2 . LEU A 1 42 ? -15.909 3.191   -1.105  1.00 18.80 ? 127 LEU A CD2 1 
ATOM   297  N  N   . ILE A 1 43 ? -15.727 -1.639  0.867   1.00 9.37  ? 128 ILE A N   1 
ATOM   298  C  CA  . ILE A 1 43 ? -16.310 -2.088  2.127   1.00 8.82  ? 128 ILE A CA  1 
ATOM   299  C  C   . ILE A 1 43 ? -15.573 -1.487  3.315   1.00 7.98  ? 128 ILE A C   1 
ATOM   300  O  O   . ILE A 1 43 ? -14.546 -0.828  3.160   1.00 9.13  ? 128 ILE A O   1 
ATOM   301  C  CB  . ILE A 1 43 ? -16.280 -3.634  2.255   1.00 8.54  ? 128 ILE A CB  1 
ATOM   302  C  CG1 . ILE A 1 43 ? -14.836 -4.141  2.293   1.00 9.49  ? 128 ILE A CG1 1 
ATOM   303  C  CG2 . ILE A 1 43 ? -17.032 -4.265  1.090   1.00 11.74 ? 128 ILE A CG2 1 
ATOM   304  C  CD1 . ILE A 1 43 ? -14.724 -5.649  2.470   1.00 9.56  ? 128 ILE A CD1 1 
ATOM   305  N  N   . SER A 1 44 ? -16.101 -1.721  4.507   1.00 9.12  ? 129 SER A N   1 
ATOM   306  C  CA  . SER A 1 44 ? -15.485 -1.196  5.713   1.00 7.99  ? 129 SER A CA  1 
ATOM   307  C  C   . SER A 1 44 ? -14.417 -2.141  6.248   1.00 8.64  ? 129 SER A C   1 
ATOM   308  O  O   . SER A 1 44 ? -14.387 -3.322  5.905   1.00 8.92  ? 129 SER A O   1 
ATOM   309  C  CB  . SER A 1 44 ? -16.541 -1.026  6.801   1.00 8.34  ? 129 SER A CB  1 
ATOM   310  O  OG  . SER A 1 44 ? -17.020 -2.300  7.209   1.00 11.70 ? 129 SER A OG  1 
ATOM   311  N  N   . PRO A 1 45 ? -13.517 -1.623  7.096   1.00 10.06 ? 130 PRO A N   1 
ATOM   312  C  CA  . PRO A 1 45 ? -12.462 -2.451  7.680   1.00 9.04  ? 130 PRO A CA  1 
ATOM   313  C  C   . PRO A 1 45 ? -13.093 -3.593  8.488   1.00 9.27  ? 130 PRO A C   1 
ATOM   314  O  O   . PRO A 1 45 ? -12.574 -4.707  8.504   1.00 10.39 ? 130 PRO A O   1 
ATOM   315  C  CB  . PRO A 1 45 ? -11.708 -1.463  8.569   1.00 9.02  ? 130 PRO A CB  1 
ATOM   316  C  CG  . PRO A 1 45 ? -11.801 -0.196  7.783   1.00 9.79  ? 130 PRO A CG  1 
ATOM   317  C  CD  . PRO A 1 45 ? -13.252 -0.190  7.332   1.00 8.83  ? 130 PRO A CD  1 
ATOM   318  N  N   . LYS A 1 46 ? -14.213 -3.312  9.153   1.00 9.83  ? 131 LYS A N   1 
ATOM   319  C  CA  . LYS A 1 46 ? -14.889 -4.334  9.946   1.00 10.20 ? 131 LYS A CA  1 
ATOM   320  C  C   . LYS A 1 46 ? -15.329 -5.490  9.056   1.00 10.61 ? 131 LYS A C   1 
ATOM   321  O  O   . LYS A 1 46 ? -15.154 -6.656  9.411   1.00 11.01 ? 131 LYS A O   1 
ATOM   322  C  CB  . LYS A 1 46 ? -16.109 -3.751  10.667  1.00 11.38 ? 131 LYS A CB  1 
ATOM   323  C  CG  . LYS A 1 46 ? -16.772 -4.739  11.618  1.00 14.57 ? 131 LYS A CG  1 
ATOM   324  C  CD  . LYS A 1 46 ? -17.956 -4.121  12.344  1.00 17.49 ? 131 LYS A CD  1 
ATOM   325  C  CE  . LYS A 1 46 ? -18.493 -5.069  13.408  1.00 22.92 ? 131 LYS A CE  1 
ATOM   326  N  NZ  . LYS A 1 46 ? -19.696 -4.525  14.099  1.00 26.58 ? 131 LYS A NZ  1 
ATOM   327  N  N   . HIS A 1 47 ? -15.894 -5.172  7.896   1.00 10.34 ? 132 HIS A N   1 
ATOM   328  C  CA  . HIS A 1 47 ? -16.340 -6.220  6.985   1.00 9.53  ? 132 HIS A CA  1 
ATOM   329  C  C   . HIS A 1 47 ? -15.172 -6.954  6.343   1.00 9.64  ? 132 HIS A C   1 
ATOM   330  O  O   . HIS A 1 47 ? -15.214 -8.177  6.194   1.00 8.98  ? 132 HIS A O   1 
ATOM   331  C  CB  . HIS A 1 47 ? -17.275 -5.639  5.926   1.00 10.26 ? 132 HIS A CB  1 
ATOM   332  C  CG  . HIS A 1 47 ? -18.626 -5.283  6.463   1.00 10.90 ? 132 HIS A CG  1 
ATOM   333  N  ND1 . HIS A 1 47 ? -19.553 -4.561  5.742   1.00 11.83 ? 132 HIS A ND1 1 
ATOM   334  C  CD2 . HIS A 1 47 ? -19.211 -5.563  7.653   1.00 12.18 ? 132 HIS A CD2 1 
ATOM   335  C  CE1 . HIS A 1 47 ? -20.650 -4.411  6.465   1.00 13.37 ? 132 HIS A CE1 1 
ATOM   336  N  NE2 . HIS A 1 47 ? -20.469 -5.010  7.628   1.00 12.39 ? 132 HIS A NE2 1 
ATOM   337  N  N   . PHE A 1 48 ? -14.127 -6.223  5.967   1.00 9.47  ? 133 PHE A N   1 
ATOM   338  C  CA  . PHE A 1 48 ? -12.963 -6.866  5.376   1.00 9.67  ? 133 PHE A CA  1 
ATOM   339  C  C   . PHE A 1 48 ? -12.393 -7.880  6.367   1.00 9.24  ? 133 PHE A C   1 
ATOM   340  O  O   . PHE A 1 48 ? -12.123 -9.028  6.014   1.00 10.05 ? 133 PHE A O   1 
ATOM   341  C  CB  . PHE A 1 48 ? -11.899 -5.820  5.034   1.00 8.86  ? 133 PHE A CB  1 
ATOM   342  C  CG  . PHE A 1 48 ? -10.599 -6.407  4.566   1.00 8.20  ? 133 PHE A CG  1 
ATOM   343  C  CD1 . PHE A 1 48 ? -10.573 -7.326  3.518   1.00 8.26  ? 133 PHE A CD1 1 
ATOM   344  C  CD2 . PHE A 1 48 ? -9.397  -6.044  5.171   1.00 7.23  ? 133 PHE A CD2 1 
ATOM   345  C  CE1 . PHE A 1 48 ? -9.370  -7.879  3.073   1.00 8.59  ? 133 PHE A CE1 1 
ATOM   346  C  CE2 . PHE A 1 48 ? -8.185  -6.586  4.736   1.00 7.14  ? 133 PHE A CE2 1 
ATOM   347  C  CZ  . PHE A 1 48 ? -8.174  -7.506  3.685   1.00 8.33  ? 133 PHE A CZ  1 
ATOM   348  N  N   . VAL A 1 49 ? -12.219 -7.448  7.611   1.00 10.18 ? 134 VAL A N   1 
ATOM   349  C  CA  . VAL A 1 49 ? -11.684 -8.314  8.653   1.00 9.97  ? 134 VAL A CA  1 
ATOM   350  C  C   . VAL A 1 49 ? -12.564 -9.545  8.858   1.00 9.68  ? 134 VAL A C   1 
ATOM   351  O  O   . VAL A 1 49 ? -12.058 -10.654 9.046   1.00 10.14 ? 134 VAL A O   1 
ATOM   352  C  CB  . VAL A 1 49 ? -11.539 -7.537  9.984   1.00 8.49  ? 134 VAL A CB  1 
ATOM   353  C  CG1 . VAL A 1 49 ? -11.211 -8.495  11.130  1.00 10.32 ? 134 VAL A CG1 1 
ATOM   354  C  CG2 . VAL A 1 49 ? -10.440 -6.492  9.847   1.00 10.95 ? 134 VAL A CG2 1 
ATOM   355  N  N   . HIS A 1 50 ? -13.879 -9.357  8.806   1.00 9.84  ? 135 HIS A N   1 
ATOM   356  C  CA  . HIS A 1 50 ? -14.781 -10.481 8.988   1.00 11.32 ? 135 HIS A CA  1 
ATOM   357  C  C   . HIS A 1 50 ? -14.638 -11.493 7.863   1.00 11.52 ? 135 HIS A C   1 
ATOM   358  O  O   . HIS A 1 50 ? -14.533 -12.696 8.108   1.00 11.73 ? 135 HIS A O   1 
ATOM   359  C  CB  . HIS A 1 50 ? -16.230 -10.025 9.041   1.00 12.01 ? 135 HIS A CB  1 
ATOM   360  C  CG  . HIS A 1 50 ? -17.176 -11.139 9.349   1.00 12.15 ? 135 HIS A CG  1 
ATOM   361  N  ND1 . HIS A 1 50 ? -17.336 -11.641 10.623  1.00 13.28 ? 135 HIS A ND1 1 
ATOM   362  C  CD2 . HIS A 1 50 ? -17.927 -11.922 8.539   1.00 12.55 ? 135 HIS A CD2 1 
ATOM   363  C  CE1 . HIS A 1 50 ? -18.142 -12.685 10.583  1.00 13.56 ? 135 HIS A CE1 1 
ATOM   364  N  NE2 . HIS A 1 50 ? -18.515 -12.878 9.330   1.00 13.10 ? 135 HIS A NE2 1 
ATOM   365  N  N   . LEU A 1 51 ? -14.646 -11.000 6.628   1.00 11.63 ? 136 LEU A N   1 
ATOM   366  C  CA  . LEU A 1 51 ? -14.525 -11.867 5.463   1.00 10.14 ? 136 LEU A CA  1 
ATOM   367  C  C   . LEU A 1 51 ? -13.175 -12.570 5.421   1.00 11.25 ? 136 LEU A C   1 
ATOM   368  O  O   . LEU A 1 51 ? -13.059 -13.676 4.885   1.00 13.01 ? 136 LEU A O   1 
ATOM   369  C  CB  . LEU A 1 51 ? -14.741 -11.056 4.180   1.00 10.13 ? 136 LEU A CB  1 
ATOM   370  C  CG  . LEU A 1 51 ? -16.152 -10.489 4.013   1.00 10.12 ? 136 LEU A CG  1 
ATOM   371  C  CD1 . LEU A 1 51 ? -16.216 -9.605  2.777   1.00 10.23 ? 136 LEU A CD1 1 
ATOM   372  C  CD2 . LEU A 1 51 ? -17.153 -11.638 3.901   1.00 10.61 ? 136 LEU A CD2 1 
ATOM   373  N  N   . ALA A 1 52 ? -12.157 -11.926 5.988   1.00 11.35 ? 137 ALA A N   1 
ATOM   374  C  CA  . ALA A 1 52 ? -10.814 -12.488 6.030   1.00 11.54 ? 137 ALA A CA  1 
ATOM   375  C  C   . ALA A 1 52 ? -10.702 -13.500 7.171   1.00 12.35 ? 137 ALA A C   1 
ATOM   376  O  O   . ALA A 1 52 ? -9.685  -14.180 7.305   1.00 14.07 ? 137 ALA A O   1 
ATOM   377  C  CB  . ALA A 1 52 ? -9.783  -11.375 6.204   1.00 11.49 ? 137 ALA A CB  1 
ATOM   378  N  N   . GLY A 1 53 ? -11.747 -13.572 7.993   1.00 12.01 ? 138 GLY A N   1 
ATOM   379  C  CA  . GLY A 1 53 ? -11.784 -14.524 9.092   1.00 13.64 ? 138 GLY A CA  1 
ATOM   380  C  C   . GLY A 1 53 ? -11.136 -14.157 10.412  1.00 13.80 ? 138 GLY A C   1 
ATOM   381  O  O   . GLY A 1 53 ? -10.822 -15.050 11.205  1.00 15.82 ? 138 GLY A O   1 
ATOM   382  N  N   . LYS A 1 54 ? -10.955 -12.868 10.681  1.00 12.91 ? 139 LYS A N   1 
ATOM   383  C  CA  . LYS A 1 54 ? -10.318 -12.445 11.927  1.00 14.36 ? 139 LYS A CA  1 
ATOM   384  C  C   . LYS A 1 54 ? -11.200 -11.629 12.879  1.00 14.53 ? 139 LYS A C   1 
ATOM   385  O  O   . LYS A 1 54 ? -10.682 -10.891 13.718  1.00 14.92 ? 139 LYS A O   1 
ATOM   386  C  CB  . LYS A 1 54 ? -9.051  -11.644 11.612  1.00 16.03 ? 139 LYS A CB  1 
ATOM   387  C  CG  . LYS A 1 54 ? -7.998  -12.409 10.828  1.00 19.56 ? 139 LYS A CG  1 
ATOM   388  C  CD  . LYS A 1 54 ? -7.412  -13.545 11.645  1.00 24.15 ? 139 LYS A CD  1 
ATOM   389  C  CE  . LYS A 1 54 ? -6.291  -14.242 10.891  1.00 26.65 ? 139 LYS A CE  1 
ATOM   390  N  NZ  . LYS A 1 54 ? -5.662  -15.317 11.708  1.00 28.45 ? 139 LYS A NZ  1 
ATOM   391  N  N   . SER A 1 55 ? -12.518 -11.757 12.762  1.00 14.07 ? 140 SER A N   1 
ATOM   392  C  CA  . SER A 1 55 ? -13.431 -11.019 13.633  1.00 15.59 ? 140 SER A CA  1 
ATOM   393  C  C   . SER A 1 55 ? -13.312 -11.404 15.106  1.00 16.55 ? 140 SER A C   1 
ATOM   394  O  O   . SER A 1 55 ? -13.635 -10.605 15.985  1.00 16.18 ? 140 SER A O   1 
ATOM   395  C  CB  . SER A 1 55 ? -14.885 -11.219 13.191  1.00 16.32 ? 140 SER A CB  1 
ATOM   396  O  OG  . SER A 1 55 ? -15.184 -10.484 12.017  1.00 17.60 ? 140 SER A OG  1 
ATOM   397  N  N   . THR A 1 56 ? -12.857 -12.623 15.376  1.00 17.68 ? 141 THR A N   1 
ATOM   398  C  CA  . THR A 1 56 ? -12.726 -13.091 16.755  1.00 19.63 ? 141 THR A CA  1 
ATOM   399  C  C   . THR A 1 56 ? -11.651 -12.360 17.552  1.00 20.79 ? 141 THR A C   1 
ATOM   400  O  O   . THR A 1 56 ? -11.532 -12.547 18.761  1.00 22.37 ? 141 THR A O   1 
ATOM   401  C  CB  . THR A 1 56 ? -12.425 -14.603 16.809  1.00 19.75 ? 141 THR A CB  1 
ATOM   402  O  OG1 . THR A 1 56 ? -11.247 -14.890 16.046  1.00 21.15 ? 141 THR A OG1 1 
ATOM   403  C  CG2 . THR A 1 56 ? -13.598 -15.394 16.251  1.00 21.80 ? 141 THR A CG2 1 
ATOM   404  N  N   . LEU A 1 57 ? -10.871 -11.525 16.879  1.00 20.57 ? 142 LEU A N   1 
ATOM   405  C  CA  . LEU A 1 57 ? -9.814  -10.775 17.547  1.00 20.93 ? 142 LEU A CA  1 
ATOM   406  C  C   . LEU A 1 57 ? -10.376 -9.522  18.210  1.00 20.54 ? 142 LEU A C   1 
ATOM   407  O  O   . LEU A 1 57 ? -9.796  -8.995  19.163  1.00 21.47 ? 142 LEU A O   1 
ATOM   408  C  CB  . LEU A 1 57 ? -8.738  -10.383 16.535  1.00 21.24 ? 142 LEU A CB  1 
ATOM   409  C  CG  . LEU A 1 57 ? -7.537  -9.608  17.078  1.00 23.72 ? 142 LEU A CG  1 
ATOM   410  C  CD1 . LEU A 1 57 ? -6.729  -10.504 18.003  1.00 25.33 ? 142 LEU A CD1 1 
ATOM   411  C  CD2 . LEU A 1 57 ? -6.675  -9.122  15.921  1.00 24.39 ? 142 LEU A CD2 1 
ATOM   412  N  N   . LYS A 1 58 ? -11.513 -9.058  17.703  1.00 20.65 ? 143 LYS A N   1 
ATOM   413  C  CA  . LYS A 1 58 ? -12.166 -7.860  18.214  1.00 20.52 ? 143 LYS A CA  1 
ATOM   414  C  C   . LYS A 1 58 ? -11.208 -6.675  18.245  1.00 19.20 ? 143 LYS A C   1 
ATOM   415  O  O   . LYS A 1 58 ? -11.190 -5.902  19.200  1.00 19.81 ? 143 LYS A O   1 
ATOM   416  C  CB  . LYS A 1 58 ? -12.737 -8.102  19.617  1.00 21.81 ? 143 LYS A CB  1 
ATOM   417  C  CG  . LYS A 1 58 ? -13.869 -9.117  19.654  1.00 25.94 ? 143 LYS A CG  1 
ATOM   418  C  CD  . LYS A 1 58 ? -14.599 -9.111  20.992  1.00 27.75 ? 143 LYS A CD  1 
ATOM   419  C  CE  . LYS A 1 58 ? -15.436 -7.851  21.171  1.00 30.20 ? 143 LYS A CE  1 
ATOM   420  N  NZ  . LYS A 1 58 ? -16.232 -7.885  22.432  1.00 32.81 ? 143 LYS A NZ  1 
ATOM   421  N  N   . ASP A 1 59 ? -10.408 -6.546  17.192  1.00 17.98 ? 144 ASP A N   1 
ATOM   422  C  CA  . ASP A 1 59 ? -9.455  -5.447  17.082  1.00 16.94 ? 144 ASP A CA  1 
ATOM   423  C  C   . ASP A 1 59 ? -9.043  -5.319  15.621  1.00 14.39 ? 144 ASP A C   1 
ATOM   424  O  O   . ASP A 1 59 ? -7.978  -5.795  15.226  1.00 13.19 ? 144 ASP A O   1 
ATOM   425  C  CB  . ASP A 1 59 ? -8.220  -5.721  17.940  1.00 19.78 ? 144 ASP A CB  1 
ATOM   426  C  CG  . ASP A 1 59 ? -7.382  -4.477  18.160  1.00 21.57 ? 144 ASP A CG  1 
ATOM   427  O  OD1 . ASP A 1 59 ? -7.387  -3.595  17.276  1.00 24.23 ? 144 ASP A OD1 1 
ATOM   428  O  OD2 . ASP A 1 59 ? -6.714  -4.384  19.211  1.00 25.57 ? 144 ASP A OD2 1 
ATOM   429  N  N   . TRP A 1 60 ? -9.886  -4.677  14.820  1.00 13.72 ? 145 TRP A N   1 
ATOM   430  C  CA  . TRP A 1 60 ? -9.592  -4.533  13.401  1.00 11.58 ? 145 TRP A CA  1 
ATOM   431  C  C   . TRP A 1 60 ? -8.251  -3.874  13.107  1.00 11.68 ? 145 TRP A C   1 
ATOM   432  O  O   . TRP A 1 60 ? -7.602  -4.219  12.123  1.00 11.22 ? 145 TRP A O   1 
ATOM   433  C  CB  . TRP A 1 60 ? -10.713 -3.768  12.685  1.00 12.73 ? 145 TRP A CB  1 
ATOM   434  C  CG  . TRP A 1 60 ? -10.846 -2.325  13.066  1.00 12.49 ? 145 TRP A CG  1 
ATOM   435  C  CD1 . TRP A 1 60 ? -11.555 -1.812  14.111  1.00 14.80 ? 145 TRP A CD1 1 
ATOM   436  C  CD2 . TRP A 1 60 ? -10.263 -1.204  12.387  1.00 12.87 ? 145 TRP A CD2 1 
ATOM   437  N  NE1 . TRP A 1 60 ? -11.455 -0.439  14.122  1.00 15.15 ? 145 TRP A NE1 1 
ATOM   438  C  CE2 . TRP A 1 60 ? -10.666 -0.040  13.075  1.00 13.82 ? 145 TRP A CE2 1 
ATOM   439  C  CE3 . TRP A 1 60 ? -9.440  -1.071  11.260  1.00 11.55 ? 145 TRP A CE3 1 
ATOM   440  C  CZ2 . TRP A 1 60 ? -10.274 1.242   12.675  1.00 13.90 ? 145 TRP A CZ2 1 
ATOM   441  C  CZ3 . TRP A 1 60 ? -9.049  0.206   10.861  1.00 13.72 ? 145 TRP A CZ3 1 
ATOM   442  C  CH2 . TRP A 1 60 ? -9.467  1.344   11.568  1.00 13.63 ? 145 TRP A CH2 1 
ATOM   443  N  N   . LYS A 1 61 ? -7.828  -2.946  13.961  1.00 12.41 ? 146 LYS A N   1 
ATOM   444  C  CA  . LYS A 1 61 ? -6.558  -2.256  13.747  1.00 10.71 ? 146 LYS A CA  1 
ATOM   445  C  C   . LYS A 1 61 ? -5.362  -3.184  13.904  1.00 11.56 ? 146 LYS A C   1 
ATOM   446  O  O   . LYS A 1 61 ? -4.289  -2.906  13.379  1.00 10.53 ? 146 LYS A O   1 
ATOM   447  C  CB  . LYS A 1 61 ? -6.414  -1.074  14.704  1.00 11.52 ? 146 LYS A CB  1 
ATOM   448  C  CG  . LYS A 1 61 ? -7.520  -0.048  14.590  1.00 13.34 ? 146 LYS A CG  1 
ATOM   449  C  CD  . LYS A 1 61 ? -7.255  1.144   15.494  1.00 17.39 ? 146 LYS A CD  1 
ATOM   450  C  CE  . LYS A 1 61 ? -8.505  1.986   15.683  1.00 20.50 ? 146 LYS A CE  1 
ATOM   451  N  NZ  . LYS A 1 61 ? -9.556  1.237   16.431  1.00 22.83 ? 146 LYS A NZ  1 
ATOM   452  N  N   . ARG A 1 62 ? -5.537  -4.281  14.634  1.00 11.98 ? 147 ARG A N   1 
ATOM   453  C  CA  . ARG A 1 62 ? -4.447  -5.229  14.799  1.00 13.34 ? 147 ARG A CA  1 
ATOM   454  C  C   . ARG A 1 62 ? -4.598  -6.408  13.836  1.00 11.37 ? 147 ARG A C   1 
ATOM   455  O  O   . ARG A 1 62 ? -3.621  -7.085  13.520  1.00 12.47 ? 147 ARG A O   1 
ATOM   456  C  CB  . ARG A 1 62 ? -4.371  -5.719  16.252  1.00 16.90 ? 147 ARG A CB  1 
ATOM   457  C  CG  . ARG A 1 62 ? -3.817  -4.674  17.225  1.00 21.84 ? 147 ARG A CG  1 
ATOM   458  C  CD  . ARG A 1 62 ? -3.468  -5.301  18.570  1.00 25.31 ? 147 ARG A CD  1 
ATOM   459  N  NE  . ARG A 1 62 ? -2.697  -4.401  19.428  1.00 28.94 ? 147 ARG A NE  1 
ATOM   460  C  CZ  . ARG A 1 62 ? -3.194  -3.328  20.035  1.00 30.68 ? 147 ARG A CZ  1 
ATOM   461  N  NH1 . ARG A 1 62 ? -4.472  -3.009  19.888  1.00 31.87 ? 147 ARG A NH1 1 
ATOM   462  N  NH2 . ARG A 1 62 ? -2.408  -2.568  20.788  1.00 32.40 ? 147 ARG A NH2 1 
ATOM   463  N  N   . ALA A 1 63 ? -5.820  -6.635  13.356  1.00 10.83 ? 148 ALA A N   1 
ATOM   464  C  CA  . ALA A 1 63 ? -6.099  -7.722  12.419  1.00 10.84 ? 148 ALA A CA  1 
ATOM   465  C  C   . ALA A 1 63 ? -5.607  -7.370  11.015  1.00 10.72 ? 148 ALA A C   1 
ATOM   466  O  O   . ALA A 1 63 ? -5.123  -8.230  10.282  1.00 11.78 ? 148 ALA A O   1 
ATOM   467  C  CB  . ALA A 1 63 ? -7.594  -8.012  12.385  1.00 11.04 ? 148 ALA A CB  1 
ATOM   468  N  N   . ILE A 1 64 ? -5.749  -6.101  10.643  1.00 10.36 ? 149 ILE A N   1 
ATOM   469  C  CA  . ILE A 1 64 ? -5.299  -5.643  9.333   1.00 9.17  ? 149 ILE A CA  1 
ATOM   470  C  C   . ILE A 1 64 ? -3.822  -5.283  9.397   1.00 9.50  ? 149 ILE A C   1 
ATOM   471  O  O   . ILE A 1 64 ? -3.373  -4.638  10.344  1.00 9.84  ? 149 ILE A O   1 
ATOM   472  C  CB  . ILE A 1 64 ? -6.083  -4.399  8.872   1.00 8.42  ? 149 ILE A CB  1 
ATOM   473  C  CG1 . ILE A 1 64 ? -7.566  -4.745  8.731   1.00 8.45  ? 149 ILE A CG1 1 
ATOM   474  C  CG2 . ILE A 1 64 ? -5.526  -3.885  7.547   1.00 8.85  ? 149 ILE A CG2 1 
ATOM   475  C  CD1 . ILE A 1 64 ? -8.428  -3.574  8.281   1.00 9.62  ? 149 ILE A CD1 1 
ATOM   476  N  N   . ARG A 1 65 ? -3.070  -5.697  8.382   1.00 8.79  ? 150 ARG A N   1 
ATOM   477  C  CA  . ARG A 1 65 ? -1.644  -5.412  8.322   1.00 9.21  ? 150 ARG A CA  1 
ATOM   478  C  C   . ARG A 1 65 ? -1.294  -4.671  7.035   1.00 8.39  ? 150 ARG A C   1 
ATOM   479  O  O   . ARG A 1 65 ? -1.976  -4.799  6.019   1.00 8.45  ? 150 ARG A O   1 
ATOM   480  C  CB  . ARG A 1 65 ? -0.836  -6.711  8.408   1.00 11.42 ? 150 ARG A CB  1 
ATOM   481  C  CG  . ARG A 1 65 ? -0.876  -7.375  9.781   1.00 14.60 ? 150 ARG A CG  1 
ATOM   482  C  CD  . ARG A 1 65 ? -0.154  -8.719  9.776   1.00 18.90 ? 150 ARG A CD  1 
ATOM   483  N  NE  . ARG A 1 65 ? -0.276  -9.414  11.057  1.00 20.35 ? 150 ARG A NE  1 
ATOM   484  C  CZ  . ARG A 1 65 ? 0.465   -9.156  12.131  1.00 21.94 ? 150 ARG A CZ  1 
ATOM   485  N  NH1 . ARG A 1 65 ? 1.398   -8.215  12.090  1.00 20.26 ? 150 ARG A NH1 1 
ATOM   486  N  NH2 . ARG A 1 65 ? 0.270   -9.837  13.251  1.00 23.17 ? 150 ARG A NH2 1 
ATOM   487  N  N   . LEU A 1 66 ? -0.234  -3.879  7.099   1.00 8.90  ? 151 LEU A N   1 
ATOM   488  C  CA  . LEU A 1 66 ? 0.242   -3.123  5.955   1.00 9.67  ? 151 LEU A CA  1 
ATOM   489  C  C   . LEU A 1 66 ? 1.730   -3.455  5.927   1.00 11.14 ? 151 LEU A C   1 
ATOM   490  O  O   . LEU A 1 66 ? 2.470   -3.098  6.841   1.00 10.82 ? 151 LEU A O   1 
ATOM   491  C  CB  . LEU A 1 66 ? -0.012  -1.632  6.188   1.00 11.34 ? 151 LEU A CB  1 
ATOM   492  C  CG  . LEU A 1 66 ? 0.056   -0.692  4.986   1.00 11.52 ? 151 LEU A CG  1 
ATOM   493  C  CD1 . LEU A 1 66 ? -0.686  0.592   5.312   1.00 12.24 ? 151 LEU A CD1 1 
ATOM   494  C  CD2 . LEU A 1 66 ? 1.504   -0.408  4.627   1.00 14.32 ? 151 LEU A CD2 1 
ATOM   495  N  N   . GLY A 1 67 ? 2.159   -4.175  4.899   1.00 11.68 ? 152 GLY A N   1 
ATOM   496  C  CA  . GLY A 1 67 ? 3.552   -4.572  4.831   1.00 12.35 ? 152 GLY A CA  1 
ATOM   497  C  C   . GLY A 1 67 ? 3.904   -5.480  6.000   1.00 13.27 ? 152 GLY A C   1 
ATOM   498  O  O   . GLY A 1 67 ? 5.044   -5.497  6.464   1.00 14.36 ? 152 GLY A O   1 
ATOM   499  N  N   . GLY A 1 68 ? 2.915   -6.225  6.490   1.00 12.40 ? 153 GLY A N   1 
ATOM   500  C  CA  . GLY A 1 68 ? 3.145   -7.142  7.597   1.00 11.26 ? 153 GLY A CA  1 
ATOM   501  C  C   . GLY A 1 68 ? 3.060   -6.521  8.980   1.00 11.69 ? 153 GLY A C   1 
ATOM   502  O  O   . GLY A 1 68 ? 3.067   -7.233  9.994   1.00 14.54 ? 153 GLY A O   1 
ATOM   503  N  N   . ILE A 1 69 ? 2.979   -5.197  9.029   1.00 10.74 ? 154 ILE A N   1 
ATOM   504  C  CA  . ILE A 1 69 ? 2.897   -4.482  10.296  1.00 10.40 ? 154 ILE A CA  1 
ATOM   505  C  C   . ILE A 1 69 ? 1.446   -4.148  10.627  1.00 9.87  ? 154 ILE A C   1 
ATOM   506  O  O   . ILE A 1 69 ? 0.684   -3.733  9.756   1.00 10.15 ? 154 ILE A O   1 
ATOM   507  C  CB  . ILE A 1 69 ? 3.713   -3.167  10.234  1.00 10.61 ? 154 ILE A CB  1 
ATOM   508  C  CG1 . ILE A 1 69 ? 5.184   -3.484  9.955   1.00 10.84 ? 154 ILE A CG1 1 
ATOM   509  C  CG2 . ILE A 1 69 ? 3.588   -2.403  11.549  1.00 11.37 ? 154 ILE A CG2 1 
ATOM   510  C  CD1 . ILE A 1 69 ? 6.069   -2.254  9.858   1.00 12.83 ? 154 ILE A CD1 1 
ATOM   511  N  N   . MET A 1 70 ? 1.061   -4.339  11.884  1.00 10.96 ? 155 MET A N   1 
ATOM   512  C  CA  . MET A 1 70 ? -0.302  -4.035  12.298  1.00 11.46 ? 155 MET A CA  1 
ATOM   513  C  C   . MET A 1 70 ? -0.643  -2.595  11.921  1.00 10.09 ? 155 MET A C   1 
ATOM   514  O  O   . MET A 1 70 ? 0.140   -1.675  12.168  1.00 9.41  ? 155 MET A O   1 
ATOM   515  C  CB  . MET A 1 70 ? -0.456  -4.225  13.806  1.00 14.28 ? 155 MET A CB  1 
ATOM   516  C  CG  . MET A 1 70 ? -0.397  -5.672  14.250  1.00 15.57 ? 155 MET A CG  1 
ATOM   517  S  SD  . MET A 1 70 ? -0.500  -5.806  16.042  1.00 19.06 ? 155 MET A SD  1 
ATOM   518  C  CE  . MET A 1 70 ? 0.953   -6.801  16.396  1.00 23.72 ? 155 MET A CE  1 
ATOM   519  N  N   . LEU A 1 71 ? -1.811  -2.402  11.319  1.00 8.88  ? 156 LEU A N   1 
ATOM   520  C  CA  . LEU A 1 71 ? -2.237  -1.068  10.914  1.00 9.15  ? 156 LEU A CA  1 
ATOM   521  C  C   . LEU A 1 71 ? -2.181  -0.110  12.104  1.00 9.13  ? 156 LEU A C   1 
ATOM   522  O  O   . LEU A 1 71 ? -1.822  1.057   11.956  1.00 8.41  ? 156 LEU A O   1 
ATOM   523  C  CB  . LEU A 1 71 ? -3.652  -1.127  10.328  1.00 10.53 ? 156 LEU A CB  1 
ATOM   524  C  CG  . LEU A 1 71 ? -4.195  0.156   9.695   1.00 9.86  ? 156 LEU A CG  1 
ATOM   525  C  CD1 . LEU A 1 71 ? -3.241  0.648   8.612   1.00 12.13 ? 156 LEU A CD1 1 
ATOM   526  C  CD2 . LEU A 1 71 ? -5.577  -0.110  9.108   1.00 9.98  ? 156 LEU A CD2 1 
ATOM   527  N  N   . ARG A 1 72 ? -2.526  -0.613  13.286  1.00 8.23  ? 157 ARG A N   1 
ATOM   528  C  CA  . ARG A 1 72 ? -2.497  0.183   14.511  1.00 9.75  ? 157 ARG A CA  1 
ATOM   529  C  C   . ARG A 1 72 ? -1.176  0.938   14.676  1.00 9.13  ? 157 ARG A C   1 
ATOM   530  O  O   . ARG A 1 72 ? -1.166  2.126   14.999  1.00 9.13  ? 157 ARG A O   1 
ATOM   531  C  CB  . ARG A 1 72 ? -2.716  -0.727  15.724  1.00 13.23 ? 157 ARG A CB  1 
ATOM   532  C  CG  . ARG A 1 72 ? -2.470  -0.068  17.076  1.00 18.49 ? 157 ARG A CG  1 
ATOM   533  C  CD  . ARG A 1 72 ? -3.565  0.918   17.441  1.00 25.29 ? 157 ARG A CD  1 
ATOM   534  N  NE  . ARG A 1 72 ? -3.319  1.528   18.746  1.00 31.55 ? 157 ARG A NE  1 
ATOM   535  C  CZ  . ARG A 1 72 ? -4.149  2.376   19.347  1.00 34.23 ? 157 ARG A CZ  1 
ATOM   536  N  NH1 . ARG A 1 72 ? -5.290  2.718   18.762  1.00 36.21 ? 157 ARG A NH1 1 
ATOM   537  N  NH2 . ARG A 1 72 ? -3.838  2.884   20.532  1.00 35.52 ? 157 ARG A NH2 1 
ATOM   538  N  N   . LYS A 1 73 ? -0.060  0.254   14.449  1.00 9.18  ? 158 LYS A N   1 
ATOM   539  C  CA  . LYS A 1 73 ? 1.248   0.885   14.607  1.00 8.71  ? 158 LYS A CA  1 
ATOM   540  C  C   . LYS A 1 73 ? 1.533   1.930   13.539  1.00 8.17  ? 158 LYS A C   1 
ATOM   541  O  O   . LYS A 1 73 ? 2.143   2.964   13.821  1.00 9.43  ? 158 LYS A O   1 
ATOM   542  C  CB  . LYS A 1 73 ? 2.347   -0.176  14.607  1.00 10.14 ? 158 LYS A CB  1 
ATOM   543  C  CG  . LYS A 1 73 ? 2.230   -1.177  15.748  1.00 12.29 ? 158 LYS A CG  1 
ATOM   544  C  CD  . LYS A 1 73 ? 3.391   -2.159  15.729  1.00 14.98 ? 158 LYS A CD  1 
ATOM   545  C  CE  . LYS A 1 73 ? 3.297   -3.155  16.878  1.00 19.29 ? 158 LYS A CE  1 
ATOM   546  N  NZ  . LYS A 1 73 ? 2.093   -4.019  16.774  1.00 23.88 ? 158 LYS A NZ  1 
ATOM   547  N  N   . MET A 1 74 ? 1.101   1.665   12.311  1.00 9.26  ? 159 MET A N   1 
ATOM   548  C  CA  . MET A 1 74 ? 1.321   2.621   11.233  1.00 8.20  ? 159 MET A CA  1 
ATOM   549  C  C   . MET A 1 74 ? 0.483   3.872   11.496  1.00 8.32  ? 159 MET A C   1 
ATOM   550  O  O   . MET A 1 74 ? 0.877   4.981   11.138  1.00 9.06  ? 159 MET A O   1 
ATOM   551  C  CB  . MET A 1 74 ? 0.961   1.995   9.884   1.00 9.18  ? 159 MET A CB  1 
ATOM   552  C  CG  . MET A 1 74 ? 1.759   0.728   9.554   1.00 9.24  ? 159 MET A CG  1 
ATOM   553  S  SD  . MET A 1 74 ? 3.565   0.863   9.743   1.00 11.03 ? 159 MET A SD  1 
ATOM   554  C  CE  . MET A 1 74 ? 3.971   1.961   8.391   1.00 12.41 ? 159 MET A CE  1 
ATOM   555  N  N   . MET A 1 75 ? -0.670  3.687   12.133  1.00 7.73  ? 160 MET A N   1 
ATOM   556  C  CA  . MET A 1 75 ? -1.543  4.802   12.478  1.00 7.85  ? 160 MET A CA  1 
ATOM   557  C  C   . MET A 1 75 ? -0.924  5.607   13.621  1.00 9.05  ? 160 MET A C   1 
ATOM   558  O  O   . MET A 1 75 ? -0.868  6.836   13.569  1.00 9.12  ? 160 MET A O   1 
ATOM   559  C  CB  . MET A 1 75 ? -2.920  4.289   12.905  1.00 7.97  ? 160 MET A CB  1 
ATOM   560  C  CG  . MET A 1 75 ? -3.713  3.631   11.785  1.00 9.56  ? 160 MET A CG  1 
ATOM   561  S  SD  . MET A 1 75 ? -5.129  2.708   12.394  1.00 9.86  ? 160 MET A SD  1 
ATOM   562  C  CE  . MET A 1 75 ? -6.228  4.028   12.844  1.00 10.71 ? 160 MET A CE  1 
ATOM   563  N  N   . ASP A 1 76 ? -0.459  4.908   14.653  1.00 8.82  ? 161 ASP A N   1 
ATOM   564  C  CA  . ASP A 1 76 ? 0.157   5.571   15.797  1.00 9.26  ? 161 ASP A CA  1 
ATOM   565  C  C   . ASP A 1 76 ? 1.412   6.333   15.394  1.00 9.67  ? 161 ASP A C   1 
ATOM   566  O  O   . ASP A 1 76 ? 1.757   7.337   16.015  1.00 9.93  ? 161 ASP A O   1 
ATOM   567  C  CB  . ASP A 1 76 ? 0.519   4.556   16.889  1.00 10.03 ? 161 ASP A CB  1 
ATOM   568  C  CG  . ASP A 1 76 ? -0.704  3.964   17.570  1.00 11.24 ? 161 ASP A CG  1 
ATOM   569  O  OD1 . ASP A 1 76 ? -1.792  4.578   17.498  1.00 13.36 ? 161 ASP A OD1 1 
ATOM   570  O  OD2 . ASP A 1 76 ? -0.572  2.891   18.193  1.00 13.41 ? 161 ASP A OD2 1 
ATOM   571  N  N   . SER A 1 77 ? 2.099   5.853   14.362  1.00 9.65  ? 162 SER A N   1 
ATOM   572  C  CA  . SER A 1 77 ? 3.321   6.511   13.903  1.00 9.88  ? 162 SER A CA  1 
ATOM   573  C  C   . SER A 1 77 ? 3.003   7.838   13.224  1.00 9.99  ? 162 SER A C   1 
ATOM   574  O  O   . SER A 1 77 ? 3.888   8.673   13.035  1.00 10.43 ? 162 SER A O   1 
ATOM   575  C  CB  . SER A 1 77 ? 4.080   5.618   12.923  1.00 10.14 ? 162 SER A CB  1 
ATOM   576  O  OG  . SER A 1 77 ? 3.519   5.686   11.620  1.00 10.84 ? 162 SER A OG  1 
ATOM   577  N  N   . GLY A 1 78 ? 1.738   8.023   12.852  1.00 9.72  ? 163 GLY A N   1 
ATOM   578  C  CA  . GLY A 1 78 ? 1.328   9.254   12.198  1.00 9.96  ? 163 GLY A CA  1 
ATOM   579  C  C   . GLY A 1 78 ? 1.557   9.257   10.699  1.00 10.73 ? 163 GLY A C   1 
ATOM   580  O  O   . GLY A 1 78 ? 1.130   10.179  10.001  1.00 12.49 ? 163 GLY A O   1 
ATOM   581  N  N   . GLN A 1 79 ? 2.230   8.227   10.199  1.00 10.59 ? 164 GLN A N   1 
ATOM   582  C  CA  . GLN A 1 79 ? 2.523   8.137   8.774   1.00 11.16 ? 164 GLN A CA  1 
ATOM   583  C  C   . GLN A 1 79 ? 1.329   7.647   7.966   1.00 11.18 ? 164 GLN A C   1 
ATOM   584  O  O   . GLN A 1 79 ? 1.148   8.044   6.813   1.00 11.75 ? 164 GLN A O   1 
ATOM   585  C  CB  . GLN A 1 79 ? 3.720   7.216   8.540   1.00 12.48 ? 164 GLN A CB  1 
ATOM   586  C  CG  . GLN A 1 79 ? 5.045   7.791   9.035   1.00 13.42 ? 164 GLN A CG  1 
ATOM   587  C  CD  . GLN A 1 79 ? 5.425   9.072   8.317   1.00 14.23 ? 164 GLN A CD  1 
ATOM   588  O  OE1 . GLN A 1 79 ? 5.445   9.120   7.087   1.00 15.11 ? 164 GLN A OE1 1 
ATOM   589  N  NE2 . GLN A 1 79 ? 5.736   10.116  9.080   1.00 14.12 ? 164 GLN A NE2 1 
ATOM   590  N  N   . ILE A 1 80 ? 0.520   6.779   8.563   1.00 10.56 ? 165 ILE A N   1 
ATOM   591  C  CA  . ILE A 1 80 ? -0.656  6.264   7.879   1.00 10.64 ? 165 ILE A CA  1 
ATOM   592  C  C   . ILE A 1 80 ? -1.827  6.231   8.858   1.00 8.78  ? 165 ILE A C   1 
ATOM   593  O  O   . ILE A 1 80 ? -2.377  5.174   9.171   1.00 10.23 ? 165 ILE A O   1 
ATOM   594  C  CB  . ILE A 1 80 ? -0.398  4.851   7.312   1.00 11.23 ? 165 ILE A CB  1 
ATOM   595  C  CG1 . ILE A 1 80 ? 0.899   4.853   6.490   1.00 13.77 ? 165 ILE A CG1 1 
ATOM   596  C  CG2 . ILE A 1 80 ? -1.569  4.431   6.431   1.00 13.10 ? 165 ILE A CG2 1 
ATOM   597  C  CD1 . ILE A 1 80 ? 1.323   3.492   5.987   1.00 12.19 ? 165 ILE A CD1 1 
ATOM   598  N  N   . ASP A 1 81 ? -2.190  7.411   9.344   1.00 8.75  ? 166 ASP A N   1 
ATOM   599  C  CA  . ASP A 1 81 ? -3.295  7.569   10.282  1.00 8.12  ? 166 ASP A CA  1 
ATOM   600  C  C   . ASP A 1 81 ? -4.521  8.026   9.490   1.00 8.34  ? 166 ASP A C   1 
ATOM   601  O  O   . ASP A 1 81 ? -4.435  8.254   8.284   1.00 8.67  ? 166 ASP A O   1 
ATOM   602  C  CB  . ASP A 1 81 ? -2.908  8.617   11.333  1.00 10.31 ? 166 ASP A CB  1 
ATOM   603  C  CG  . ASP A 1 81 ? -3.833  8.626   12.539  1.00 10.15 ? 166 ASP A CG  1 
ATOM   604  O  OD1 . ASP A 1 81 ? -4.593  7.654   12.725  1.00 10.48 ? 166 ASP A OD1 1 
ATOM   605  O  OD2 . ASP A 1 81 ? -3.771  9.606   13.308  1.00 11.49 ? 166 ASP A OD2 1 
ATOM   606  N  N   . PHE A 1 82 ? -5.663  8.154   10.154  1.00 7.50  ? 167 PHE A N   1 
ATOM   607  C  CA  . PHE A 1 82 ? -6.874  8.594   9.468   1.00 7.53  ? 167 PHE A CA  1 
ATOM   608  C  C   . PHE A 1 82 ? -6.637  9.913   8.737   1.00 8.14  ? 167 PHE A C   1 
ATOM   609  O  O   . PHE A 1 82 ? -5.918  10.787  9.233   1.00 7.95  ? 167 PHE A O   1 
ATOM   610  C  CB  . PHE A 1 82 ? -8.003  8.805   10.471  1.00 8.26  ? 167 PHE A CB  1 
ATOM   611  C  CG  . PHE A 1 82 ? -8.410  7.566   11.205  1.00 8.19  ? 167 PHE A CG  1 
ATOM   612  C  CD1 . PHE A 1 82 ? -8.338  7.516   12.595  1.00 8.14  ? 167 PHE A CD1 1 
ATOM   613  C  CD2 . PHE A 1 82 ? -8.917  6.470   10.517  1.00 8.97  ? 167 PHE A CD2 1 
ATOM   614  C  CE1 . PHE A 1 82 ? -8.774  6.388   13.298  1.00 8.14  ? 167 PHE A CE1 1 
ATOM   615  C  CE2 . PHE A 1 82 ? -9.356  5.336   11.208  1.00 9.20  ? 167 PHE A CE2 1 
ATOM   616  C  CZ  . PHE A 1 82 ? -9.287  5.296   12.599  1.00 8.43  ? 167 PHE A CZ  1 
ATOM   617  N  N   . TYR A 1 83 ? -7.256  10.069  7.571   1.00 8.15  ? 168 TYR A N   1 
ATOM   618  C  CA  . TYR A 1 83 ? -7.115  11.302  6.800   1.00 7.72  ? 168 TYR A CA  1 
ATOM   619  C  C   . TYR A 1 83 ? -7.667  12.485  7.597   1.00 8.04  ? 168 TYR A C   1 
ATOM   620  O  O   . TYR A 1 83 ? -8.809  12.452  8.068   1.00 8.37  ? 168 TYR A O   1 
ATOM   621  C  CB  . TYR A 1 83 ? -7.868  11.169  5.471   1.00 8.99  ? 168 TYR A CB  1 
ATOM   622  C  CG  . TYR A 1 83 ? -7.725  12.356  4.550   1.00 8.93  ? 168 TYR A CG  1 
ATOM   623  C  CD1 . TYR A 1 83 ? -6.472  12.860  4.223   1.00 8.40  ? 168 TYR A CD1 1 
ATOM   624  C  CD2 . TYR A 1 83 ? -8.845  12.966  3.993   1.00 9.63  ? 168 TYR A CD2 1 
ATOM   625  C  CE1 . TYR A 1 83 ? -6.336  13.943  3.364   1.00 10.49 ? 168 TYR A CE1 1 
ATOM   626  C  CE2 . TYR A 1 83 ? -8.720  14.053  3.128   1.00 9.67  ? 168 TYR A CE2 1 
ATOM   627  C  CZ  . TYR A 1 83 ? -7.463  14.534  2.820   1.00 10.85 ? 168 TYR A CZ  1 
ATOM   628  O  OH  . TYR A 1 83 ? -7.317  15.621  1.984   1.00 12.91 ? 168 TYR A OH  1 
ATOM   629  N  N   . GLN A 1 84 ? -6.848  13.524  7.746   1.00 9.07  ? 169 GLN A N   1 
ATOM   630  C  CA  . GLN A 1 84 ? -7.222  14.731  8.486   1.00 8.88  ? 169 GLN A CA  1 
ATOM   631  C  C   . GLN A 1 84 ? -7.585  14.444  9.938   1.00 9.20  ? 169 GLN A C   1 
ATOM   632  O  O   . GLN A 1 84 ? -8.427  15.127  10.517  1.00 9.34  ? 169 GLN A O   1 
ATOM   633  C  CB  . GLN A 1 84 ? -8.413  15.428  7.814   1.00 10.70 ? 169 GLN A CB  1 
ATOM   634  C  CG  . GLN A 1 84 ? -8.181  15.828  6.373   1.00 12.00 ? 169 GLN A CG  1 
ATOM   635  C  CD  . GLN A 1 84 ? -9.323  16.662  5.824   1.00 12.35 ? 169 GLN A CD  1 
ATOM   636  O  OE1 . GLN A 1 84 ? -10.442 16.174  5.654   1.00 16.04 ? 169 GLN A OE1 1 
ATOM   637  N  NE2 . GLN A 1 84 ? -9.047  17.929  5.553   1.00 13.81 ? 169 GLN A NE2 1 
ATOM   638  N  N   . HIS A 1 85 ? -6.935  13.455  10.542  1.00 9.22  ? 170 HIS A N   1 
ATOM   639  C  CA  . HIS A 1 85 ? -7.262  13.091  11.916  1.00 9.53  ? 170 HIS A CA  1 
ATOM   640  C  C   . HIS A 1 85 ? -7.134  14.215  12.936  1.00 11.54 ? 170 HIS A C   1 
ATOM   641  O  O   . HIS A 1 85 ? -7.839  14.214  13.946  1.00 12.17 ? 170 HIS A O   1 
ATOM   642  C  CB  . HIS A 1 85 ? -6.417  11.900  12.372  1.00 9.43  ? 170 HIS A CB  1 
ATOM   643  C  CG  . HIS A 1 85 ? -7.049  11.112  13.477  1.00 9.66  ? 170 HIS A CG  1 
ATOM   644  N  ND1 . HIS A 1 85 ? -6.372  10.149  14.189  1.00 10.40 ? 170 HIS A ND1 1 
ATOM   645  C  CD2 . HIS A 1 85 ? -8.310  11.133  13.969  1.00 9.25  ? 170 HIS A CD2 1 
ATOM   646  C  CE1 . HIS A 1 85 ? -7.191  9.606   15.075  1.00 9.46  ? 170 HIS A CE1 1 
ATOM   647  N  NE2 . HIS A 1 85 ? -8.371  10.185  14.961  1.00 10.63 ? 170 HIS A NE2 1 
ATOM   648  N  N   . ASP A 1 86 ? -6.248  15.171  12.684  1.00 12.18 ? 171 ASP A N   1 
ATOM   649  C  CA  . ASP A 1 86 ? -6.082  16.265  13.629  1.00 14.59 ? 171 ASP A CA  1 
ATOM   650  C  C   . ASP A 1 86 ? -7.308  17.177  13.686  1.00 14.48 ? 171 ASP A C   1 
ATOM   651  O  O   . ASP A 1 86 ? -7.453  17.958  14.624  1.00 16.09 ? 171 ASP A O   1 
ATOM   652  C  CB  . ASP A 1 86 ? -4.836  17.089  13.293  1.00 17.15 ? 171 ASP A CB  1 
ATOM   653  C  CG  . ASP A 1 86 ? -4.887  17.690  11.905  1.00 20.67 ? 171 ASP A CG  1 
ATOM   654  O  OD1 . ASP A 1 86 ? -4.039  18.556  11.607  1.00 24.97 ? 171 ASP A OD1 1 
ATOM   655  O  OD2 . ASP A 1 86 ? -5.764  17.297  11.110  1.00 23.06 ? 171 ASP A OD2 1 
ATOM   656  N  N   . LYS A 1 87 ? -8.195  17.071  12.699  1.00 13.88 ? 172 LYS A N   1 
ATOM   657  C  CA  . LYS A 1 87 ? -9.393  17.913  12.667  1.00 14.33 ? 172 LYS A CA  1 
ATOM   658  C  C   . LYS A 1 87 ? -10.697 17.125  12.599  1.00 13.90 ? 172 LYS A C   1 
ATOM   659  O  O   . LYS A 1 87 ? -11.757 17.620  12.987  1.00 13.98 ? 172 LYS A O   1 
ATOM   660  C  CB  . LYS A 1 87 ? -9.325  18.870  11.472  1.00 16.56 ? 172 LYS A CB  1 
ATOM   661  C  CG  . LYS A 1 87 ? -8.114  19.786  11.489  1.00 20.85 ? 172 LYS A CG  1 
ATOM   662  C  CD  . LYS A 1 87 ? -8.026  20.624  10.227  1.00 24.17 ? 172 LYS A CD  1 
ATOM   663  C  CE  . LYS A 1 87 ? -6.774  21.491  10.241  1.00 27.53 ? 172 LYS A CE  1 
ATOM   664  N  NZ  . LYS A 1 87 ? -6.624  22.286  8.991   1.00 31.13 ? 172 LYS A NZ  1 
ATOM   665  N  N   . VAL A 1 88 ? -10.613 15.895  12.107  1.00 11.27 ? 173 VAL A N   1 
ATOM   666  C  CA  . VAL A 1 88 ? -11.783 15.037  11.966  1.00 11.69 ? 173 VAL A CA  1 
ATOM   667  C  C   . VAL A 1 88 ? -11.608 13.806  12.849  1.00 11.24 ? 173 VAL A C   1 
ATOM   668  O  O   . VAL A 1 88 ? -10.818 12.915  12.537  1.00 10.07 ? 173 VAL A O   1 
ATOM   669  C  CB  . VAL A 1 88 ? -11.957 14.613  10.492  1.00 11.43 ? 173 VAL A CB  1 
ATOM   670  C  CG1 . VAL A 1 88 ? -13.150 13.685  10.349  1.00 12.11 ? 173 VAL A CG1 1 
ATOM   671  C  CG2 . VAL A 1 88 ? -12.131 15.852  9.622   1.00 12.24 ? 173 VAL A CG2 1 
ATOM   672  N  N   . CYS A 1 89 ? -12.354 13.764  13.949  1.00 11.66 ? 174 CYS A N   1 
ATOM   673  C  CA  . CYS A 1 89 ? -12.258 12.663  14.902  1.00 12.24 ? 174 CYS A CA  1 
ATOM   674  C  C   . CYS A 1 89 ? -13.583 12.439  15.630  1.00 13.31 ? 174 CYS A C   1 
ATOM   675  O  O   . CYS A 1 89 ? -14.323 13.387  15.899  1.00 14.84 ? 174 CYS A O   1 
ATOM   676  C  CB  . CYS A 1 89 ? -11.147 12.976  15.914  1.00 11.55 ? 174 CYS A CB  1 
ATOM   677  S  SG  . CYS A 1 89 ? -10.815 11.700  17.156  1.00 13.21 ? 174 CYS A SG  1 
ATOM   678  N  N   . SER A 1 90 ? -13.881 11.182  15.947  1.00 12.16 ? 175 SER A N   1 
ATOM   679  C  CA  . SER A 1 90 ? -15.119 10.843  16.643  1.00 13.61 ? 175 SER A CA  1 
ATOM   680  C  C   . SER A 1 90 ? -14.896 10.696  18.142  1.00 14.50 ? 175 SER A C   1 
ATOM   681  O  O   . SER A 1 90 ? -15.854 10.591  18.907  1.00 15.39 ? 175 SER A O   1 
ATOM   682  C  CB  . SER A 1 90 ? -15.674 9.527   16.119  1.00 13.26 ? 175 SER A CB  1 
ATOM   683  O  OG  . SER A 1 90 ? -14.805 8.464   16.475  1.00 14.31 ? 175 SER A OG  1 
ATOM   684  N  N   . ASN A 1 91 ? -13.632 10.664  18.548  1.00 15.49 ? 176 ASN A N   1 
ATOM   685  C  CA  . ASN A 1 91 ? -13.273 10.515  19.952  1.00 16.75 ? 176 ASN A CA  1 
ATOM   686  C  C   . ASN A 1 91 ? -13.588 9.106   20.451  1.00 16.88 ? 176 ASN A C   1 
ATOM   687  O  O   . ASN A 1 91 ? -13.693 8.882   21.657  1.00 19.02 ? 176 ASN A O   1 
ATOM   688  C  CB  . ASN A 1 91 ? -14.023 11.546  20.801  1.00 20.47 ? 176 ASN A CB  1 
ATOM   689  C  CG  . ASN A 1 91 ? -13.794 12.966  20.327  1.00 23.42 ? 176 ASN A CG  1 
ATOM   690  O  OD1 . ASN A 1 91 ? -12.668 13.460  20.330  1.00 26.08 ? 176 ASN A OD1 1 
ATOM   691  N  ND2 . ASN A 1 91 ? -14.869 13.634  19.914  1.00 25.36 ? 176 ASN A ND2 1 
ATOM   692  N  N   . THR A 1 92 ? -13.747 8.165   19.524  1.00 16.10 ? 177 THR A N   1 
ATOM   693  C  CA  . THR A 1 92 ? -14.033 6.778   19.880  1.00 16.23 ? 177 THR A CA  1 
ATOM   694  C  C   . THR A 1 92 ? -13.033 5.854   19.199  1.00 16.67 ? 177 THR A C   1 
ATOM   695  O  O   . THR A 1 92 ? -13.139 4.633   19.287  1.00 16.71 ? 177 THR A O   1 
ATOM   696  C  CB  . THR A 1 92 ? -15.451 6.349   19.441  1.00 16.36 ? 177 THR A CB  1 
ATOM   697  O  OG1 . THR A 1 92 ? -15.536 6.358   18.011  1.00 15.42 ? 177 THR A OG1 1 
ATOM   698  C  CG2 . THR A 1 92 ? -16.497 7.291   20.016  1.00 16.11 ? 177 THR A CG2 1 
ATOM   699  N  N   . CYS A 1 93 ? -12.057 6.450   18.524  1.00 16.96 ? 178 CYS A N   1 
ATOM   700  C  CA  . CYS A 1 93 ? -11.044 5.688   17.808  1.00 19.38 ? 178 CYS A CA  1 
ATOM   701  C  C   . CYS A 1 93 ? -10.073 4.984   18.743  1.00 21.91 ? 178 CYS A C   1 
ATOM   702  O  O   . CYS A 1 93 ? -9.369  4.061   18.333  1.00 23.30 ? 178 CYS A O   1 
ATOM   703  C  CB  . CYS A 1 93 ? -10.281 6.609   16.853  1.00 18.47 ? 178 CYS A CB  1 
ATOM   704  S  SG  . CYS A 1 93 ? -9.590  8.088   17.624  1.00 15.19 ? 178 CYS A SG  1 
ATOM   705  N  N   . ARG A 1 94 ? -10.045 5.416   19.999  1.00 24.46 ? 179 ARG A N   1 
ATOM   706  C  CA  . ARG A 1 94 ? -9.163  4.820   20.993  1.00 28.43 ? 179 ARG A CA  1 
ATOM   707  C  C   . ARG A 1 94 ? -9.960  3.897   21.906  1.00 30.60 ? 179 ARG A C   1 
ATOM   708  O  O   . ARG A 1 94 ? -9.969  4.155   23.128  1.00 32.21 ? 179 ARG A O   1 
ATOM   709  C  CB  . ARG A 1 94 ? -8.488  5.912   21.814  1.00 28.13 ? 179 ARG A CB  1 
ATOM   710  N  N   . ASP B 1 5  ? -13.286 5.591   -12.060 1.00 31.91 ? 90  ASP B N   1 
ATOM   711  C  CA  . ASP B 1 5  ? -12.034 5.700   -12.859 1.00 31.23 ? 90  ASP B CA  1 
ATOM   712  C  C   . ASP B 1 5  ? -10.863 6.210   -12.042 1.00 31.00 ? 90  ASP B C   1 
ATOM   713  O  O   . ASP B 1 5  ? -9.979  6.889   -12.569 1.00 31.61 ? 90  ASP B O   1 
ATOM   714  N  N   . MET B 1 6  ? -10.852 5.884   -10.752 1.00 30.19 ? 91  MET B N   1 
ATOM   715  C  CA  . MET B 1 6  ? -9.776  6.319   -9.868  1.00 28.44 ? 91  MET B CA  1 
ATOM   716  C  C   . MET B 1 6  ? -8.479  5.558   -10.123 1.00 26.63 ? 91  MET B C   1 
ATOM   717  O  O   . MET B 1 6  ? -8.477  4.334   -10.255 1.00 27.63 ? 91  MET B O   1 
ATOM   718  C  CB  . MET B 1 6  ? -10.195 6.173   -8.398  1.00 29.77 ? 91  MET B CB  1 
ATOM   719  C  CG  . MET B 1 6  ? -10.886 4.861   -8.049  1.00 30.71 ? 91  MET B CG  1 
ATOM   720  S  SD  . MET B 1 6  ? -11.294 4.719   -6.285  1.00 32.78 ? 91  MET B SD  1 
ATOM   721  C  CE  . MET B 1 6  ? -10.480 3.205   -5.871  1.00 31.41 ? 91  MET B CE  1 
ATOM   722  N  N   . GLU B 1 7  ? -7.378  6.298   -10.201 1.00 23.58 ? 92  GLU B N   1 
ATOM   723  C  CA  . GLU B 1 7  ? -6.068  5.710   -10.441 1.00 20.73 ? 92  GLU B CA  1 
ATOM   724  C  C   . GLU B 1 7  ? -5.358  5.439   -9.118  1.00 17.19 ? 92  GLU B C   1 
ATOM   725  O  O   . GLU B 1 7  ? -4.860  6.358   -8.470  1.00 15.91 ? 92  GLU B O   1 
ATOM   726  C  CB  . GLU B 1 7  ? -5.224  6.645   -11.310 1.00 23.74 ? 92  GLU B CB  1 
ATOM   727  C  CG  . GLU B 1 7  ? -3.820  6.141   -11.581 1.00 25.71 ? 92  GLU B CG  1 
ATOM   728  C  CD  . GLU B 1 7  ? -3.080  6.988   -12.598 1.00 28.78 ? 92  GLU B CD  1 
ATOM   729  O  OE1 . GLU B 1 7  ? -3.003  8.221   -12.405 1.00 31.46 ? 92  GLU B OE1 1 
ATOM   730  O  OE2 . GLU B 1 7  ? -2.571  6.418   -13.588 1.00 28.41 ? 92  GLU B OE2 1 
ATOM   731  N  N   . ILE B 1 8  ? -5.322  4.171   -8.725  1.00 14.16 ? 93  ILE B N   1 
ATOM   732  C  CA  . ILE B 1 8  ? -4.691  3.761   -7.475  1.00 12.42 ? 93  ILE B CA  1 
ATOM   733  C  C   . ILE B 1 8  ? -3.197  4.059   -7.468  1.00 11.67 ? 93  ILE B C   1 
ATOM   734  O  O   . ILE B 1 8  ? -2.457  3.574   -8.323  1.00 11.16 ? 93  ILE B O   1 
ATOM   735  C  CB  . ILE B 1 8  ? -4.893  2.253   -7.234  1.00 13.87 ? 93  ILE B CB  1 
ATOM   736  C  CG1 . ILE B 1 8  ? -6.388  1.935   -7.172  1.00 16.20 ? 93  ILE B CG1 1 
ATOM   737  C  CG2 . ILE B 1 8  ? -4.218  1.838   -5.937  1.00 13.00 ? 93  ILE B CG2 1 
ATOM   738  C  CD1 . ILE B 1 8  ? -7.109  2.628   -6.035  1.00 17.13 ? 93  ILE B CD1 1 
ATOM   739  N  N   . ALA B 1 9  ? -2.756  4.837   -6.481  1.00 9.83  ? 94  ALA B N   1 
ATOM   740  C  CA  . ALA B 1 9  ? -1.353  5.218   -6.366  1.00 9.74  ? 94  ALA B CA  1 
ATOM   741  C  C   . ALA B 1 9  ? -0.805  4.957   -4.962  1.00 9.90  ? 94  ALA B C   1 
ATOM   742  O  O   . ALA B 1 9  ? -1.335  5.473   -3.978  1.00 10.11 ? 94  ALA B O   1 
ATOM   743  C  CB  . ALA B 1 9  ? -1.204  6.692   -6.717  1.00 11.65 ? 94  ALA B CB  1 
ATOM   744  N  N   . TYR B 1 10 ? 0.256   4.158   -4.878  1.00 8.54  ? 95  TYR B N   1 
ATOM   745  C  CA  . TYR B 1 10 ? 0.872   3.836   -3.594  1.00 7.35  ? 95  TYR B CA  1 
ATOM   746  C  C   . TYR B 1 10 ? 2.102   4.700   -3.340  1.00 8.41  ? 95  TYR B C   1 
ATOM   747  O  O   . TYR B 1 10 ? 3.045   4.686   -4.128  1.00 8.80  ? 95  TYR B O   1 
ATOM   748  C  CB  . TYR B 1 10 ? 1.328   2.375   -3.556  1.00 7.85  ? 95  TYR B CB  1 
ATOM   749  C  CG  . TYR B 1 10 ? 0.245   1.341   -3.734  1.00 7.91  ? 95  TYR B CG  1 
ATOM   750  C  CD1 . TYR B 1 10 ? -1.076  1.608   -3.389  1.00 9.00  ? 95  TYR B CD1 1 
ATOM   751  C  CD2 . TYR B 1 10 ? 0.564   0.062   -4.175  1.00 8.04  ? 95  TYR B CD2 1 
ATOM   752  C  CE1 . TYR B 1 10 ? -2.054  0.617   -3.474  1.00 8.85  ? 95  TYR B CE1 1 
ATOM   753  C  CE2 . TYR B 1 10 ? -0.399  -0.934  -4.260  1.00 8.40  ? 95  TYR B CE2 1 
ATOM   754  C  CZ  . TYR B 1 10 ? -1.708  -0.650  -3.906  1.00 8.41  ? 95  TYR B CZ  1 
ATOM   755  O  OH  . TYR B 1 10 ? -2.661  -1.640  -3.970  1.00 10.10 ? 95  TYR B OH  1 
ATOM   756  N  N   . PRO B 1 11 ? 2.110   5.463   -2.241  1.00 6.84  ? 96  PRO B N   1 
ATOM   757  C  CA  . PRO B 1 11 ? 3.276   6.304   -1.948  1.00 8.38  ? 96  PRO B CA  1 
ATOM   758  C  C   . PRO B 1 11 ? 4.520   5.446   -1.692  1.00 7.87  ? 96  PRO B C   1 
ATOM   759  O  O   . PRO B 1 11 ? 4.464   4.478   -0.932  1.00 9.41  ? 96  PRO B O   1 
ATOM   760  C  CB  . PRO B 1 11 ? 2.849   7.063   -0.695  1.00 10.00 ? 96  PRO B CB  1 
ATOM   761  C  CG  . PRO B 1 11 ? 1.358   7.163   -0.850  1.00 9.95  ? 96  PRO B CG  1 
ATOM   762  C  CD  . PRO B 1 11 ? 0.986   5.783   -1.341  1.00 8.92  ? 96  PRO B CD  1 
ATOM   763  N  N   . ILE B 1 12 ? 5.632   5.796   -2.334  1.00 7.98  ? 97  ILE B N   1 
ATOM   764  C  CA  . ILE B 1 12 ? 6.884   5.070   -2.147  1.00 9.17  ? 97  ILE B CA  1 
ATOM   765  C  C   . ILE B 1 12 ? 8.034   6.047   -1.979  1.00 9.10  ? 97  ILE B C   1 
ATOM   766  O  O   . ILE B 1 12 ? 7.900   7.241   -2.251  1.00 9.68  ? 97  ILE B O   1 
ATOM   767  C  CB  . ILE B 1 12 ? 7.213   4.132   -3.352  1.00 8.05  ? 97  ILE B CB  1 
ATOM   768  C  CG1 . ILE B 1 12 ? 7.324   4.939   -4.651  1.00 9.61  ? 97  ILE B CG1 1 
ATOM   769  C  CG2 . ILE B 1 12 ? 6.142   3.049   -3.476  1.00 8.62  ? 97  ILE B CG2 1 
ATOM   770  C  CD1 . ILE B 1 12 ? 7.852   4.122   -5.829  1.00 9.86  ? 97  ILE B CD1 1 
ATOM   771  N  N   . THR B 1 13 ? 9.166   5.537   -1.513  1.00 8.79  ? 98  THR B N   1 
ATOM   772  C  CA  . THR B 1 13 ? 10.349  6.361   -1.335  1.00 9.78  ? 98  THR B CA  1 
ATOM   773  C  C   . THR B 1 13 ? 11.607  5.575   -1.647  1.00 9.76  ? 98  THR B C   1 
ATOM   774  O  O   . THR B 1 13 ? 11.605  4.344   -1.649  1.00 10.60 ? 98  THR B O   1 
ATOM   775  C  CB  . THR B 1 13 ? 10.495  6.864   0.124   1.00 9.54  ? 98  THR B CB  1 
ATOM   776  O  OG1 . THR B 1 13 ? 10.540  5.740   1.012   1.00 10.47 ? 98  THR B OG1 1 
ATOM   777  C  CG2 . THR B 1 13 ? 9.344   7.771   0.507   1.00 9.36  ? 98  THR B CG2 1 
ATOM   778  N  N   . CYS B 1 14 ? 12.672  6.309   -1.937  1.00 9.42  ? 99  CYS B N   1 
ATOM   779  C  CA  . CYS B 1 14 ? 13.993  5.738   -2.163  1.00 10.55 ? 99  CYS B CA  1 
ATOM   780  C  C   . CYS B 1 14 ? 14.845  6.791   -1.489  1.00 11.78 ? 99  CYS B C   1 
ATOM   781  O  O   . CYS B 1 14 ? 14.930  7.926   -1.963  1.00 11.24 ? 99  CYS B O   1 
ATOM   782  C  CB  . CYS B 1 14 ? 14.360  5.642   -3.640  1.00 11.03 ? 99  CYS B CB  1 
ATOM   783  S  SG  . CYS B 1 14 ? 16.015  4.917   -3.844  1.00 13.82 ? 99  CYS B SG  1 
ATOM   784  N  N   . GLY B 1 15 ? 15.467  6.428   -0.375  1.00 11.51 ? 100 GLY B N   1 
ATOM   785  C  CA  . GLY B 1 15 ? 16.229  7.421   0.351   1.00 11.64 ? 100 GLY B CA  1 
ATOM   786  C  C   . GLY B 1 15 ? 15.177  8.407   0.830   1.00 12.28 ? 100 GLY B C   1 
ATOM   787  O  O   . GLY B 1 15 ? 14.127  7.999   1.336   1.00 12.86 ? 100 GLY B O   1 
ATOM   788  N  N   . GLU B 1 16 ? 15.424  9.698   0.657   1.00 13.63 ? 101 GLU B N   1 
ATOM   789  C  CA  . GLU B 1 16 ? 14.450  10.692  1.088   1.00 13.35 ? 101 GLU B CA  1 
ATOM   790  C  C   . GLU B 1 16 ? 13.653  11.262  -0.081  1.00 13.45 ? 101 GLU B C   1 
ATOM   791  O  O   . GLU B 1 16 ? 12.961  12.270  0.055   1.00 14.98 ? 101 GLU B O   1 
ATOM   792  C  CB  . GLU B 1 16 ? 15.153  11.797  1.886   1.00 14.81 ? 101 GLU B CB  1 
ATOM   793  C  CG  . GLU B 1 16 ? 15.823  11.236  3.142   1.00 16.59 ? 101 GLU B CG  1 
ATOM   794  C  CD  . GLU B 1 16 ? 16.540  12.272  3.988   1.00 15.86 ? 101 GLU B CD  1 
ATOM   795  O  OE1 . GLU B 1 16 ? 17.412  11.866  4.787   1.00 15.02 ? 101 GLU B OE1 1 
ATOM   796  O  OE2 . GLU B 1 16 ? 16.236  13.479  3.873   1.00 18.10 ? 101 GLU B OE2 1 
ATOM   797  N  N   . SER B 1 17 ? 13.750  10.601  -1.233  1.00 12.63 ? 102 SER B N   1 
ATOM   798  C  CA  . SER B 1 17 ? 13.011  11.016  -2.422  1.00 12.43 ? 102 SER B CA  1 
ATOM   799  C  C   . SER B 1 17 ? 11.644  10.345  -2.400  1.00 12.71 ? 102 SER B C   1 
ATOM   800  O  O   . SER B 1 17 ? 11.542  9.135   -2.192  1.00 12.47 ? 102 SER B O   1 
ATOM   801  C  CB  . SER B 1 17 ? 13.759  10.610  -3.693  1.00 12.27 ? 102 SER B CB  1 
ATOM   802  O  OG  . SER B 1 17 ? 14.943  11.368  -3.855  1.00 14.54 ? 102 SER B OG  1 
ATOM   803  N  N   . LYS B 1 18 ? 10.600  11.135  -2.619  1.00 12.78 ? 103 LYS B N   1 
ATOM   804  C  CA  . LYS B 1 18 ? 9.233   10.637  -2.612  1.00 12.90 ? 103 LYS B CA  1 
ATOM   805  C  C   . LYS B 1 18 ? 8.685   10.478  -4.020  1.00 13.37 ? 103 LYS B C   1 
ATOM   806  O  O   . LYS B 1 18 ? 8.949   11.303  -4.898  1.00 14.97 ? 103 LYS B O   1 
ATOM   807  C  CB  . LYS B 1 18 ? 8.332   11.589  -1.823  1.00 13.51 ? 103 LYS B CB  1 
ATOM   808  C  CG  . LYS B 1 18 ? 8.708   11.727  -0.356  1.00 16.58 ? 103 LYS B CG  1 
ATOM   809  C  CD  . LYS B 1 18 ? 7.855   12.784  0.335   1.00 19.73 ? 103 LYS B CD  1 
ATOM   810  C  CE  . LYS B 1 18 ? 6.375   12.444  0.277   1.00 23.36 ? 103 LYS B CE  1 
ATOM   811  N  NZ  . LYS B 1 18 ? 6.066   11.169  0.983   1.00 26.31 ? 103 LYS B NZ  1 
ATOM   812  N  N   . ALA B 1 19 ? 7.926   9.409   -4.234  1.00 10.45 ? 104 ALA B N   1 
ATOM   813  C  CA  . ALA B 1 19 ? 7.323   9.154   -5.535  1.00 10.32 ? 104 ALA B CA  1 
ATOM   814  C  C   . ALA B 1 19 ? 6.057   8.341   -5.328  1.00 10.47 ? 104 ALA B C   1 
ATOM   815  O  O   . ALA B 1 19 ? 5.667   8.065   -4.194  1.00 9.27  ? 104 ALA B O   1 
ATOM   816  C  CB  . ALA B 1 19 ? 8.297   8.400   -6.429  1.00 11.86 ? 104 ALA B CB  1 
ATOM   817  N  N   . ILE B 1 20 ? 5.421   7.973   -6.431  1.00 10.96 ? 105 ILE B N   1 
ATOM   818  C  CA  . ILE B 1 20 ? 4.199   7.193   -6.381  1.00 11.95 ? 105 ILE B CA  1 
ATOM   819  C  C   . ILE B 1 20 ? 4.280   5.998   -7.316  1.00 11.43 ? 105 ILE B C   1 
ATOM   820  O  O   . ILE B 1 20 ? 4.756   6.114   -8.444  1.00 11.00 ? 105 ILE B O   1 
ATOM   821  C  CB  . ILE B 1 20 ? 2.982   8.059   -6.775  1.00 15.82 ? 105 ILE B CB  1 
ATOM   822  C  CG1 . ILE B 1 20 ? 2.514   8.875   -5.567  1.00 17.60 ? 105 ILE B CG1 1 
ATOM   823  C  CG2 . ILE B 1 20 ? 1.870   7.188   -7.322  1.00 17.96 ? 105 ILE B CG2 1 
ATOM   824  C  CD1 . ILE B 1 20 ? 1.431   9.879   -5.893  1.00 24.25 ? 105 ILE B CD1 1 
ATOM   825  N  N   . LEU B 1 21 ? 3.828   4.847   -6.829  1.00 9.20  ? 106 LEU B N   1 
ATOM   826  C  CA  . LEU B 1 21 ? 3.809   3.630   -7.628  1.00 9.45  ? 106 LEU B CA  1 
ATOM   827  C  C   . LEU B 1 21 ? 2.391   3.483   -8.161  1.00 9.76  ? 106 LEU B C   1 
ATOM   828  O  O   . LEU B 1 21 ? 1.446   3.327   -7.383  1.00 10.61 ? 106 LEU B O   1 
ATOM   829  C  CB  . LEU B 1 21 ? 4.162   2.414   -6.767  1.00 9.75  ? 106 LEU B CB  1 
ATOM   830  C  CG  . LEU B 1 21 ? 4.142   1.047   -7.458  1.00 8.93  ? 106 LEU B CG  1 
ATOM   831  C  CD1 . LEU B 1 21 ? 5.174   1.028   -8.586  1.00 11.94 ? 106 LEU B CD1 1 
ATOM   832  C  CD2 . LEU B 1 21 ? 4.456   -0.047  -6.443  1.00 11.08 ? 106 LEU B CD2 1 
ATOM   833  N  N   . LEU B 1 22 ? 2.237   3.560   -9.478  1.00 9.98  ? 107 LEU B N   1 
ATOM   834  C  CA  . LEU B 1 22 ? 0.926   3.415   -10.094 1.00 10.74 ? 107 LEU B CA  1 
ATOM   835  C  C   . LEU B 1 22 ? 0.600   1.923   -10.177 1.00 9.96  ? 107 LEU B C   1 
ATOM   836  O  O   . LEU B 1 22 ? 1.088   1.211   -11.052 1.00 9.82  ? 107 LEU B O   1 
ATOM   837  C  CB  . LEU B 1 22 ? 0.923   4.062   -11.482 1.00 12.27 ? 107 LEU B CB  1 
ATOM   838  C  CG  . LEU B 1 22 ? 1.088   5.586   -11.455 1.00 13.23 ? 107 LEU B CG  1 
ATOM   839  C  CD1 . LEU B 1 22 ? 1.242   6.128   -12.865 1.00 17.44 ? 107 LEU B CD1 1 
ATOM   840  C  CD2 . LEU B 1 22 ? -0.117  6.211   -10.770 1.00 16.94 ? 107 LEU B CD2 1 
ATOM   841  N  N   . TRP B 1 23 ? -0.221  1.472   -9.235  1.00 10.21 ? 108 TRP B N   1 
ATOM   842  C  CA  . TRP B 1 23 ? -0.642  0.080   -9.107  1.00 11.81 ? 108 TRP B CA  1 
ATOM   843  C  C   . TRP B 1 23 ? -0.940  -0.687  -10.396 1.00 10.68 ? 108 TRP B C   1 
ATOM   844  O  O   . TRP B 1 23 ? -0.347  -1.738  -10.656 1.00 10.37 ? 108 TRP B O   1 
ATOM   845  C  CB  . TRP B 1 23 ? -1.866  0.028   -8.190  1.00 12.65 ? 108 TRP B CB  1 
ATOM   846  C  CG  . TRP B 1 23 ? -2.483  -1.324  -8.052  1.00 14.56 ? 108 TRP B CG  1 
ATOM   847  C  CD1 . TRP B 1 23 ? -3.802  -1.641  -8.186  1.00 15.46 ? 108 TRP B CD1 1 
ATOM   848  C  CD2 . TRP B 1 23 ? -1.808  -2.543  -7.730  1.00 13.01 ? 108 TRP B CD2 1 
ATOM   849  N  NE1 . TRP B 1 23 ? -3.990  -2.985  -7.968  1.00 13.82 ? 108 TRP B NE1 1 
ATOM   850  C  CE2 . TRP B 1 23 ? -2.781  -3.562  -7.686  1.00 13.89 ? 108 TRP B CE2 1 
ATOM   851  C  CE3 . TRP B 1 23 ? -0.470  -2.873  -7.476  1.00 12.66 ? 108 TRP B CE3 1 
ATOM   852  C  CZ2 . TRP B 1 23 ? -2.461  -4.895  -7.397  1.00 12.91 ? 108 TRP B CZ2 1 
ATOM   853  C  CZ3 . TRP B 1 23 ? -0.150  -4.193  -7.190  1.00 10.58 ? 108 TRP B CZ3 1 
ATOM   854  C  CH2 . TRP B 1 23 ? -1.145  -5.190  -7.153  1.00 13.94 ? 108 TRP B CH2 1 
ATOM   855  N  N   . LYS B 1 24 ? -1.863  -0.167  -11.196 1.00 11.60 ? 109 LYS B N   1 
ATOM   856  C  CA  . LYS B 1 24 ? -2.262  -0.830  -12.430 1.00 12.36 ? 109 LYS B CA  1 
ATOM   857  C  C   . LYS B 1 24 ? -1.119  -1.018  -13.426 1.00 12.47 ? 109 LYS B C   1 
ATOM   858  O  O   . LYS B 1 24 ? -1.145  -1.950  -14.233 1.00 12.67 ? 109 LYS B O   1 
ATOM   859  C  CB  . LYS B 1 24 ? -3.406  -0.052  -13.088 1.00 16.55 ? 109 LYS B CB  1 
ATOM   860  C  CG  . LYS B 1 24 ? -4.068  -0.777  -14.249 1.00 19.76 ? 109 LYS B CG  1 
ATOM   861  C  CD  . LYS B 1 24 ? -5.249  0.015   -14.798 1.00 24.82 ? 109 LYS B CD  1 
ATOM   862  C  CE  . LYS B 1 24 ? -6.284  0.279   -13.716 1.00 27.47 ? 109 LYS B CE  1 
ATOM   863  N  NZ  . LYS B 1 24 ? -6.797  -0.985  -13.121 1.00 31.15 ? 109 LYS B NZ  1 
ATOM   864  N  N   . LYS B 1 25 ? -0.115  -0.148  -13.368 1.00 10.73 ? 110 LYS B N   1 
ATOM   865  C  CA  . LYS B 1 25 ? 1.018   -0.238  -14.287 1.00 10.85 ? 110 LYS B CA  1 
ATOM   866  C  C   . LYS B 1 25 ? 2.156   -1.112  -13.757 1.00 10.74 ? 110 LYS B C   1 
ATOM   867  O  O   . LYS B 1 25 ? 3.074   -1.459  -14.497 1.00 10.80 ? 110 LYS B O   1 
ATOM   868  C  CB  . LYS B 1 25 ? 1.568   1.161   -14.595 1.00 11.24 ? 110 LYS B CB  1 
ATOM   869  C  CG  . LYS B 1 25 ? 0.562   2.128   -15.208 1.00 12.48 ? 110 LYS B CG  1 
ATOM   870  C  CD  . LYS B 1 25 ? 1.225   3.479   -15.469 1.00 14.62 ? 110 LYS B CD  1 
ATOM   871  C  CE  . LYS B 1 25 ? 0.220   4.550   -15.867 1.00 19.74 ? 110 LYS B CE  1 
ATOM   872  N  NZ  . LYS B 1 25 ? -0.511  4.204   -17.113 1.00 21.31 ? 110 LYS B NZ  1 
ATOM   873  N  N   . PHE B 1 26 ? 2.087   -1.465  -12.475 1.00 11.05 ? 111 PHE B N   1 
ATOM   874  C  CA  . PHE B 1 26 ? 3.113   -2.274  -11.823 1.00 11.31 ? 111 PHE B CA  1 
ATOM   875  C  C   . PHE B 1 26 ? 2.965   -3.749  -12.182 1.00 11.42 ? 111 PHE B C   1 
ATOM   876  O  O   . PHE B 1 26 ? 2.501   -4.560  -11.373 1.00 11.57 ? 111 PHE B O   1 
ATOM   877  C  CB  . PHE B 1 26 ? 2.997   -2.082  -10.312 1.00 10.86 ? 111 PHE B CB  1 
ATOM   878  C  CG  . PHE B 1 26 ? 4.060   -2.779  -9.520  1.00 11.10 ? 111 PHE B CG  1 
ATOM   879  C  CD1 . PHE B 1 26 ? 5.407   -2.565  -9.794  1.00 11.29 ? 111 PHE B CD1 1 
ATOM   880  C  CD2 . PHE B 1 26 ? 3.713   -3.602  -8.452  1.00 11.77 ? 111 PHE B CD2 1 
ATOM   881  C  CE1 . PHE B 1 26 ? 6.398   -3.158  -9.012  1.00 13.12 ? 111 PHE B CE1 1 
ATOM   882  C  CE2 . PHE B 1 26 ? 4.696   -4.200  -7.661  1.00 12.47 ? 111 PHE B CE2 1 
ATOM   883  C  CZ  . PHE B 1 26 ? 6.041   -3.975  -7.946  1.00 11.55 ? 111 PHE B CZ  1 
ATOM   884  N  N   . VAL B 1 27 ? 3.373   -4.092  -13.397 1.00 11.06 ? 112 VAL B N   1 
ATOM   885  C  CA  . VAL B 1 27 ? 3.263   -5.462  -13.874 1.00 11.38 ? 112 VAL B CA  1 
ATOM   886  C  C   . VAL B 1 27 ? 4.609   -6.173  -13.917 1.00 11.64 ? 112 VAL B C   1 
ATOM   887  O  O   . VAL B 1 27 ? 5.655   -5.542  -14.042 1.00 11.59 ? 112 VAL B O   1 
ATOM   888  C  CB  . VAL B 1 27 ? 2.610   -5.502  -15.276 1.00 12.59 ? 112 VAL B CB  1 
ATOM   889  C  CG1 . VAL B 1 27 ? 1.209   -4.903  -15.209 1.00 12.18 ? 112 VAL B CG1 1 
ATOM   890  C  CG2 . VAL B 1 27 ? 3.453   -4.738  -16.268 1.00 13.74 ? 112 VAL B CG2 1 
ATOM   891  N  N   . CYS B 1 28 ? 4.566   -7.495  -13.803 1.00 11.40 ? 113 CYS B N   1 
ATOM   892  C  CA  . CYS B 1 28 ? 5.765   -8.326  -13.810 1.00 12.27 ? 113 CYS B CA  1 
ATOM   893  C  C   . CYS B 1 28 ? 6.654   -8.047  -15.022 1.00 12.49 ? 113 CYS B C   1 
ATOM   894  O  O   . CYS B 1 28 ? 6.164   -7.960  -16.144 1.00 12.40 ? 113 CYS B O   1 
ATOM   895  C  CB  . CYS B 1 28 ? 5.343   -9.792  -13.791 1.00 11.94 ? 113 CYS B CB  1 
ATOM   896  S  SG  . CYS B 1 28 ? 6.701   -10.961 -13.843 1.00 13.18 ? 113 CYS B SG  1 
ATOM   897  N  N   . PRO B 1 29 ? 7.981   -7.944  -14.819 1.00 12.74 ? 114 PRO B N   1 
ATOM   898  C  CA  . PRO B 1 29 ? 8.755   -8.057  -13.578 1.00 12.78 ? 114 PRO B CA  1 
ATOM   899  C  C   . PRO B 1 29 ? 8.970   -6.735  -12.838 1.00 12.66 ? 114 PRO B C   1 
ATOM   900  O  O   . PRO B 1 29 ? 9.806   -6.654  -11.932 1.00 12.82 ? 114 PRO B O   1 
ATOM   901  C  CB  . PRO B 1 29 ? 10.068  -8.645  -14.065 1.00 14.15 ? 114 PRO B CB  1 
ATOM   902  C  CG  . PRO B 1 29 ? 10.272  -7.882  -15.334 1.00 14.05 ? 114 PRO B CG  1 
ATOM   903  C  CD  . PRO B 1 29 ? 8.887   -7.907  -15.982 1.00 12.98 ? 114 PRO B CD  1 
ATOM   904  N  N   . GLY B 1 30 ? 8.237   -5.705  -13.250 1.00 12.93 ? 115 GLY B N   1 
ATOM   905  C  CA  . GLY B 1 30 ? 8.315   -4.402  -12.611 1.00 14.67 ? 115 GLY B CA  1 
ATOM   906  C  C   . GLY B 1 30 ? 9.537   -3.520  -12.808 1.00 15.79 ? 115 GLY B C   1 
ATOM   907  O  O   . GLY B 1 30 ? 9.404   -2.332  -13.096 1.00 15.00 ? 115 GLY B O   1 
ATOM   908  N  N   . ILE B 1 31 ? 10.723  -4.096  -12.653 1.00 17.60 ? 116 ILE B N   1 
ATOM   909  C  CA  . ILE B 1 31 ? 11.980  -3.359  -12.759 1.00 19.51 ? 116 ILE B CA  1 
ATOM   910  C  C   . ILE B 1 31 ? 12.116  -2.317  -13.875 1.00 19.26 ? 116 ILE B C   1 
ATOM   911  O  O   . ILE B 1 31 ? 12.501  -1.174  -13.611 1.00 17.37 ? 116 ILE B O   1 
ATOM   912  C  CB  . ILE B 1 31 ? 13.170  -4.343  -12.842 1.00 21.07 ? 116 ILE B CB  1 
ATOM   913  C  CG1 . ILE B 1 31 ? 14.489  -3.575  -12.813 1.00 22.23 ? 116 ILE B CG1 1 
ATOM   914  C  CG2 . ILE B 1 31 ? 13.060  -5.180  -14.104 1.00 22.06 ? 116 ILE B CG2 1 
ATOM   915  C  CD1 . ILE B 1 31 ? 15.699  -4.469  -12.643 1.00 24.86 ? 116 ILE B CD1 1 
ATOM   916  N  N   . ASN B 1 32 ? 11.794  -2.694  -15.109 1.00 18.78 ? 117 ASN B N   1 
ATOM   917  C  CA  . ASN B 1 32 ? 11.922  -1.777  -16.241 1.00 19.46 ? 117 ASN B CA  1 
ATOM   918  C  C   . ASN B 1 32 ? 10.611  -1.253  -16.814 1.00 18.25 ? 117 ASN B C   1 
ATOM   919  O  O   . ASN B 1 32 ? 10.593  -0.661  -17.892 1.00 19.81 ? 117 ASN B O   1 
ATOM   920  C  CB  . ASN B 1 32 ? 12.723  -2.453  -17.356 1.00 22.76 ? 117 ASN B CB  1 
ATOM   921  C  CG  . ASN B 1 32 ? 14.173  -2.678  -16.975 1.00 25.61 ? 117 ASN B CG  1 
ATOM   922  O  OD1 . ASN B 1 32 ? 14.841  -3.557  -17.516 1.00 29.12 ? 117 ASN B OD1 1 
ATOM   923  N  ND2 . ASN B 1 32 ? 14.672  -1.872  -16.047 1.00 28.02 ? 117 ASN B ND2 1 
ATOM   924  N  N   . VAL B 1 33 ? 9.511   -1.458  -16.099 1.00 15.87 ? 118 VAL B N   1 
ATOM   925  C  CA  . VAL B 1 33 ? 8.213   -0.993  -16.571 1.00 15.04 ? 118 VAL B CA  1 
ATOM   926  C  C   . VAL B 1 33 ? 7.970   0.426   -16.058 1.00 14.07 ? 118 VAL B C   1 
ATOM   927  O  O   . VAL B 1 33 ? 8.268   0.722   -14.905 1.00 13.41 ? 118 VAL B O   1 
ATOM   928  C  CB  . VAL B 1 33 ? 7.085   -1.913  -16.057 1.00 15.45 ? 118 VAL B CB  1 
ATOM   929  C  CG1 . VAL B 1 33 ? 5.762   -1.528  -16.697 1.00 16.83 ? 118 VAL B CG1 1 
ATOM   930  C  CG2 . VAL B 1 33 ? 7.434   -3.366  -16.345 1.00 16.22 ? 118 VAL B CG2 1 
ATOM   931  N  N   . LYS B 1 34 ? 7.444   1.302   -16.910 1.00 14.14 ? 119 LYS B N   1 
ATOM   932  C  CA  . LYS B 1 34 ? 7.169   2.675   -16.491 1.00 14.51 ? 119 LYS B CA  1 
ATOM   933  C  C   . LYS B 1 34 ? 5.896   2.696   -15.654 1.00 14.23 ? 119 LYS B C   1 
ATOM   934  O  O   . LYS B 1 34 ? 4.791   2.828   -16.183 1.00 16.90 ? 119 LYS B O   1 
ATOM   935  C  CB  . LYS B 1 34 ? 7.022   3.595   -17.705 1.00 17.86 ? 119 LYS B CB  1 
ATOM   936  C  CG  . LYS B 1 34 ? 8.314   3.790   -18.483 1.00 22.34 ? 119 LYS B CG  1 
ATOM   937  C  CD  . LYS B 1 34 ? 8.135   4.785   -19.618 1.00 25.80 ? 119 LYS B CD  1 
ATOM   938  C  CE  . LYS B 1 34 ? 9.415   4.935   -20.422 1.00 28.42 ? 119 LYS B CE  1 
ATOM   939  N  NZ  . LYS B 1 34 ? 10.544  5.401   -19.575 1.00 30.21 ? 119 LYS B NZ  1 
ATOM   940  N  N   . CYS B 1 35 ? 6.067   2.569   -14.343 1.00 12.12 ? 120 CYS B N   1 
ATOM   941  C  CA  . CYS B 1 35 ? 4.947   2.532   -13.413 1.00 11.76 ? 120 CYS B CA  1 
ATOM   942  C  C   . CYS B 1 35 ? 5.152   3.427   -12.196 1.00 12.05 ? 120 CYS B C   1 
ATOM   943  O  O   . CYS B 1 35 ? 4.403   3.336   -11.226 1.00 11.28 ? 120 CYS B O   1 
ATOM   944  C  CB  . CYS B 1 35 ? 4.733   1.094   -12.937 1.00 11.84 ? 120 CYS B CB  1 
ATOM   945  S  SG  . CYS B 1 35 ? 6.195   0.384   -12.138 1.00 12.10 ? 120 CYS B SG  1 
ATOM   946  N  N   . VAL B 1 36 ? 6.171   4.280   -12.242 1.00 12.09 ? 121 VAL B N   1 
ATOM   947  C  CA  . VAL B 1 36 ? 6.461   5.184   -11.136 1.00 12.02 ? 121 VAL B CA  1 
ATOM   948  C  C   . VAL B 1 36 ? 6.350   6.640   -11.570 1.00 12.95 ? 121 VAL B C   1 
ATOM   949  O  O   . VAL B 1 36 ? 6.884   7.027   -12.611 1.00 14.08 ? 121 VAL B O   1 
ATOM   950  C  CB  . VAL B 1 36 ? 7.893   4.967   -10.582 1.00 12.78 ? 121 VAL B CB  1 
ATOM   951  C  CG1 . VAL B 1 36 ? 8.227   6.039   -9.548  1.00 11.07 ? 121 VAL B CG1 1 
ATOM   952  C  CG2 . VAL B 1 36 ? 8.013   3.585   -9.965  1.00 12.45 ? 121 VAL B CG2 1 
ATOM   953  N  N   . LYS B 1 37 ? 5.656   7.442   -10.769 1.00 11.43 ? 122 LYS B N   1 
ATOM   954  C  CA  . LYS B 1 37 ? 5.506   8.867   -11.049 1.00 13.83 ? 122 LYS B CA  1 
ATOM   955  C  C   . LYS B 1 37 ? 6.460   9.602   -10.102 1.00 13.20 ? 122 LYS B C   1 
ATOM   956  O  O   . LYS B 1 37 ? 6.267   9.594   -8.886  1.00 13.26 ? 122 LYS B O   1 
ATOM   957  C  CB  . LYS B 1 37 ? 4.064   9.309   -10.783 1.00 15.79 ? 122 LYS B CB  1 
ATOM   958  C  CG  . LYS B 1 37 ? 3.739   10.742  -11.181 1.00 22.64 ? 122 LYS B CG  1 
ATOM   959  C  CD  . LYS B 1 37 ? 3.461   10.869  -12.671 1.00 26.00 ? 122 LYS B CD  1 
ATOM   960  C  CE  . LYS B 1 37 ? 2.984   12.273  -13.016 1.00 28.43 ? 122 LYS B CE  1 
ATOM   961  N  NZ  . LYS B 1 37 ? 2.592   12.396  -14.448 1.00 30.88 ? 122 LYS B NZ  1 
ATOM   962  N  N   . PHE B 1 38 ? 7.495   10.217  -10.665 1.00 13.68 ? 123 PHE B N   1 
ATOM   963  C  CA  . PHE B 1 38 ? 8.484   10.953  -9.882  1.00 15.48 ? 123 PHE B CA  1 
ATOM   964  C  C   . PHE B 1 38 ? 8.804   12.271  -10.583 1.00 16.19 ? 123 PHE B C   1 
ATOM   965  O  O   . PHE B 1 38 ? 9.053   12.293  -11.785 1.00 17.33 ? 123 PHE B O   1 
ATOM   966  C  CB  . PHE B 1 38 ? 9.756   10.115  -9.740  1.00 16.19 ? 123 PHE B CB  1 
ATOM   967  C  CG  . PHE B 1 38 ? 10.830  10.774  -8.931  1.00 17.40 ? 123 PHE B CG  1 
ATOM   968  C  CD1 . PHE B 1 38 ? 10.568  11.235  -7.645  1.00 17.50 ? 123 PHE B CD1 1 
ATOM   969  C  CD2 . PHE B 1 38 ? 12.114  10.913  -9.447  1.00 18.45 ? 123 PHE B CD2 1 
ATOM   970  C  CE1 . PHE B 1 38 ? 11.572  11.827  -6.879  1.00 18.49 ? 123 PHE B CE1 1 
ATOM   971  C  CE2 . PHE B 1 38 ? 13.129  11.502  -8.692  1.00 19.59 ? 123 PHE B CE2 1 
ATOM   972  C  CZ  . PHE B 1 38 ? 12.854  11.959  -7.405  1.00 18.83 ? 123 PHE B CZ  1 
ATOM   973  N  N   . ASN B 1 39 ? 8.810   13.366  -9.831  1.00 19.11 ? 124 ASN B N   1 
ATOM   974  C  CA  . ASN B 1 39 ? 9.075   14.676  -10.418 1.00 20.57 ? 124 ASN B CA  1 
ATOM   975  C  C   . ASN B 1 39 ? 8.116   14.899  -11.588 1.00 20.87 ? 124 ASN B C   1 
ATOM   976  O  O   . ASN B 1 39 ? 8.475   15.488  -12.609 1.00 21.85 ? 124 ASN B O   1 
ATOM   977  C  CB  . ASN B 1 39 ? 10.529  14.776  -10.893 1.00 21.23 ? 124 ASN B CB  1 
ATOM   978  C  CG  . ASN B 1 39 ? 11.516  14.854  -9.740  1.00 23.44 ? 124 ASN B CG  1 
ATOM   979  O  OD1 . ASN B 1 39 ? 11.133  15.085  -8.593  1.00 23.33 ? 124 ASN B OD1 1 
ATOM   980  N  ND2 . ASN B 1 39 ? 12.797  14.675  -10.045 1.00 23.05 ? 124 ASN B ND2 1 
ATOM   981  N  N   . ASP B 1 40 ? 6.892   14.404  -11.417 1.00 21.74 ? 125 ASP B N   1 
ATOM   982  C  CA  . ASP B 1 40 ? 5.820   14.520  -12.403 1.00 22.14 ? 125 ASP B CA  1 
ATOM   983  C  C   . ASP B 1 40 ? 6.092   13.787  -13.714 1.00 20.80 ? 125 ASP B C   1 
ATOM   984  O  O   . ASP B 1 40 ? 5.432   14.039  -14.722 1.00 21.26 ? 125 ASP B O   1 
ATOM   985  C  CB  . ASP B 1 40 ? 5.521   15.996  -12.681 1.00 25.23 ? 125 ASP B CB  1 
ATOM   986  C  CG  . ASP B 1 40 ? 4.156   16.205  -13.307 1.00 29.29 ? 125 ASP B CG  1 
ATOM   987  O  OD1 . ASP B 1 40 ? 3.187   15.562  -12.848 1.00 32.39 ? 125 ASP B OD1 1 
ATOM   988  O  OD2 . ASP B 1 40 ? 4.045   17.018  -14.248 1.00 33.36 ? 125 ASP B OD2 1 
ATOM   989  N  N   . GLN B 1 41 ? 7.056   12.873  -13.693 1.00 17.79 ? 126 GLN B N   1 
ATOM   990  C  CA  . GLN B 1 41 ? 7.398   12.099  -14.880 1.00 17.28 ? 126 GLN B CA  1 
ATOM   991  C  C   . GLN B 1 41 ? 7.151   10.616  -14.638 1.00 16.11 ? 126 GLN B C   1 
ATOM   992  O  O   . GLN B 1 41 ? 7.343   10.119  -13.527 1.00 15.77 ? 126 GLN B O   1 
ATOM   993  C  CB  . GLN B 1 41 ? 8.870   12.303  -15.246 1.00 18.79 ? 126 GLN B CB  1 
ATOM   994  C  CG  . GLN B 1 41 ? 9.259   13.740  -15.556 1.00 20.33 ? 126 GLN B CG  1 
ATOM   995  C  CD  . GLN B 1 41 ? 8.454   14.329  -16.696 1.00 21.98 ? 126 GLN B CD  1 
ATOM   996  O  OE1 . GLN B 1 41 ? 8.246   13.682  -17.722 1.00 21.59 ? 126 GLN B OE1 1 
ATOM   997  N  NE2 . GLN B 1 41 ? 8.006   15.569  -16.527 1.00 23.27 ? 126 GLN B NE2 1 
ATOM   998  N  N   . LEU B 1 42 ? 6.723   9.911   -15.679 1.00 14.79 ? 127 LEU B N   1 
ATOM   999  C  CA  . LEU B 1 42 ? 6.472   8.479   -15.574 1.00 15.87 ? 127 LEU B CA  1 
ATOM   1000 C  C   . LEU B 1 42 ? 7.776   7.751   -15.900 1.00 15.39 ? 127 LEU B C   1 
ATOM   1001 O  O   . LEU B 1 42 ? 8.272   7.823   -17.028 1.00 16.79 ? 127 LEU B O   1 
ATOM   1002 C  CB  . LEU B 1 42 ? 5.368   8.068   -16.553 1.00 16.69 ? 127 LEU B CB  1 
ATOM   1003 C  CG  . LEU B 1 42 ? 4.843   6.634   -16.451 1.00 20.97 ? 127 LEU B CG  1 
ATOM   1004 C  CD1 . LEU B 1 42 ? 4.134   6.436   -15.119 1.00 22.12 ? 127 LEU B CD1 1 
ATOM   1005 C  CD2 . LEU B 1 42 ? 3.886   6.361   -17.600 1.00 22.43 ? 127 LEU B CD2 1 
ATOM   1006 N  N   . ILE B 1 43 ? 8.332   7.059   -14.909 1.00 15.08 ? 128 ILE B N   1 
ATOM   1007 C  CA  . ILE B 1 43 ? 9.586   6.334   -15.083 1.00 13.99 ? 128 ILE B CA  1 
ATOM   1008 C  C   . ILE B 1 43 ? 9.517   4.924   -14.499 1.00 14.37 ? 128 ILE B C   1 
ATOM   1009 O  O   . ILE B 1 43 ? 8.504   4.529   -13.923 1.00 13.40 ? 128 ILE B O   1 
ATOM   1010 C  CB  . ILE B 1 43 ? 10.759  7.080   -14.408 1.00 14.05 ? 128 ILE B CB  1 
ATOM   1011 C  CG1 . ILE B 1 43 ? 10.506  7.206   -12.907 1.00 15.07 ? 128 ILE B CG1 1 
ATOM   1012 C  CG2 . ILE B 1 43 ? 10.915  8.463   -15.021 1.00 14.64 ? 128 ILE B CG2 1 
ATOM   1013 C  CD1 . ILE B 1 43 ? 11.661  7.823   -12.142 1.00 15.03 ? 128 ILE B CD1 1 
ATOM   1014 N  N   . SER B 1 44 ? 10.602  4.171   -14.647 1.00 13.80 ? 129 SER B N   1 
ATOM   1015 C  CA  . SER B 1 44 ? 10.663  2.808   -14.129 1.00 14.14 ? 129 SER B CA  1 
ATOM   1016 C  C   . SER B 1 44 ? 11.261  2.781   -12.731 1.00 14.73 ? 129 SER B C   1 
ATOM   1017 O  O   . SER B 1 44 ? 11.968  3.706   -12.326 1.00 15.08 ? 129 SER B O   1 
ATOM   1018 C  CB  . SER B 1 44 ? 11.523  1.931   -15.041 1.00 14.84 ? 129 SER B CB  1 
ATOM   1019 O  OG  . SER B 1 44 ? 12.878  2.345   -14.996 1.00 17.79 ? 129 SER B OG  1 
ATOM   1020 N  N   . PRO B 1 45 ? 10.976  1.720   -11.966 1.00 14.54 ? 130 PRO B N   1 
ATOM   1021 C  CA  . PRO B 1 45 ? 11.519  1.612   -10.612 1.00 14.92 ? 130 PRO B CA  1 
ATOM   1022 C  C   . PRO B 1 45 ? 13.048  1.649   -10.647 1.00 15.75 ? 130 PRO B C   1 
ATOM   1023 O  O   . PRO B 1 45 ? 13.683  2.214   -9.757  1.00 14.97 ? 130 PRO B O   1 
ATOM   1024 C  CB  . PRO B 1 45 ? 10.979  0.266   -10.134 1.00 14.95 ? 130 PRO B CB  1 
ATOM   1025 C  CG  . PRO B 1 45 ? 9.654   0.178   -10.833 1.00 15.92 ? 130 PRO B CG  1 
ATOM   1026 C  CD  . PRO B 1 45 ? 9.996   0.651   -12.228 1.00 14.89 ? 130 PRO B CD  1 
ATOM   1027 N  N   . LYS B 1 46 ? 13.634  1.058   -11.686 1.00 16.19 ? 131 LYS B N   1 
ATOM   1028 C  CA  . LYS B 1 46 ? 15.086  1.034   -11.819 1.00 18.30 ? 131 LYS B CA  1 
ATOM   1029 C  C   . LYS B 1 46 ? 15.617  2.450   -11.994 1.00 18.16 ? 131 LYS B C   1 
ATOM   1030 O  O   . LYS B 1 46 ? 16.616  2.828   -11.382 1.00 18.60 ? 131 LYS B O   1 
ATOM   1031 C  CB  . LYS B 1 46 ? 15.510  0.178   -13.020 1.00 19.97 ? 131 LYS B CB  1 
ATOM   1032 C  CG  . LYS B 1 46 ? 17.016  -0.051  -13.092 1.00 21.40 ? 131 LYS B CG  1 
ATOM   1033 C  CD  . LYS B 1 46 ? 17.429  -0.845  -14.327 1.00 24.39 ? 131 LYS B CD  1 
ATOM   1034 C  CE  . LYS B 1 46 ? 17.217  -0.040  -15.602 1.00 26.84 ? 131 LYS B CE  1 
ATOM   1035 N  NZ  . LYS B 1 46 ? 17.703  -0.760  -16.814 1.00 29.17 ? 131 LYS B NZ  1 
ATOM   1036 N  N   . HIS B 1 47 ? 14.941  3.231   -12.830 1.00 17.78 ? 132 HIS B N   1 
ATOM   1037 C  CA  . HIS B 1 47 ? 15.338  4.613   -13.086 1.00 18.79 ? 132 HIS B CA  1 
ATOM   1038 C  C   . HIS B 1 47 ? 15.227  5.420   -11.793 1.00 18.36 ? 132 HIS B C   1 
ATOM   1039 O  O   . HIS B 1 47 ? 16.127  6.183   -11.444 1.00 18.27 ? 132 HIS B O   1 
ATOM   1040 C  CB  . HIS B 1 47 ? 14.434  5.231   -14.158 1.00 20.50 ? 132 HIS B CB  1 
ATOM   1041 C  CG  . HIS B 1 47 ? 14.921  6.549   -14.679 1.00 22.44 ? 132 HIS B CG  1 
ATOM   1042 N  ND1 . HIS B 1 47 ? 14.093  7.445   -15.320 1.00 25.29 ? 132 HIS B ND1 1 
ATOM   1043 C  CD2 . HIS B 1 47 ? 16.153  7.110   -14.679 1.00 23.97 ? 132 HIS B CD2 1 
ATOM   1044 C  CE1 . HIS B 1 47 ? 14.793  8.502   -15.689 1.00 26.16 ? 132 HIS B CE1 1 
ATOM   1045 N  NE2 . HIS B 1 47 ? 16.047  8.323   -15.314 1.00 24.31 ? 132 HIS B NE2 1 
ATOM   1046 N  N   . PHE B 1 48 ? 14.117  5.236   -11.086 1.00 16.24 ? 133 PHE B N   1 
ATOM   1047 C  CA  . PHE B 1 48 ? 13.871  5.938   -9.834  1.00 15.87 ? 133 PHE B CA  1 
ATOM   1048 C  C   . PHE B 1 48 ? 14.991  5.698   -8.829  1.00 15.87 ? 133 PHE B C   1 
ATOM   1049 O  O   . PHE B 1 48 ? 15.478  6.631   -8.191  1.00 16.62 ? 133 PHE B O   1 
ATOM   1050 C  CB  . PHE B 1 48 ? 12.538  5.475   -9.249  1.00 14.22 ? 133 PHE B CB  1 
ATOM   1051 C  CG  . PHE B 1 48 ? 12.208  6.088   -7.920  1.00 12.86 ? 133 PHE B CG  1 
ATOM   1052 C  CD1 . PHE B 1 48 ? 12.241  7.466   -7.743  1.00 11.92 ? 133 PHE B CD1 1 
ATOM   1053 C  CD2 . PHE B 1 48 ? 11.820  5.287   -6.857  1.00 10.87 ? 133 PHE B CD2 1 
ATOM   1054 C  CE1 . PHE B 1 48 ? 11.887  8.040   -6.519  1.00 11.00 ? 133 PHE B CE1 1 
ATOM   1055 C  CE2 . PHE B 1 48 ? 11.463  5.841   -5.628  1.00 10.70 ? 133 PHE B CE2 1 
ATOM   1056 C  CZ  . PHE B 1 48 ? 11.496  7.222   -5.459  1.00 10.46 ? 133 PHE B CZ  1 
ATOM   1057 N  N   . VAL B 1 49 ? 15.397  4.442   -8.686  1.00 16.32 ? 134 VAL B N   1 
ATOM   1058 C  CA  . VAL B 1 49 ? 16.456  4.096   -7.751  1.00 16.83 ? 134 VAL B CA  1 
ATOM   1059 C  C   . VAL B 1 49 ? 17.790  4.701   -8.175  1.00 18.94 ? 134 VAL B C   1 
ATOM   1060 O  O   . VAL B 1 49 ? 18.590  5.106   -7.331  1.00 19.55 ? 134 VAL B O   1 
ATOM   1061 C  CB  . VAL B 1 49 ? 16.597  2.573   -7.621  1.00 18.14 ? 134 VAL B CB  1 
ATOM   1062 C  CG1 . VAL B 1 49 ? 17.810  2.231   -6.766  1.00 17.79 ? 134 VAL B CG1 1 
ATOM   1063 C  CG2 . VAL B 1 49 ? 15.337  2.000   -6.993  1.00 18.78 ? 134 VAL B CG2 1 
ATOM   1064 N  N   . HIS B 1 50 ? 18.031  4.763   -9.478  1.00 19.57 ? 135 HIS B N   1 
ATOM   1065 C  CA  . HIS B 1 50 ? 19.271  5.345   -9.973  1.00 20.95 ? 135 HIS B CA  1 
ATOM   1066 C  C   . HIS B 1 50 ? 19.342  6.813   -9.581  1.00 20.86 ? 135 HIS B C   1 
ATOM   1067 O  O   . HIS B 1 50 ? 20.354  7.281   -9.055  1.00 21.45 ? 135 HIS B O   1 
ATOM   1068 C  CB  . HIS B 1 50 ? 19.355  5.243   -11.495 1.00 21.45 ? 135 HIS B CB  1 
ATOM   1069 C  CG  . HIS B 1 50 ? 20.328  6.207   -12.103 1.00 23.06 ? 135 HIS B CG  1 
ATOM   1070 N  ND1 . HIS B 1 50 ? 21.674  6.196   -11.798 1.00 21.75 ? 135 HIS B ND1 1 
ATOM   1071 C  CD2 . HIS B 1 50 ? 20.145  7.233   -12.965 1.00 23.00 ? 135 HIS B CD2 1 
ATOM   1072 C  CE1 . HIS B 1 50 ? 22.277  7.177   -12.448 1.00 21.82 ? 135 HIS B CE1 1 
ATOM   1073 N  NE2 . HIS B 1 50 ? 21.373  7.821   -13.163 1.00 22.13 ? 135 HIS B NE2 1 
ATOM   1074 N  N   . LEU B 1 51 ? 18.255  7.530   -9.844  1.00 20.23 ? 136 LEU B N   1 
ATOM   1075 C  CA  . LEU B 1 51 ? 18.170  8.957   -9.550  1.00 20.39 ? 136 LEU B CA  1 
ATOM   1076 C  C   . LEU B 1 51 ? 18.196  9.300   -8.068  1.00 21.11 ? 136 LEU B C   1 
ATOM   1077 O  O   . LEU B 1 51 ? 18.807  10.289  -7.671  1.00 22.77 ? 136 LEU B O   1 
ATOM   1078 C  CB  . LEU B 1 51 ? 16.896  9.541   -10.165 1.00 20.80 ? 136 LEU B CB  1 
ATOM   1079 C  CG  . LEU B 1 51 ? 16.755  9.443   -11.685 1.00 20.44 ? 136 LEU B CG  1 
ATOM   1080 C  CD1 . LEU B 1 51 ? 15.393  9.970   -12.110 1.00 21.06 ? 136 LEU B CD1 1 
ATOM   1081 C  CD2 . LEU B 1 51 ? 17.873  10.233  -12.351 1.00 22.37 ? 136 LEU B CD2 1 
ATOM   1082 N  N   . ALA B 1 52 ? 17.533  8.487   -7.251  1.00 20.50 ? 137 ALA B N   1 
ATOM   1083 C  CA  . ALA B 1 52 ? 17.472  8.752   -5.817  1.00 20.84 ? 137 ALA B CA  1 
ATOM   1084 C  C   . ALA B 1 52 ? 18.445  7.951   -4.957  1.00 22.12 ? 137 ALA B C   1 
ATOM   1085 O  O   . ALA B 1 52 ? 18.685  8.307   -3.801  1.00 22.32 ? 137 ALA B O   1 
ATOM   1086 C  CB  . ALA B 1 52 ? 16.046  8.525   -5.320  1.00 20.93 ? 137 ALA B CB  1 
ATOM   1087 N  N   . GLY B 1 53 ? 19.009  6.882   -5.512  1.00 23.00 ? 138 GLY B N   1 
ATOM   1088 C  CA  . GLY B 1 53 ? 19.923  6.049   -4.745  1.00 25.50 ? 138 GLY B CA  1 
ATOM   1089 C  C   . GLY B 1 53 ? 21.414  6.229   -4.969  1.00 26.79 ? 138 GLY B C   1 
ATOM   1090 O  O   . GLY B 1 53 ? 22.214  5.445   -4.456  1.00 27.57 ? 138 GLY B O   1 
ATOM   1091 N  N   . LYS B 1 54 ? 21.798  7.246   -5.735  1.00 26.77 ? 139 LYS B N   1 
ATOM   1092 C  CA  . LYS B 1 54 ? 23.209  7.489   -5.985  1.00 28.25 ? 139 LYS B CA  1 
ATOM   1093 C  C   . LYS B 1 54 ? 23.989  6.339   -6.603  1.00 28.68 ? 139 LYS B C   1 
ATOM   1094 O  O   . LYS B 1 54 ? 25.151  6.118   -6.260  1.00 29.46 ? 139 LYS B O   1 
ATOM   1095 N  N   . SER B 1 55 ? 23.357  5.600   -7.509  1.00 29.01 ? 140 SER B N   1 
ATOM   1096 C  CA  . SER B 1 55 ? 24.012  4.484   -8.193  1.00 28.69 ? 140 SER B CA  1 
ATOM   1097 C  C   . SER B 1 55 ? 24.616  3.424   -7.275  1.00 29.10 ? 140 SER B C   1 
ATOM   1098 O  O   . SER B 1 55 ? 25.645  2.832   -7.600  1.00 29.73 ? 140 SER B O   1 
ATOM   1099 C  CB  . SER B 1 55 ? 25.108  5.018   -9.119  1.00 28.28 ? 140 SER B CB  1 
ATOM   1100 O  OG  . SER B 1 55 ? 24.571  5.902   -10.082 1.00 27.43 ? 140 SER B OG  1 
ATOM   1101 N  N   . THR B 1 56 ? 23.982  3.176   -6.137  1.00 28.71 ? 141 THR B N   1 
ATOM   1102 C  CA  . THR B 1 56 ? 24.488  2.175   -5.207  1.00 28.43 ? 141 THR B CA  1 
ATOM   1103 C  C   . THR B 1 56 ? 24.071  0.778   -5.657  1.00 27.26 ? 141 THR B C   1 
ATOM   1104 O  O   . THR B 1 56 ? 23.024  0.609   -6.280  1.00 25.81 ? 141 THR B O   1 
ATOM   1105 C  CB  . THR B 1 56 ? 23.954  2.423   -3.783  1.00 30.13 ? 141 THR B CB  1 
ATOM   1106 O  OG1 . THR B 1 56 ? 24.335  3.735   -3.355  1.00 32.28 ? 141 THR B OG1 1 
ATOM   1107 C  CG2 . THR B 1 56 ? 24.522  1.400   -2.813  1.00 30.17 ? 141 THR B CG2 1 
ATOM   1108 N  N   . LEU B 1 57 ? 24.897  -0.219  -5.353  1.00 25.29 ? 142 LEU B N   1 
ATOM   1109 C  CA  . LEU B 1 57 ? 24.580  -1.592  -5.725  1.00 24.18 ? 142 LEU B CA  1 
ATOM   1110 C  C   . LEU B 1 57 ? 23.558  -2.147  -4.745  1.00 24.88 ? 142 LEU B C   1 
ATOM   1111 O  O   . LEU B 1 57 ? 23.911  -2.639  -3.672  1.00 26.00 ? 142 LEU B O   1 
ATOM   1112 C  CB  . LEU B 1 57 ? 25.834  -2.470  -5.703  1.00 20.41 ? 142 LEU B CB  1 
ATOM   1113 C  CG  . LEU B 1 57 ? 25.611  -3.947  -6.048  1.00 18.18 ? 142 LEU B CG  1 
ATOM   1114 C  CD1 . LEU B 1 57 ? 25.154  -4.082  -7.495  1.00 15.64 ? 142 LEU B CD1 1 
ATOM   1115 C  CD2 . LEU B 1 57 ? 26.901  -4.717  -5.825  1.00 18.79 ? 142 LEU B CD2 1 
ATOM   1116 N  N   . LYS B 1 58 ? 22.289  -2.049  -5.119  1.00 24.77 ? 143 LYS B N   1 
ATOM   1117 C  CA  . LYS B 1 58 ? 21.201  -2.540  -4.287  1.00 25.15 ? 143 LYS B CA  1 
ATOM   1118 C  C   . LYS B 1 58 ? 19.983  -2.783  -5.171  1.00 24.59 ? 143 LYS B C   1 
ATOM   1119 O  O   . LYS B 1 58 ? 19.548  -1.889  -5.897  1.00 24.95 ? 143 LYS B O   1 
ATOM   1120 C  CB  . LYS B 1 58 ? 20.867  -1.516  -3.194  1.00 26.59 ? 143 LYS B CB  1 
ATOM   1121 C  CG  . LYS B 1 58 ? 19.806  -1.989  -2.210  1.00 28.33 ? 143 LYS B CG  1 
ATOM   1122 C  CD  . LYS B 1 58 ? 19.504  -0.955  -1.125  1.00 30.30 ? 143 LYS B CD  1 
ATOM   1123 C  CE  . LYS B 1 58 ? 20.654  -0.792  -0.136  1.00 31.74 ? 143 LYS B CE  1 
ATOM   1124 N  NZ  . LYS B 1 58 ? 21.850  -0.144  -0.742  1.00 34.39 ? 143 LYS B NZ  1 
ATOM   1125 N  N   . ASP B 1 59 ? 19.449  -3.999  -5.115  1.00 25.31 ? 144 ASP B N   1 
ATOM   1126 C  CA  . ASP B 1 59 ? 18.278  -4.371  -5.904  1.00 24.95 ? 144 ASP B CA  1 
ATOM   1127 C  C   . ASP B 1 59 ? 17.169  -3.338  -5.723  1.00 22.36 ? 144 ASP B C   1 
ATOM   1128 O  O   . ASP B 1 59 ? 16.930  -2.867  -4.610  1.00 22.35 ? 144 ASP B O   1 
ATOM   1129 C  CB  . ASP B 1 59 ? 17.795  -5.759  -5.473  1.00 27.60 ? 144 ASP B CB  1 
ATOM   1130 C  CG  . ASP B 1 59 ? 16.454  -6.128  -6.073  1.00 29.34 ? 144 ASP B CG  1 
ATOM   1131 O  OD1 . ASP B 1 59 ? 16.294  -6.007  -7.305  1.00 32.11 ? 144 ASP B OD1 1 
ATOM   1132 O  OD2 . ASP B 1 59 ? 15.564  -6.552  -5.308  1.00 32.35 ? 144 ASP B OD2 1 
ATOM   1133 N  N   . TRP B 1 60 ? 16.496  -2.984  -6.814  1.00 21.15 ? 145 TRP B N   1 
ATOM   1134 C  CA  . TRP B 1 60 ? 15.434  -1.990  -6.749  1.00 19.15 ? 145 TRP B CA  1 
ATOM   1135 C  C   . TRP B 1 60 ? 14.384  -2.321  -5.689  1.00 18.00 ? 145 TRP B C   1 
ATOM   1136 O  O   . TRP B 1 60 ? 13.838  -1.420  -5.052  1.00 16.08 ? 145 TRP B O   1 
ATOM   1137 C  CB  . TRP B 1 60 ? 14.757  -1.828  -8.116  1.00 20.06 ? 145 TRP B CB  1 
ATOM   1138 C  CG  . TRP B 1 60 ? 14.047  -3.056  -8.596  1.00 20.60 ? 145 TRP B CG  1 
ATOM   1139 C  CD1 . TRP B 1 60 ? 14.609  -4.166  -9.150  1.00 21.62 ? 145 TRP B CD1 1 
ATOM   1140 C  CD2 . TRP B 1 60 ? 12.636  -3.295  -8.551  1.00 19.90 ? 145 TRP B CD2 1 
ATOM   1141 N  NE1 . TRP B 1 60 ? 13.632  -5.084  -9.457  1.00 21.56 ? 145 TRP B NE1 1 
ATOM   1142 C  CE2 . TRP B 1 60 ? 12.412  -4.575  -9.099  1.00 21.49 ? 145 TRP B CE2 1 
ATOM   1143 C  CE3 . TRP B 1 60 ? 11.537  -2.551  -8.100  1.00 19.76 ? 145 TRP B CE3 1 
ATOM   1144 C  CZ2 . TRP B 1 60 ? 11.131  -5.130  -9.209  1.00 21.45 ? 145 TRP B CZ2 1 
ATOM   1145 C  CZ3 . TRP B 1 60 ? 10.263  -3.103  -8.209  1.00 21.14 ? 145 TRP B CZ3 1 
ATOM   1146 C  CH2 . TRP B 1 60 ? 10.073  -4.381  -8.761  1.00 21.80 ? 145 TRP B CH2 1 
ATOM   1147 N  N   . LYS B 1 61 ? 14.107  -3.608  -5.493  1.00 16.86 ? 146 LYS B N   1 
ATOM   1148 C  CA  . LYS B 1 61 ? 13.115  -4.025  -4.501  1.00 17.01 ? 146 LYS B CA  1 
ATOM   1149 C  C   . LYS B 1 61 ? 13.569  -3.682  -3.091  1.00 16.07 ? 146 LYS B C   1 
ATOM   1150 O  O   . LYS B 1 61 ? 12.750  -3.421  -2.210  1.00 14.21 ? 146 LYS B O   1 
ATOM   1151 C  CB  . LYS B 1 61 ? 12.882  -5.533  -4.551  1.00 18.79 ? 146 LYS B CB  1 
ATOM   1152 C  CG  . LYS B 1 61 ? 12.501  -6.104  -5.892  1.00 23.19 ? 146 LYS B CG  1 
ATOM   1153 C  CD  . LYS B 1 61 ? 12.347  -7.610  -5.743  1.00 26.94 ? 146 LYS B CD  1 
ATOM   1154 C  CE  . LYS B 1 61 ? 12.017  -8.292  -7.052  1.00 29.60 ? 146 LYS B CE  1 
ATOM   1155 N  NZ  . LYS B 1 61 ? 11.820  -9.754  -6.842  1.00 31.01 ? 146 LYS B NZ  1 
ATOM   1156 N  N   . ARG B 1 62 ? 14.879  -3.715  -2.872  1.00 16.17 ? 147 ARG B N   1 
ATOM   1157 C  CA  . ARG B 1 62 ? 15.437  -3.419  -1.560  1.00 16.64 ? 147 ARG B CA  1 
ATOM   1158 C  C   . ARG B 1 62 ? 15.630  -1.924  -1.340  1.00 14.63 ? 147 ARG B C   1 
ATOM   1159 O  O   . ARG B 1 62 ? 15.567  -1.442  -0.211  1.00 16.00 ? 147 ARG B O   1 
ATOM   1160 C  CB  . ARG B 1 62 ? 16.778  -4.134  -1.386  1.00 19.05 ? 147 ARG B CB  1 
ATOM   1161 C  CG  . ARG B 1 62 ? 16.668  -5.629  -1.139  1.00 24.27 ? 147 ARG B CG  1 
ATOM   1162 C  CD  . ARG B 1 62 ? 18.041  -6.239  -0.909  1.00 28.75 ? 147 ARG B CD  1 
ATOM   1163 N  NE  . ARG B 1 62 ? 17.962  -7.533  -0.237  1.00 34.12 ? 147 ARG B NE  1 
ATOM   1164 C  CZ  . ARG B 1 62 ? 19.019  -8.279  0.073   1.00 36.21 ? 147 ARG B CZ  1 
ATOM   1165 N  NH1 . ARG B 1 62 ? 20.241  -7.859  -0.233  1.00 37.63 ? 147 ARG B NH1 1 
ATOM   1166 N  NH2 . ARG B 1 62 ? 18.857  -9.438  0.697   1.00 38.11 ? 147 ARG B NH2 1 
ATOM   1167 N  N   . ALA B 1 63 ? 15.861  -1.195  -2.424  1.00 13.52 ? 148 ALA B N   1 
ATOM   1168 C  CA  . ALA B 1 63 ? 16.086  0.241   -2.337  1.00 12.74 ? 148 ALA B CA  1 
ATOM   1169 C  C   . ALA B 1 63 ? 14.793  1.034   -2.180  1.00 13.49 ? 148 ALA B C   1 
ATOM   1170 O  O   . ALA B 1 63 ? 14.799  2.140   -1.639  1.00 15.12 ? 148 ALA B O   1 
ATOM   1171 C  CB  . ALA B 1 63 ? 16.837  0.716   -3.570  1.00 11.74 ? 148 ALA B CB  1 
ATOM   1172 N  N   . ILE B 1 64 ? 13.689  0.470   -2.654  1.00 11.47 ? 149 ILE B N   1 
ATOM   1173 C  CA  . ILE B 1 64 ? 12.402  1.146   -2.574  1.00 9.83  ? 149 ILE B CA  1 
ATOM   1174 C  C   . ILE B 1 64 ? 11.599  0.738   -1.343  1.00 9.99  ? 149 ILE B C   1 
ATOM   1175 O  O   . ILE B 1 64 ? 11.502  -0.443  -1.002  1.00 10.81 ? 149 ILE B O   1 
ATOM   1176 C  CB  . ILE B 1 64 ? 11.559  0.876   -3.842  1.00 8.51  ? 149 ILE B CB  1 
ATOM   1177 C  CG1 . ILE B 1 64 ? 12.262  1.481   -5.061  1.00 9.54  ? 149 ILE B CG1 1 
ATOM   1178 C  CG2 . ILE B 1 64 ? 10.161  1.462   -3.687  1.00 11.79 ? 149 ILE B CG2 1 
ATOM   1179 C  CD1 . ILE B 1 64 ? 11.557  1.206   -6.378  1.00 11.65 ? 149 ILE B CD1 1 
ATOM   1180 N  N   . ARG B 1 65 ? 11.027  1.731   -0.674  1.00 9.77  ? 150 ARG B N   1 
ATOM   1181 C  CA  . ARG B 1 65 ? 10.218  1.485   0.510   1.00 10.54 ? 150 ARG B CA  1 
ATOM   1182 C  C   . ARG B 1 65 ? 8.785   1.927   0.238   1.00 9.81  ? 150 ARG B C   1 
ATOM   1183 O  O   . ARG B 1 65 ? 8.545   2.881   -0.500  1.00 9.53  ? 150 ARG B O   1 
ATOM   1184 C  CB  . ARG B 1 65 ? 10.773  2.270   1.699   1.00 11.73 ? 150 ARG B CB  1 
ATOM   1185 C  CG  . ARG B 1 65 ? 12.162  1.844   2.128   1.00 16.84 ? 150 ARG B CG  1 
ATOM   1186 C  CD  . ARG B 1 65 ? 12.096  0.805   3.235   1.00 19.64 ? 150 ARG B CD  1 
ATOM   1187 N  NE  . ARG B 1 65 ? 13.423  0.343   3.623   1.00 23.63 ? 150 ARG B NE  1 
ATOM   1188 C  CZ  . ARG B 1 65 ? 13.686  -0.295  4.758   1.00 21.61 ? 150 ARG B CZ  1 
ATOM   1189 N  NH1 . ARG B 1 65 ? 12.711  -0.542  5.621   1.00 19.25 ? 150 ARG B NH1 1 
ATOM   1190 N  NH2 . ARG B 1 65 ? 14.923  -0.685  5.027   1.00 25.83 ? 150 ARG B NH2 1 
ATOM   1191 N  N   . LEU B 1 66 ? 7.833   1.218   0.826   1.00 10.16 ? 151 LEU B N   1 
ATOM   1192 C  CA  . LEU B 1 66 ? 6.429   1.558   0.663   1.00 11.30 ? 151 LEU B CA  1 
ATOM   1193 C  C   . LEU B 1 66 ? 5.911   1.692   2.087   1.00 14.21 ? 151 LEU B C   1 
ATOM   1194 O  O   . LEU B 1 66 ? 5.880   0.721   2.838   1.00 13.45 ? 151 LEU B O   1 
ATOM   1195 C  CB  . LEU B 1 66 ? 5.705   0.448   -0.106  1.00 12.76 ? 151 LEU B CB  1 
ATOM   1196 C  CG  . LEU B 1 66 ? 4.304   0.769   -0.642  1.00 14.35 ? 151 LEU B CG  1 
ATOM   1197 C  CD1 . LEU B 1 66 ? 3.919   -0.241  -1.710  1.00 14.09 ? 151 LEU B CD1 1 
ATOM   1198 C  CD2 . LEU B 1 66 ? 3.301   0.763   0.501   1.00 16.28 ? 151 LEU B CD2 1 
ATOM   1199 N  N   . GLY B 1 67 ? 5.533   2.906   2.472   1.00 16.18 ? 152 GLY B N   1 
ATOM   1200 C  CA  . GLY B 1 67 ? 5.075   3.114   3.831   1.00 16.99 ? 152 GLY B CA  1 
ATOM   1201 C  C   . GLY B 1 67 ? 6.257   2.934   4.770   1.00 16.61 ? 152 GLY B C   1 
ATOM   1202 O  O   . GLY B 1 67 ? 6.091   2.651   5.958   1.00 19.74 ? 152 GLY B O   1 
ATOM   1203 N  N   . GLY B 1 68 ? 7.460   3.094   4.225   1.00 14.39 ? 153 GLY B N   1 
ATOM   1204 C  CA  . GLY B 1 68 ? 8.676   2.946   5.009   1.00 13.00 ? 153 GLY B CA  1 
ATOM   1205 C  C   . GLY B 1 68 ? 9.180   1.513   5.086   1.00 13.16 ? 153 GLY B C   1 
ATOM   1206 O  O   . GLY B 1 68 ? 10.298  1.264   5.537   1.00 14.64 ? 153 GLY B O   1 
ATOM   1207 N  N   . ILE B 1 69 ? 8.360   0.573   4.625   1.00 12.03 ? 154 ILE B N   1 
ATOM   1208 C  CA  . ILE B 1 69 ? 8.688   -0.849  4.654   1.00 11.95 ? 154 ILE B CA  1 
ATOM   1209 C  C   . ILE B 1 69 ? 9.367   -1.279  3.355   1.00 11.50 ? 154 ILE B C   1 
ATOM   1210 O  O   . ILE B 1 69 ? 8.968   -0.854  2.271   1.00 10.12 ? 154 ILE B O   1 
ATOM   1211 C  CB  . ILE B 1 69 ? 7.402   -1.671  4.877   1.00 12.43 ? 154 ILE B CB  1 
ATOM   1212 C  CG1 . ILE B 1 69 ? 6.710   -1.192  6.158   1.00 13.12 ? 154 ILE B CG1 1 
ATOM   1213 C  CG2 . ILE B 1 69 ? 7.730   -3.152  4.976   1.00 13.14 ? 154 ILE B CG2 1 
ATOM   1214 C  CD1 . ILE B 1 69 ? 5.321   -1.762  6.367   1.00 15.21 ? 154 ILE B CD1 1 
ATOM   1215 N  N   . MET B 1 70 ? 10.385  -2.128  3.456   1.00 11.64 ? 155 MET B N   1 
ATOM   1216 C  CA  . MET B 1 70 ? 11.106  -2.569  2.267   1.00 12.42 ? 155 MET B CA  1 
ATOM   1217 C  C   . MET B 1 70 ? 10.209  -3.331  1.296   1.00 12.21 ? 155 MET B C   1 
ATOM   1218 O  O   . MET B 1 70 ? 9.580   -4.324  1.662   1.00 12.14 ? 155 MET B O   1 
ATOM   1219 C  CB  . MET B 1 70 ? 12.298  -3.443  2.655   1.00 14.45 ? 155 MET B CB  1 
ATOM   1220 C  CG  . MET B 1 70 ? 13.199  -3.772  1.480   1.00 14.92 ? 155 MET B CG  1 
ATOM   1221 S  SD  . MET B 1 70 ? 14.542  -4.888  1.916   1.00 18.38 ? 155 MET B SD  1 
ATOM   1222 C  CE  . MET B 1 70 ? 15.572  -3.784  2.849   1.00 19.80 ? 155 MET B CE  1 
ATOM   1223 N  N   . LEU B 1 71 ? 10.161  -2.865  0.052   1.00 10.77 ? 156 LEU B N   1 
ATOM   1224 C  CA  . LEU B 1 71 ? 9.334   -3.497  -0.973  1.00 11.19 ? 156 LEU B CA  1 
ATOM   1225 C  C   . LEU B 1 71 ? 9.691   -4.968  -1.179  1.00 10.60 ? 156 LEU B C   1 
ATOM   1226 O  O   . LEU B 1 71 ? 8.810   -5.804  -1.375  1.00 12.00 ? 156 LEU B O   1 
ATOM   1227 C  CB  . LEU B 1 71 ? 9.474   -2.738  -2.296  1.00 13.67 ? 156 LEU B CB  1 
ATOM   1228 C  CG  . LEU B 1 71 ? 8.550   -3.177  -3.434  1.00 13.33 ? 156 LEU B CG  1 
ATOM   1229 C  CD1 . LEU B 1 71 ? 7.093   -2.991  -3.018  1.00 16.40 ? 156 LEU B CD1 1 
ATOM   1230 C  CD2 . LEU B 1 71 ? 8.863   -2.368  -4.689  1.00 14.25 ? 156 LEU B CD2 1 
ATOM   1231 N  N   . ARG B 1 72 ? 10.983  -5.280  -1.140  1.00 12.42 ? 157 ARG B N   1 
ATOM   1232 C  CA  . ARG B 1 72 ? 11.434  -6.656  -1.323  1.00 14.32 ? 157 ARG B CA  1 
ATOM   1233 C  C   . ARG B 1 72 ? 10.808  -7.596  -0.294  1.00 14.68 ? 157 ARG B C   1 
ATOM   1234 O  O   . ARG B 1 72 ? 10.361  -8.691  -0.639  1.00 13.89 ? 157 ARG B O   1 
ATOM   1235 C  CB  . ARG B 1 72 ? 12.963  -6.727  -1.233  1.00 16.45 ? 157 ARG B CB  1 
ATOM   1236 C  CG  . ARG B 1 72 ? 13.536  -8.141  -1.185  1.00 22.28 ? 157 ARG B CG  1 
ATOM   1237 C  CD  . ARG B 1 72 ? 13.235  -8.935  -2.448  1.00 25.30 ? 157 ARG B CD  1 
ATOM   1238 N  NE  . ARG B 1 72 ? 13.831  -10.267 -2.390  1.00 30.09 ? 157 ARG B NE  1 
ATOM   1239 C  CZ  . ARG B 1 72 ? 13.675  -11.204 -3.320  1.00 32.51 ? 157 ARG B CZ  1 
ATOM   1240 N  NH1 . ARG B 1 72 ? 12.935  -10.962 -4.395  1.00 34.64 ? 157 ARG B NH1 1 
ATOM   1241 N  NH2 . ARG B 1 72 ? 14.261  -12.386 -3.176  1.00 34.04 ? 157 ARG B NH2 1 
ATOM   1242 N  N   . LYS B 1 73 ? 10.766  -7.169  0.964   1.00 13.39 ? 158 LYS B N   1 
ATOM   1243 C  CA  . LYS B 1 73 ? 10.193  -8.000  2.016   1.00 13.74 ? 158 LYS B CA  1 
ATOM   1244 C  C   . LYS B 1 73 ? 8.687   -8.172  1.846   1.00 13.55 ? 158 LYS B C   1 
ATOM   1245 O  O   . LYS B 1 73 ? 8.141   -9.248  2.108   1.00 13.78 ? 158 LYS B O   1 
ATOM   1246 C  CB  . LYS B 1 73 ? 10.518  -7.411  3.391   1.00 14.56 ? 158 LYS B CB  1 
ATOM   1247 C  CG  . LYS B 1 73 ? 12.014  -7.404  3.677   1.00 16.33 ? 158 LYS B CG  1 
ATOM   1248 C  CD  . LYS B 1 73 ? 12.335  -6.954  5.089   1.00 19.01 ? 158 LYS B CD  1 
ATOM   1249 C  CE  . LYS B 1 73 ? 13.830  -7.058  5.353   1.00 21.90 ? 158 LYS B CE  1 
ATOM   1250 N  NZ  . LYS B 1 73 ? 14.181  -6.676  6.750   1.00 23.94 ? 158 LYS B NZ  1 
ATOM   1251 N  N   . MET B 1 74 ? 8.014   -7.119  1.396   1.00 13.40 ? 159 MET B N   1 
ATOM   1252 C  CA  . MET B 1 74 ? 6.576   -7.189  1.181   1.00 11.60 ? 159 MET B CA  1 
ATOM   1253 C  C   . MET B 1 74 ? 6.259   -8.166  0.055   1.00 12.19 ? 159 MET B C   1 
ATOM   1254 O  O   . MET B 1 74 ? 5.306   -8.937  0.142   1.00 11.91 ? 159 MET B O   1 
ATOM   1255 C  CB  . MET B 1 74 ? 6.027   -5.805  0.839   1.00 12.82 ? 159 MET B CB  1 
ATOM   1256 C  CG  . MET B 1 74 ? 6.054   -4.858  2.017   1.00 11.14 ? 159 MET B CG  1 
ATOM   1257 S  SD  . MET B 1 74 ? 5.465   -3.217  1.601   1.00 13.35 ? 159 MET B SD  1 
ATOM   1258 C  CE  . MET B 1 74 ? 3.813   -3.579  1.046   1.00 11.03 ? 159 MET B CE  1 
ATOM   1259 N  N   . MET B 1 75 ? 7.061   -8.138  -1.001  1.00 11.84 ? 160 MET B N   1 
ATOM   1260 C  CA  . MET B 1 75 ? 6.824   -9.037  -2.119  1.00 12.65 ? 160 MET B CA  1 
ATOM   1261 C  C   . MET B 1 75 ? 7.156   -10.483 -1.761  1.00 12.65 ? 160 MET B C   1 
ATOM   1262 O  O   . MET B 1 75 ? 6.415   -11.398 -2.128  1.00 13.05 ? 160 MET B O   1 
ATOM   1263 C  CB  . MET B 1 75 ? 7.622   -8.585  -3.340  1.00 14.22 ? 160 MET B CB  1 
ATOM   1264 C  CG  . MET B 1 75 ? 7.169   -7.228  -3.860  1.00 14.31 ? 160 MET B CG  1 
ATOM   1265 S  SD  . MET B 1 75 ? 7.892   -6.785  -5.442  1.00 22.39 ? 160 MET B SD  1 
ATOM   1266 C  CE  . MET B 1 75 ? 9.394   -6.069  -4.927  1.00 23.02 ? 160 MET B CE  1 
ATOM   1267 N  N   . ASP B 1 76 ? 8.257   -10.690 -1.042  1.00 13.47 ? 161 ASP B N   1 
ATOM   1268 C  CA  . ASP B 1 76 ? 8.643   -12.042 -0.648  1.00 14.61 ? 161 ASP B CA  1 
ATOM   1269 C  C   . ASP B 1 76 ? 7.578   -12.662 0.248   1.00 14.03 ? 161 ASP B C   1 
ATOM   1270 O  O   . ASP B 1 76 ? 7.357   -13.870 0.211   1.00 14.43 ? 161 ASP B O   1 
ATOM   1271 C  CB  . ASP B 1 76 ? 9.985   -12.043 0.096   1.00 14.62 ? 161 ASP B CB  1 
ATOM   1272 C  CG  . ASP B 1 76 ? 11.166  -11.741 -0.812  1.00 15.72 ? 161 ASP B CG  1 
ATOM   1273 O  OD1 . ASP B 1 76 ? 10.999  -11.756 -2.050  1.00 17.30 ? 161 ASP B OD1 1 
ATOM   1274 O  OD2 . ASP B 1 76 ? 12.272  -11.501 -0.282  1.00 19.64 ? 161 ASP B OD2 1 
ATOM   1275 N  N   . SER B 1 77 ? 6.920   -11.831 1.052   1.00 14.34 ? 162 SER B N   1 
ATOM   1276 C  CA  . SER B 1 77 ? 5.884   -12.310 1.961   1.00 14.35 ? 162 SER B CA  1 
ATOM   1277 C  C   . SER B 1 77 ? 4.492   -12.295 1.342   1.00 13.94 ? 162 SER B C   1 
ATOM   1278 O  O   . SER B 1 77 ? 3.517   -12.670 1.994   1.00 15.77 ? 162 SER B O   1 
ATOM   1279 C  CB  . SER B 1 77 ? 5.876   -11.474 3.240   1.00 15.30 ? 162 SER B CB  1 
ATOM   1280 O  OG  . SER B 1 77 ? 7.093   -11.620 3.947   1.00 18.36 ? 162 SER B OG  1 
ATOM   1281 N  N   . GLY B 1 78 ? 4.401   -11.854 0.091   1.00 12.67 ? 163 GLY B N   1 
ATOM   1282 C  CA  . GLY B 1 78 ? 3.120   -11.810 -0.593  1.00 12.94 ? 163 GLY B CA  1 
ATOM   1283 C  C   . GLY B 1 78 ? 2.165   -10.722 -0.129  1.00 12.30 ? 163 GLY B C   1 
ATOM   1284 O  O   . GLY B 1 78 ? 0.968   -10.770 -0.427  1.00 13.23 ? 163 GLY B O   1 
ATOM   1285 N  N   . GLN B 1 79 ? 2.691   -9.738  0.593   1.00 12.10 ? 164 GLN B N   1 
ATOM   1286 C  CA  . GLN B 1 79 ? 1.879   -8.637  1.104   1.00 11.97 ? 164 GLN B CA  1 
ATOM   1287 C  C   . GLN B 1 79 ? 1.545   -7.627  0.009   1.00 11.41 ? 164 GLN B C   1 
ATOM   1288 O  O   . GLN B 1 79 ? 0.745   -6.710  0.203   1.00 11.12 ? 164 GLN B O   1 
ATOM   1289 C  CB  . GLN B 1 79 ? 2.600   -7.991  2.284   1.00 11.06 ? 164 GLN B CB  1 
ATOM   1290 C  CG  . GLN B 1 79 ? 2.707   -8.964  3.455   1.00 13.37 ? 164 GLN B CG  1 
ATOM   1291 C  CD  . GLN B 1 79 ? 3.866   -8.666  4.374   1.00 12.58 ? 164 GLN B CD  1 
ATOM   1292 O  OE1 . GLN B 1 79 ? 4.717   -7.837  4.070   1.00 13.88 ? 164 GLN B OE1 1 
ATOM   1293 N  NE2 . GLN B 1 79 ? 3.914   -9.360  5.505   1.00 16.26 ? 164 GLN B NE2 1 
ATOM   1294 N  N   . ILE B 1 80 ? 2.184   -7.818  -1.137  1.00 11.74 ? 165 ILE B N   1 
ATOM   1295 C  CA  . ILE B 1 80 ? 1.946   -7.033  -2.343  1.00 11.06 ? 165 ILE B CA  1 
ATOM   1296 C  C   . ILE B 1 80 ? 2.541   -7.883  -3.454  1.00 11.34 ? 165 ILE B C   1 
ATOM   1297 O  O   . ILE B 1 80 ? 3.483   -8.642  -3.227  1.00 12.38 ? 165 ILE B O   1 
ATOM   1298 C  CB  . ILE B 1 80 ? 2.642   -5.648  -2.341  1.00 10.42 ? 165 ILE B CB  1 
ATOM   1299 C  CG1 . ILE B 1 80 ? 2.162   -4.840  -3.555  1.00 10.66 ? 165 ILE B CG1 1 
ATOM   1300 C  CG2 . ILE B 1 80 ? 4.154   -5.810  -2.398  1.00 10.65 ? 165 ILE B CG2 1 
ATOM   1301 C  CD1 . ILE B 1 80 ? 2.763   -3.453  -3.668  1.00 11.93 ? 165 ILE B CD1 1 
ATOM   1302 N  N   . ASP B 1 81 ? 1.975   -7.778  -4.648  1.00 12.23 ? 166 ASP B N   1 
ATOM   1303 C  CA  . ASP B 1 81 ? 2.465   -8.537  -5.791  1.00 12.56 ? 166 ASP B CA  1 
ATOM   1304 C  C   . ASP B 1 81 ? 2.179   -7.692  -7.024  1.00 12.27 ? 166 ASP B C   1 
ATOM   1305 O  O   . ASP B 1 81 ? 1.480   -6.685  -6.936  1.00 12.51 ? 166 ASP B O   1 
ATOM   1306 C  CB  . ASP B 1 81 ? 1.736   -9.887  -5.874  1.00 15.44 ? 166 ASP B CB  1 
ATOM   1307 C  CG  . ASP B 1 81 ? 2.408   -10.869 -6.823  1.00 16.83 ? 166 ASP B CG  1 
ATOM   1308 O  OD1 . ASP B 1 81 ? 3.562   -10.624 -7.235  1.00 18.96 ? 166 ASP B OD1 1 
ATOM   1309 O  OD2 . ASP B 1 81 ? 1.783   -11.902 -7.144  1.00 19.59 ? 166 ASP B OD2 1 
ATOM   1310 N  N   . PHE B 1 82 ? 2.733   -8.081  -8.164  1.00 11.16 ? 167 PHE B N   1 
ATOM   1311 C  CA  . PHE B 1 82 ? 2.502   -7.336  -9.394  1.00 11.23 ? 167 PHE B CA  1 
ATOM   1312 C  C   . PHE B 1 82 ? 1.020   -7.359  -9.739  1.00 10.26 ? 167 PHE B C   1 
ATOM   1313 O  O   . PHE B 1 82 ? 0.318   -8.329  -9.440  1.00 10.92 ? 167 PHE B O   1 
ATOM   1314 C  CB  . PHE B 1 82 ? 3.286   -7.958  -10.546 1.00 10.80 ? 167 PHE B CB  1 
ATOM   1315 C  CG  . PHE B 1 82 ? 4.766   -7.996  -10.319 1.00 9.88  ? 167 PHE B CG  1 
ATOM   1316 C  CD1 . PHE B 1 82 ? 5.432   -9.213  -10.178 1.00 10.43 ? 167 PHE B CD1 1 
ATOM   1317 C  CD2 . PHE B 1 82 ? 5.504   -6.815  -10.260 1.00 12.22 ? 167 PHE B CD2 1 
ATOM   1318 C  CE1 . PHE B 1 82 ? 6.810   -9.257  -9.986  1.00 10.96 ? 167 PHE B CE1 1 
ATOM   1319 C  CE2 . PHE B 1 82 ? 6.887   -6.845  -10.067 1.00 10.80 ? 167 PHE B CE2 1 
ATOM   1320 C  CZ  . PHE B 1 82 ? 7.539   -8.069  -9.930  1.00 11.55 ? 167 PHE B CZ  1 
ATOM   1321 N  N   . TYR B 1 83 ? 0.551   -6.294  -10.378 1.00 10.70 ? 168 TYR B N   1 
ATOM   1322 C  CA  . TYR B 1 83 ? -0.842  -6.195  -10.788 1.00 10.56 ? 168 TYR B CA  1 
ATOM   1323 C  C   . TYR B 1 83 ? -1.189  -7.351  -11.722 1.00 10.57 ? 168 TYR B C   1 
ATOM   1324 O  O   . TYR B 1 83 ? -0.477  -7.604  -12.697 1.00 10.18 ? 168 TYR B O   1 
ATOM   1325 C  CB  . TYR B 1 83 ? -1.067  -4.870  -11.511 1.00 11.41 ? 168 TYR B CB  1 
ATOM   1326 C  CG  . TYR B 1 83 ? -2.474  -4.665  -12.013 1.00 11.76 ? 168 TYR B CG  1 
ATOM   1327 C  CD1 . TYR B 1 83 ? -3.534  -4.505  -11.128 1.00 13.12 ? 168 TYR B CD1 1 
ATOM   1328 C  CD2 . TYR B 1 83 ? -2.738  -4.602  -13.378 1.00 11.67 ? 168 TYR B CD2 1 
ATOM   1329 C  CE1 . TYR B 1 83 ? -4.830  -4.279  -11.592 1.00 14.78 ? 168 TYR B CE1 1 
ATOM   1330 C  CE2 . TYR B 1 83 ? -4.023  -4.379  -13.854 1.00 13.64 ? 168 TYR B CE2 1 
ATOM   1331 C  CZ  . TYR B 1 83 ? -5.064  -4.216  -12.959 1.00 14.98 ? 168 TYR B CZ  1 
ATOM   1332 O  OH  . TYR B 1 83 ? -6.334  -3.985  -13.433 1.00 17.93 ? 168 TYR B OH  1 
ATOM   1333 N  N   . GLN B 1 84 ? -2.281  -8.047  -11.415 1.00 11.11 ? 169 GLN B N   1 
ATOM   1334 C  CA  . GLN B 1 84 ? -2.741  -9.177  -12.220 1.00 11.62 ? 169 GLN B CA  1 
ATOM   1335 C  C   . GLN B 1 84 ? -1.657  -10.223 -12.471 1.00 11.95 ? 169 GLN B C   1 
ATOM   1336 O  O   . GLN B 1 84 ? -1.648  -10.869 -13.515 1.00 12.21 ? 169 GLN B O   1 
ATOM   1337 C  CB  . GLN B 1 84 ? -3.279  -8.672  -13.563 1.00 11.81 ? 169 GLN B CB  1 
ATOM   1338 C  CG  . GLN B 1 84 ? -4.541  -7.836  -13.451 1.00 15.15 ? 169 GLN B CG  1 
ATOM   1339 C  CD  . GLN B 1 84 ? -5.694  -8.618  -12.858 1.00 15.54 ? 169 GLN B CD  1 
ATOM   1340 O  OE1 . GLN B 1 84 ? -6.056  -9.683  -13.357 1.00 16.74 ? 169 GLN B OE1 1 
ATOM   1341 N  NE2 . GLN B 1 84 ? -6.278  -8.094  -11.783 1.00 19.99 ? 169 GLN B NE2 1 
ATOM   1342 N  N   . HIS B 1 85 ? -0.760  -10.411 -11.508 1.00 11.94 ? 170 HIS B N   1 
ATOM   1343 C  CA  . HIS B 1 85 ? 0.319   -11.377 -11.678 1.00 11.70 ? 170 HIS B CA  1 
ATOM   1344 C  C   . HIS B 1 85 ? -0.165  -12.787 -12.008 1.00 13.68 ? 170 HIS B C   1 
ATOM   1345 O  O   . HIS B 1 85 ? 0.500   -13.516 -12.745 1.00 14.63 ? 170 HIS B O   1 
ATOM   1346 C  CB  . HIS B 1 85 ? 1.194   -11.434 -10.426 1.00 12.24 ? 170 HIS B CB  1 
ATOM   1347 C  CG  . HIS B 1 85 ? 2.570   -11.963 -10.682 1.00 12.43 ? 170 HIS B CG  1 
ATOM   1348 N  ND1 . HIS B 1 85 ? 3.426   -12.336 -9.670  1.00 13.62 ? 170 HIS B ND1 1 
ATOM   1349 C  CD2 . HIS B 1 85 ? 3.252   -12.145 -11.838 1.00 13.67 ? 170 HIS B CD2 1 
ATOM   1350 C  CE1 . HIS B 1 85 ? 4.579   -12.722 -10.190 1.00 12.53 ? 170 HIS B CE1 1 
ATOM   1351 N  NE2 . HIS B 1 85 ? 4.498   -12.614 -11.504 1.00 14.13 ? 170 HIS B NE2 1 
ATOM   1352 N  N   . ASP B 1 86 ? -1.317  -13.170 -11.467 1.00 15.49 ? 171 ASP B N   1 
ATOM   1353 C  CA  . ASP B 1 86 ? -1.861  -14.504 -11.708 1.00 17.33 ? 171 ASP B CA  1 
ATOM   1354 C  C   . ASP B 1 86 ? -2.193  -14.740 -13.179 1.00 17.27 ? 171 ASP B C   1 
ATOM   1355 O  O   . ASP B 1 86 ? -2.294  -15.886 -13.623 1.00 19.28 ? 171 ASP B O   1 
ATOM   1356 C  CB  . ASP B 1 86 ? -3.116  -14.718 -10.853 1.00 21.34 ? 171 ASP B CB  1 
ATOM   1357 C  CG  . ASP B 1 86 ? -4.238  -13.763 -11.211 1.00 25.55 ? 171 ASP B CG  1 
ATOM   1358 O  OD1 . ASP B 1 86 ? -4.001  -12.537 -11.216 1.00 28.91 ? 171 ASP B OD1 1 
ATOM   1359 O  OD2 . ASP B 1 86 ? -5.360  -14.240 -11.483 1.00 29.12 ? 171 ASP B OD2 1 
ATOM   1360 N  N   . LYS B 1 87 ? -2.354  -13.657 -13.932 1.00 15.63 ? 172 LYS B N   1 
ATOM   1361 C  CA  . LYS B 1 87 ? -2.686  -13.756 -15.349 1.00 14.44 ? 172 LYS B CA  1 
ATOM   1362 C  C   . LYS B 1 87 ? -1.613  -13.176 -16.259 1.00 14.32 ? 172 LYS B C   1 
ATOM   1363 O  O   . LYS B 1 87 ? -1.573  -13.478 -17.452 1.00 15.10 ? 172 LYS B O   1 
ATOM   1364 C  CB  . LYS B 1 87 ? -4.005  -13.036 -15.632 1.00 15.40 ? 172 LYS B CB  1 
ATOM   1365 C  CG  . LYS B 1 87 ? -5.210  -13.642 -14.942 1.00 18.23 ? 172 LYS B CG  1 
ATOM   1366 C  CD  . LYS B 1 87 ? -5.527  -15.018 -15.494 1.00 21.38 ? 172 LYS B CD  1 
ATOM   1367 C  CE  . LYS B 1 87 ? -6.793  -15.576 -14.873 1.00 23.33 ? 172 LYS B CE  1 
ATOM   1368 N  NZ  . LYS B 1 87 ? -7.106  -16.927 -15.408 1.00 26.53 ? 172 LYS B NZ  1 
ATOM   1369 N  N   . VAL B 1 88 ? -0.749  -12.339 -15.698 1.00 12.34 ? 173 VAL B N   1 
ATOM   1370 C  CA  . VAL B 1 88 ? 0.305   -11.707 -16.480 1.00 12.05 ? 173 VAL B CA  1 
ATOM   1371 C  C   . VAL B 1 88 ? 1.665   -11.846 -15.813 1.00 12.89 ? 173 VAL B C   1 
ATOM   1372 O  O   . VAL B 1 88 ? 1.961   -11.157 -14.837 1.00 11.94 ? 173 VAL B O   1 
ATOM   1373 C  CB  . VAL B 1 88 ? 0.001   -10.207 -16.690 1.00 11.09 ? 173 VAL B CB  1 
ATOM   1374 C  CG1 . VAL B 1 88 ? 1.099   -9.565  -17.516 1.00 11.65 ? 173 VAL B CG1 1 
ATOM   1375 C  CG2 . VAL B 1 88 ? -1.354  -10.036 -17.372 1.00 10.18 ? 173 VAL B CG2 1 
ATOM   1376 N  N   . CYS B 1 89 ? 2.493   -12.742 -16.343 1.00 13.24 ? 174 CYS B N   1 
ATOM   1377 C  CA  . CYS B 1 89 ? 3.830   -12.964 -15.804 1.00 14.33 ? 174 CYS B CA  1 
ATOM   1378 C  C   . CYS B 1 89 ? 4.831   -13.041 -16.949 1.00 15.87 ? 174 CYS B C   1 
ATOM   1379 O  O   . CYS B 1 89 ? 4.586   -13.714 -17.951 1.00 15.92 ? 174 CYS B O   1 
ATOM   1380 C  CB  . CYS B 1 89 ? 3.879   -14.263 -14.996 1.00 13.34 ? 174 CYS B CB  1 
ATOM   1381 S  SG  . CYS B 1 89 ? 5.506   -14.627 -14.288 1.00 15.52 ? 174 CYS B SG  1 
ATOM   1382 N  N   . SER B 1 90 ? 5.954   -12.350 -16.789 1.00 17.90 ? 175 SER B N   1 
ATOM   1383 C  CA  . SER B 1 90 ? 7.000   -12.318 -17.804 1.00 20.64 ? 175 SER B CA  1 
ATOM   1384 C  C   . SER B 1 90 ? 7.951   -13.500 -17.662 1.00 22.35 ? 175 SER B C   1 
ATOM   1385 O  O   . SER B 1 90 ? 8.829   -13.700 -18.501 1.00 24.67 ? 175 SER B O   1 
ATOM   1386 C  CB  . SER B 1 90 ? 7.803   -11.022 -17.689 1.00 20.13 ? 175 SER B CB  1 
ATOM   1387 O  OG  . SER B 1 90 ? 8.535   -10.998 -16.474 1.00 20.74 ? 175 SER B OG  1 
ATOM   1388 N  N   . ASN B 1 91 ? 7.782   -14.271 -16.592 1.00 24.45 ? 176 ASN B N   1 
ATOM   1389 C  CA  . ASN B 1 91 ? 8.631   -15.431 -16.339 1.00 26.50 ? 176 ASN B CA  1 
ATOM   1390 C  C   . ASN B 1 91 ? 10.079  -15.027 -16.072 1.00 27.12 ? 176 ASN B C   1 
ATOM   1391 O  O   . ASN B 1 91 ? 11.009  -15.788 -16.347 1.00 26.50 ? 176 ASN B O   1 
ATOM   1392 C  CB  . ASN B 1 91 ? 8.570   -16.395 -17.528 1.00 29.25 ? 176 ASN B CB  1 
ATOM   1393 C  CG  . ASN B 1 91 ? 7.187   -16.990 -17.723 1.00 31.42 ? 176 ASN B CG  1 
ATOM   1394 O  OD1 . ASN B 1 91 ? 6.954   -17.756 -18.656 1.00 35.50 ? 176 ASN B OD1 1 
ATOM   1395 N  ND2 . ASN B 1 91 ? 6.262   -16.642 -16.836 1.00 34.62 ? 176 ASN B ND2 1 
ATOM   1396 N  N   . THR B 1 92 ? 10.265  -13.824 -15.535 1.00 26.80 ? 177 THR B N   1 
ATOM   1397 C  CA  . THR B 1 92 ? 11.598  -13.323 -15.221 1.00 27.21 ? 177 THR B CA  1 
ATOM   1398 C  C   . THR B 1 92 ? 11.610  -12.698 -13.830 1.00 27.12 ? 177 THR B C   1 
ATOM   1399 O  O   . THR B 1 92 ? 12.579  -12.049 -13.436 1.00 28.20 ? 177 THR B O   1 
ATOM   1400 C  CB  . THR B 1 92 ? 12.057  -12.260 -16.238 1.00 27.11 ? 177 THR B CB  1 
ATOM   1401 O  OG1 . THR B 1 92 ? 11.230  -11.095 -16.125 1.00 28.38 ? 177 THR B OG1 1 
ATOM   1402 C  CG2 . THR B 1 92 ? 11.965  -12.806 -17.654 1.00 28.27 ? 177 THR B CG2 1 
ATOM   1403 N  N   . CYS B 1 93 ? 10.522  -12.902 -13.093 1.00 26.87 ? 178 CYS B N   1 
ATOM   1404 C  CA  . CYS B 1 93 ? 10.388  -12.367 -11.744 1.00 26.15 ? 178 CYS B CA  1 
ATOM   1405 C  C   . CYS B 1 93 ? 11.081  -13.248 -10.708 1.00 28.05 ? 178 CYS B C   1 
ATOM   1406 O  O   . CYS B 1 93 ? 11.745  -12.683 -9.814  1.00 30.03 ? 178 CYS B O   1 
ATOM   1407 C  CB  . CYS B 1 93 ? 8.908   -12.208 -11.388 1.00 24.45 ? 178 CYS B CB  1 
ATOM   1408 S  SG  . CYS B 1 93 ? 7.921   -13.701 -11.618 1.00 19.07 ? 178 CYS B SG  1 
HETATM 1409 ZN ZN  . ZN  C 2 .  ? -10.125 9.736   16.019  1.00 11.76 ? 183 ZN  A ZN  1 
HETATM 1410 ZN ZN  . ZN  D 2 .  ? 6.126   -12.953 -12.842 1.00 15.33 ? 183 ZN  B ZN  1 
HETATM 1411 O  O   . HOH E 3 .  ? 0.529   -6.808  4.986   1.00 10.02 ? 184 HOH A O   1 
HETATM 1412 O  O   . HOH E 3 .  ? 5.777   4.579   10.293  1.00 11.60 ? 185 HOH A O   1 
HETATM 1413 O  O   . HOH E 3 .  ? 5.455   10.533  11.969  1.00 10.25 ? 186 HOH A O   1 
HETATM 1414 O  O   . HOH E 3 .  ? 0.415   -5.119  2.610   1.00 9.94  ? 187 HOH A O   1 
HETATM 1415 O  O   . HOH E 3 .  ? -16.108 -7.761  -1.287  1.00 13.19 ? 188 HOH A O   1 
HETATM 1416 O  O   . HOH E 3 .  ? -11.097 13.467  6.578   1.00 12.71 ? 189 HOH A O   1 
HETATM 1417 O  O   . HOH E 3 .  ? -7.385  8.091   -1.246  1.00 11.60 ? 190 HOH A O   1 
HETATM 1418 O  O   . HOH E 3 .  ? -3.559  -5.484  -2.291  1.00 16.01 ? 191 HOH A O   1 
HETATM 1419 O  O   . HOH E 3 .  ? -10.185 11.353  10.283  1.00 9.12  ? 192 HOH A O   1 
HETATM 1420 O  O   . HOH E 3 .  ? -2.044  -10.713 6.914   1.00 15.26 ? 193 HOH A O   1 
HETATM 1421 O  O   . HOH E 3 .  ? -19.329 -1.970  8.578   1.00 13.96 ? 194 HOH A O   1 
HETATM 1422 O  O   . HOH E 3 .  ? 3.012   -5.460  13.939  1.00 16.90 ? 195 HOH A O   1 
HETATM 1423 O  O   . HOH E 3 .  ? -3.292  11.636  8.879   1.00 13.44 ? 196 HOH A O   1 
HETATM 1424 O  O   . HOH E 3 .  ? -14.770 -7.760  11.986  1.00 14.67 ? 197 HOH A O   1 
HETATM 1425 O  O   . HOH E 3 .  ? -1.176  9.928   8.185   1.00 13.66 ? 198 HOH A O   1 
HETATM 1426 O  O   . HOH E 3 .  ? -17.189 4.051   11.528  1.00 13.24 ? 199 HOH A O   1 
HETATM 1427 O  O   . HOH E 3 .  ? -4.108  13.781  7.113   1.00 15.57 ? 200 HOH A O   1 
HETATM 1428 O  O   . HOH E 3 .  ? -14.148 -13.458 10.862  1.00 15.18 ? 201 HOH A O   1 
HETATM 1429 O  O   . HOH E 3 .  ? 5.670   6.770   5.567   1.00 20.66 ? 202 HOH A O   1 
HETATM 1430 O  O   . HOH E 3 .  ? -15.835 -10.553 -1.719  1.00 15.15 ? 203 HOH A O   1 
HETATM 1431 O  O   . HOH E 3 .  ? -8.024  -14.691 4.917   1.00 18.25 ? 204 HOH A O   1 
HETATM 1432 O  O   . HOH E 3 .  ? -10.841 -8.169  14.690  1.00 14.58 ? 205 HOH A O   1 
HETATM 1433 O  O   . HOH E 3 .  ? -6.338  10.344  -2.753  1.00 15.48 ? 206 HOH A O   1 
HETATM 1434 O  O   . HOH E 3 .  ? -18.556 5.060   4.312   1.00 18.77 ? 207 HOH A O   1 
HETATM 1435 O  O   . HOH E 3 .  ? -12.331 19.836  14.556  1.00 15.64 ? 208 HOH A O   1 
HETATM 1436 O  O   . HOH E 3 .  ? -5.009  6.785   15.283  1.00 20.35 ? 209 HOH A O   1 
HETATM 1437 O  O   . HOH E 3 .  ? -3.698  -10.472 9.534   1.00 19.45 ? 210 HOH A O   1 
HETATM 1438 O  O   . HOH E 3 .  ? -7.293  -11.975 -1.301  1.00 21.72 ? 211 HOH A O   1 
HETATM 1439 O  O   . HOH E 3 .  ? -19.020 -2.260  4.304   1.00 14.84 ? 212 HOH A O   1 
HETATM 1440 O  O   . HOH E 3 .  ? -2.044  -8.481  -5.261  1.00 26.58 ? 213 HOH A O   1 
HETATM 1441 O  O   . HOH E 3 .  ? -11.989 2.328   15.513  1.00 20.59 ? 214 HOH A O   1 
HETATM 1442 O  O   . HOH E 3 .  ? -6.867  18.961  6.678   1.00 25.61 ? 215 HOH A O   1 
HETATM 1443 O  O   . HOH E 3 .  ? -12.807 -6.526  13.645  1.00 23.06 ? 216 HOH A O   1 
HETATM 1444 O  O   . HOH E 3 .  ? -4.395  -7.258  -4.444  1.00 26.39 ? 217 HOH A O   1 
HETATM 1445 O  O   . HOH E 3 .  ? -10.589 -4.996  -5.554  1.00 21.21 ? 218 HOH A O   1 
HETATM 1446 O  O   . HOH E 3 .  ? -4.791  16.649  1.895   1.00 26.38 ? 219 HOH A O   1 
HETATM 1447 O  O   . HOH E 3 .  ? -9.335  -1.804  16.544  1.00 21.17 ? 220 HOH A O   1 
HETATM 1448 O  O   . HOH E 3 .  ? -18.155 6.794   10.529  1.00 20.54 ? 221 HOH A O   1 
HETATM 1449 O  O   . HOH E 3 .  ? -20.201 -0.475  6.037   1.00 26.09 ? 222 HOH A O   1 
HETATM 1450 O  O   . HOH E 3 .  ? -9.519  -7.304  -4.084  1.00 24.16 ? 223 HOH A O   1 
HETATM 1451 O  O   . HOH E 3 .  ? -12.447 -14.984 13.468  1.00 25.17 ? 224 HOH A O   1 
HETATM 1452 O  O   . HOH E 3 .  ? -11.123 21.996  13.490  1.00 25.77 ? 225 HOH A O   1 
HETATM 1453 O  O   . HOH E 3 .  ? -16.026 -14.854 7.184   1.00 23.00 ? 226 HOH A O   1 
HETATM 1454 O  O   . HOH E 3 .  ? 1.323   -13.707 6.284   1.00 30.67 ? 227 HOH A O   1 
HETATM 1455 O  O   . HOH E 3 .  ? -16.243 12.163  10.065  1.00 26.02 ? 228 HOH A O   1 
HETATM 1456 O  O   . HOH E 3 .  ? -16.696 -7.666  14.006  1.00 23.95 ? 229 HOH A O   1 
HETATM 1457 O  O   . HOH E 3 .  ? -6.264  -1.191  18.418  1.00 33.53 ? 230 HOH A O   1 
HETATM 1458 O  O   . HOH E 3 .  ? -11.411 6.917   21.930  1.00 33.50 ? 231 HOH A O   1 
HETATM 1459 O  O   . HOH E 3 .  ? -5.279  17.843  8.517   1.00 33.82 ? 232 HOH A O   1 
HETATM 1460 O  O   . HOH E 3 .  ? -19.729 5.603   8.579   1.00 36.05 ? 233 HOH A O   1 
HETATM 1461 O  O   . HOH E 3 .  ? -0.225  12.312  11.384  1.00 23.38 ? 234 HOH A O   1 
HETATM 1462 O  O   . HOH E 3 .  ? -1.907  -11.783 11.109  1.00 31.36 ? 235 HOH A O   1 
HETATM 1463 O  O   . HOH E 3 .  ? -8.311  22.362  14.390  1.00 39.06 ? 236 HOH A O   1 
HETATM 1464 O  O   . HOH E 3 .  ? -1.166  -14.740 5.906   1.00 27.80 ? 237 HOH A O   1 
HETATM 1465 O  O   . HOH E 3 .  ? -4.695  9.206   17.587  1.00 33.10 ? 238 HOH A O   1 
HETATM 1466 O  O   . HOH E 3 .  ? -15.343 -8.422  16.286  1.00 35.36 ? 239 HOH A O   1 
HETATM 1467 O  O   . HOH E 3 .  ? -2.708  12.081  12.484  1.00 28.09 ? 240 HOH A O   1 
HETATM 1468 O  O   . HOH E 3 .  ? -9.259  1.755   24.530  1.00 44.94 ? 241 HOH A O   1 
HETATM 1469 O  O   . HOH E 3 .  ? -15.478 8.049   -4.399  1.00 34.11 ? 242 HOH A O   1 
HETATM 1470 O  O   . HOH E 3 .  ? 5.341   -7.189  11.844  1.00 35.93 ? 243 HOH A O   1 
HETATM 1471 O  O   . HOH E 3 .  ? -7.358  12.945  16.780  1.00 31.42 ? 244 HOH A O   1 
HETATM 1472 O  O   . HOH E 3 .  ? -7.900  -2.161  -8.118  1.00 34.46 ? 245 HOH A O   1 
HETATM 1473 O  O   . HOH E 3 .  ? -3.834  12.561  -4.904  1.00 39.56 ? 246 HOH A O   1 
HETATM 1474 O  O   . HOH E 3 .  ? -9.165  11.175  -3.855  1.00 31.90 ? 247 HOH A O   1 
HETATM 1475 O  O   . HOH E 3 .  ? -19.807 -0.001  -1.646  1.00 30.20 ? 248 HOH A O   1 
HETATM 1476 O  O   . HOH E 3 .  ? 3.079   11.399  7.725   1.00 32.71 ? 249 HOH A O   1 
HETATM 1477 O  O   . HOH E 3 .  ? -21.976 -0.909  7.935   1.00 31.52 ? 250 HOH A O   1 
HETATM 1478 O  O   . HOH E 3 .  ? 0.273   10.937  5.668   1.00 35.96 ? 251 HOH A O   1 
HETATM 1479 O  O   . HOH E 3 .  ? 7.005   -6.901  7.766   1.00 38.49 ? 252 HOH A O   1 
HETATM 1480 O  O   . HOH E 3 .  ? -9.387  -11.538 -3.126  1.00 32.89 ? 253 HOH A O   1 
HETATM 1481 O  O   . HOH E 3 .  ? -4.699  18.106  5.036   1.00 37.98 ? 254 HOH A O   1 
HETATM 1482 O  O   . HOH E 3 .  ? -2.685  7.364   17.097  1.00 43.14 ? 255 HOH A O   1 
HETATM 1483 O  O   . HOH E 3 .  ? -6.916  6.351   17.122  1.00 31.08 ? 256 HOH A O   1 
HETATM 1484 O  O   . HOH E 3 .  ? 4.236   -9.723  10.053  1.00 40.75 ? 257 HOH A O   1 
HETATM 1485 O  O   . HOH E 3 .  ? -11.311 1.122   19.037  1.00 38.58 ? 258 HOH A O   1 
HETATM 1486 O  O   . HOH E 3 .  ? -12.502 9.046   -7.927  1.00 35.73 ? 259 HOH A O   1 
HETATM 1487 O  O   . HOH E 3 .  ? -13.371 1.901   21.393  1.00 43.84 ? 260 HOH A O   1 
HETATM 1488 O  O   . HOH E 3 .  ? -10.526 -9.462  -6.905  1.00 35.95 ? 261 HOH A O   1 
HETATM 1489 O  O   . HOH E 3 .  ? -9.763  9.367   -7.531  1.00 34.14 ? 262 HOH A O   1 
HETATM 1490 O  O   . HOH E 3 .  ? -7.725  1.132   18.764  1.00 35.40 ? 263 HOH A O   1 
HETATM 1491 O  O   . HOH E 3 .  ? -21.926 -0.365  16.211  1.00 44.91 ? 264 HOH A O   1 
HETATM 1492 O  O   . HOH E 3 .  ? -8.337  -4.922  -3.880  1.00 36.15 ? 265 HOH A O   1 
HETATM 1493 O  O   . HOH E 3 .  ? -2.928  -10.137 13.303  1.00 39.94 ? 266 HOH A O   1 
HETATM 1494 O  O   . HOH E 3 .  ? 1.633   1.465   18.603  1.00 15.95 ? 267 HOH A O   1 
HETATM 1495 O  O   . HOH E 3 .  ? 3.924   6.662   3.106   1.00 21.59 ? 268 HOH A O   1 
HETATM 1496 O  O   . HOH E 3 .  ? -12.353 -4.135  16.456  1.00 24.38 ? 269 HOH A O   1 
HETATM 1497 O  O   . HOH E 3 .  ? 4.117   13.016  11.684  1.00 22.13 ? 270 HOH A O   1 
HETATM 1498 O  O   . HOH E 3 .  ? -16.407 8.964   10.197  1.00 23.22 ? 271 HOH A O   1 
HETATM 1499 O  O   . HOH E 3 .  ? -19.255 -1.074  15.103  1.00 23.02 ? 272 HOH A O   1 
HETATM 1500 O  O   . HOH E 3 .  ? -1.476  9.018   15.186  1.00 21.44 ? 273 HOH A O   1 
HETATM 1501 O  O   . HOH E 3 .  ? -0.344  8.371   4.364   1.00 29.16 ? 274 HOH A O   1 
HETATM 1502 O  O   . HOH E 3 .  ? -4.174  3.763   16.275  1.00 30.14 ? 275 HOH A O   1 
HETATM 1503 O  O   . HOH E 3 .  ? -18.490 -0.598  -4.059  1.00 27.93 ? 276 HOH A O   1 
HETATM 1504 O  O   . HOH E 3 .  ? -14.887 11.671  12.370  1.00 25.50 ? 277 HOH A O   1 
HETATM 1505 O  O   . HOH E 3 .  ? -20.119 -2.157  1.526   1.00 25.79 ? 278 HOH A O   1 
HETATM 1506 O  O   . HOH E 3 .  ? -18.976 6.869   6.205   1.00 24.94 ? 279 HOH A O   1 
HETATM 1507 O  O   . HOH E 3 .  ? -7.845  -9.247  -3.371  1.00 30.56 ? 280 HOH A O   1 
HETATM 1508 O  O   . HOH E 3 .  ? -20.921 -3.517  11.597  1.00 34.18 ? 281 HOH A O   1 
HETATM 1509 O  O   . HOH E 3 .  ? -14.411 16.190  20.583  1.00 46.70 ? 282 HOH A O   1 
HETATM 1510 O  O   . HOH E 3 .  ? -18.281 -9.272  12.599  1.00 28.74 ? 283 HOH A O   1 
HETATM 1511 O  O   . HOH E 3 .  ? -7.256  21.592  6.454   1.00 36.19 ? 284 HOH A O   1 
HETATM 1512 O  O   . HOH E 3 .  ? -20.837 2.185   6.270   1.00 29.14 ? 285 HOH A O   1 
HETATM 1513 O  O   . HOH E 3 .  ? -17.549 -5.159  -10.590 1.00 34.66 ? 286 HOH A O   1 
HETATM 1514 O  O   . HOH E 3 .  ? -12.835 8.758   -5.160  1.00 31.86 ? 287 HOH A O   1 
HETATM 1515 O  O   . HOH E 3 .  ? -8.147  -16.297 8.858   1.00 39.02 ? 288 HOH A O   1 
HETATM 1516 O  O   . HOH E 3 .  ? -2.582  15.276  5.241   1.00 38.54 ? 289 HOH A O   1 
HETATM 1517 O  O   . HOH E 3 .  ? -4.467  12.943  16.202  1.00 39.35 ? 290 HOH A O   1 
HETATM 1518 O  O   . HOH E 3 .  ? 3.380   -8.160  14.324  1.00 37.31 ? 291 HOH A O   1 
HETATM 1519 O  O   . HOH E 3 .  ? -8.774  -17.173 4.187   1.00 37.88 ? 292 HOH A O   1 
HETATM 1520 O  O   . HOH E 3 .  ? 4.667   11.253  5.448   1.00 47.71 ? 293 HOH A O   1 
HETATM 1521 O  O   . HOH E 3 .  ? 2.399   -10.618 14.894  1.00 44.75 ? 294 HOH A O   1 
HETATM 1522 O  O   . HOH E 3 .  ? -11.813 -1.232  -10.384 1.00 44.02 ? 295 HOH A O   1 
HETATM 1523 O  O   . HOH F 3 .  ? 8.191   4.973   2.186   1.00 12.81 ? 184 HOH B O   1 
HETATM 1524 O  O   . HOH F 3 .  ? 1.969   -8.699  -13.641 1.00 13.13 ? 185 HOH B O   1 
HETATM 1525 O  O   . HOH F 3 .  ? 13.135  5.471   1.716   1.00 11.48 ? 186 HOH B O   1 
HETATM 1526 O  O   . HOH F 3 .  ? -2.068  -6.631  -0.315  1.00 13.21 ? 187 HOH B O   1 
HETATM 1527 O  O   . HOH F 3 .  ? 13.559  14.046  4.525   1.00 16.10 ? 188 HOH B O   1 
HETATM 1528 O  O   . HOH F 3 .  ? -4.086  -8.005  -9.143  1.00 15.97 ? 189 HOH B O   1 
HETATM 1529 O  O   . HOH F 3 .  ? 15.134  3.650   0.613   1.00 14.94 ? 190 HOH B O   1 
HETATM 1530 O  O   . HOH F 3 .  ? -0.765  -2.023  -17.012 1.00 14.17 ? 191 HOH B O   1 
HETATM 1531 O  O   . HOH F 3 .  ? 0.346   -12.083 -2.890  1.00 19.16 ? 192 HOH B O   1 
HETATM 1532 O  O   . HOH F 3 .  ? -1.965  -4.146  -4.209  1.00 13.13 ? 193 HOH B O   1 
HETATM 1533 O  O   . HOH F 3 .  ? 4.480   -11.092 -3.965  1.00 16.65 ? 194 HOH B O   1 
HETATM 1534 O  O   . HOH F 3 .  ? -3.104  2.495   -10.785 1.00 13.86 ? 195 HOH B O   1 
HETATM 1535 O  O   . HOH F 3 .  ? 12.118  5.407   -16.891 1.00 22.19 ? 196 HOH B O   1 
HETATM 1536 O  O   . HOH F 3 .  ? -1.197  2.009   -18.520 1.00 19.81 ? 197 HOH B O   1 
HETATM 1537 O  O   . HOH F 3 .  ? 17.856  10.545  -0.223  1.00 19.94 ? 198 HOH B O   1 
HETATM 1538 O  O   . HOH F 3 .  ? 6.122   4.911   7.610   1.00 16.20 ? 199 HOH B O   1 
HETATM 1539 O  O   . HOH F 3 .  ? 6.016   8.998   -1.010  1.00 17.20 ? 200 HOH B O   1 
HETATM 1540 O  O   . HOH F 3 .  ? -1.843  -8.954  -7.808  1.00 20.95 ? 201 HOH B O   1 
HETATM 1541 O  O   . HOH F 3 .  ? 12.375  8.681   3.471   1.00 19.82 ? 202 HOH B O   1 
HETATM 1542 O  O   . HOH F 3 .  ? 10.534  -4.775  -16.810 1.00 21.57 ? 203 HOH B O   1 
HETATM 1543 O  O   . HOH F 3 .  ? 10.242  -10.634 -8.698  1.00 28.00 ? 204 HOH B O   1 
HETATM 1544 O  O   . HOH F 3 .  ? 17.327  10.795  -2.793  1.00 20.75 ? 205 HOH B O   1 
HETATM 1545 O  O   . HOH F 3 .  ? 3.977   -7.658  -17.869 1.00 15.89 ? 206 HOH B O   1 
HETATM 1546 O  O   . HOH F 3 .  ? 11.794  13.000  2.483   1.00 20.40 ? 207 HOH B O   1 
HETATM 1547 O  O   . HOH F 3 .  ? -2.305  3.565   -13.229 1.00 21.73 ? 208 HOH B O   1 
HETATM 1548 O  O   . HOH F 3 .  ? 8.404   6.868   4.219   1.00 22.25 ? 209 HOH B O   1 
HETATM 1549 O  O   . HOH F 3 .  ? -2.563  0.047   -17.221 1.00 24.04 ? 210 HOH B O   1 
HETATM 1550 O  O   . HOH F 3 .  ? 5.666   5.411   1.305   1.00 19.40 ? 211 HOH B O   1 
HETATM 1551 O  O   . HOH F 3 .  ? 11.176  -8.704  -10.448 1.00 23.00 ? 212 HOH B O   1 
HETATM 1552 O  O   . HOH F 3 .  ? 6.265   -15.994 1.444   1.00 21.84 ? 213 HOH B O   1 
HETATM 1553 O  O   . HOH F 3 .  ? 2.502   -13.149 -4.091  1.00 22.44 ? 214 HOH B O   1 
HETATM 1554 O  O   . HOH F 3 .  ? 19.026  12.011  6.857   1.00 22.70 ? 215 HOH B O   1 
HETATM 1555 O  O   . HOH F 3 .  ? -0.595  -6.538  -4.142  1.00 22.47 ? 216 HOH B O   1 
HETATM 1556 O  O   . HOH F 3 .  ? 19.041  1.334   -10.556 1.00 24.58 ? 217 HOH B O   1 
HETATM 1557 O  O   . HOH F 3 .  ? -5.897  2.119   -10.762 1.00 21.97 ? 218 HOH B O   1 
HETATM 1558 O  O   . HOH F 3 .  ? -2.933  2.581   -15.753 1.00 21.39 ? 219 HOH B O   1 
HETATM 1559 O  O   . HOH F 3 .  ? 20.023  2.055   -13.081 1.00 24.29 ? 220 HOH B O   1 
HETATM 1560 O  O   . HOH F 3 .  ? 7.303   -7.269  4.950   1.00 25.03 ? 221 HOH B O   1 
HETATM 1561 O  O   . HOH F 3 .  ? -7.069  3.156   -13.060 1.00 30.80 ? 222 HOH B O   1 
HETATM 1562 O  O   . HOH F 3 .  ? 4.471   10.330  -2.629  1.00 30.38 ? 223 HOH B O   1 
HETATM 1563 O  O   . HOH F 3 .  ? 5.932   -9.664  7.708   1.00 28.24 ? 224 HOH B O   1 
HETATM 1564 O  O   . HOH F 3 .  ? 14.078  -3.922  6.429   1.00 28.21 ? 225 HOH B O   1 
HETATM 1565 O  O   . HOH F 3 .  ? 6.157   11.685  -18.101 1.00 26.32 ? 226 HOH B O   1 
HETATM 1566 O  O   . HOH F 3 .  ? 20.885  0.594   -15.339 1.00 31.31 ? 227 HOH B O   1 
HETATM 1567 O  O   . HOH F 3 .  ? 18.535  3.915   -15.019 1.00 35.07 ? 228 HOH B O   1 
HETATM 1568 O  O   . HOH F 3 .  ? 5.719   -14.574 -20.359 1.00 26.76 ? 229 HOH B O   1 
HETATM 1569 O  O   . HOH F 3 .  ? -8.030  8.933   -9.498  1.00 23.51 ? 230 HOH B O   1 
HETATM 1570 O  O   . HOH F 3 .  ? 5.103   11.877  -7.365  1.00 30.39 ? 231 HOH B O   1 
HETATM 1571 O  O   . HOH F 3 .  ? 14.498  1.003   -16.837 1.00 33.60 ? 232 HOH B O   1 
HETATM 1572 O  O   . HOH F 3 .  ? 21.228  9.922   -6.326  1.00 41.48 ? 233 HOH B O   1 
HETATM 1573 O  O   . HOH F 3 .  ? 13.440  -9.110  -15.335 1.00 35.47 ? 234 HOH B O   1 
HETATM 1574 O  O   . HOH F 3 .  ? 24.042  8.540   -9.293  1.00 37.52 ? 235 HOH B O   1 
HETATM 1575 O  O   . HOH F 3 .  ? 18.668  -5.424  -8.911  1.00 43.40 ? 236 HOH B O   1 
HETATM 1576 O  O   . HOH F 3 .  ? 20.915  2.395   -4.916  1.00 35.79 ? 237 HOH B O   1 
HETATM 1577 O  O   . HOH F 3 .  ? 17.786  -2.869  -9.536  1.00 34.69 ? 238 HOH B O   1 
HETATM 1578 O  O   . HOH F 3 .  ? 20.183  14.530  6.428   1.00 29.04 ? 239 HOH B O   1 
HETATM 1579 O  O   . HOH F 3 .  ? 19.621  8.297   -1.231  1.00 35.37 ? 240 HOH B O   1 
HETATM 1580 O  O   . HOH F 3 .  ? -3.235  -14.573 -19.333 1.00 35.78 ? 241 HOH B O   1 
HETATM 1581 O  O   . HOH F 3 .  ? -7.394  -3.583  -16.311 1.00 32.35 ? 242 HOH B O   1 
HETATM 1582 O  O   . HOH F 3 .  ? 8.328   -9.951  5.822   1.00 36.68 ? 243 HOH B O   1 
HETATM 1583 O  O   . HOH F 3 .  ? -0.599  -16.729 -16.673 1.00 38.99 ? 244 HOH B O   1 
HETATM 1584 O  O   . HOH F 3 .  ? 15.928  15.294  1.489   1.00 44.68 ? 245 HOH B O   1 
HETATM 1585 O  O   . HOH F 3 .  ? -6.425  -4.496  -8.287  1.00 34.30 ? 246 HOH B O   1 
HETATM 1586 O  O   . HOH F 3 .  ? -7.270  -11.902 -12.271 1.00 37.59 ? 247 HOH B O   1 
HETATM 1587 O  O   . HOH F 3 .  ? 13.861  13.954  -4.461  1.00 36.68 ? 248 HOH B O   1 
HETATM 1588 O  O   . HOH F 3 .  ? 10.931  -9.924  -18.662 1.00 34.12 ? 249 HOH B O   1 
HETATM 1589 O  O   . HOH F 3 .  ? 3.560   -17.015 -18.091 1.00 42.83 ? 250 HOH B O   1 
HETATM 1590 O  O   . HOH F 3 .  ? 12.427  -10.957 2.605   1.00 30.46 ? 251 HOH B O   1 
HETATM 1591 O  O   . HOH F 3 .  ? 0.786   -15.495 -14.666 1.00 37.62 ? 252 HOH B O   1 
HETATM 1592 O  O   . HOH F 3 .  ? -6.987  -6.171  -6.153  1.00 41.39 ? 253 HOH B O   1 
HETATM 1593 O  O   . HOH F 3 .  ? 14.082  -7.847  -10.227 1.00 42.29 ? 254 HOH B O   1 
HETATM 1594 O  O   . HOH F 3 .  ? -5.584  4.119   -16.056 1.00 38.79 ? 255 HOH B O   1 
HETATM 1595 O  O   . HOH F 3 .  ? 10.225  15.368  2.710   1.00 41.76 ? 256 HOH B O   1 
HETATM 1596 O  O   . HOH F 3 .  ? 13.943  -1.734  8.102   1.00 38.38 ? 257 HOH B O   1 
HETATM 1597 O  O   . HOH F 3 .  ? 11.086  13.944  -3.161  1.00 22.09 ? 258 HOH B O   1 
HETATM 1598 O  O   . HOH F 3 .  ? 1.398   -15.194 -17.710 1.00 22.55 ? 259 HOH B O   1 
HETATM 1599 O  O   . HOH F 3 .  ? 18.066  15.442  4.703   1.00 22.89 ? 260 HOH B O   1 
HETATM 1600 O  O   . HOH F 3 .  ? 4.494   -9.889  -19.388 1.00 26.58 ? 261 HOH B O   1 
HETATM 1601 O  O   . HOH F 3 .  ? 10.564  10.643  3.392   1.00 24.52 ? 262 HOH B O   1 
HETATM 1602 O  O   . HOH F 3 .  ? 5.281   13.606  -9.327  1.00 28.43 ? 263 HOH B O   1 
HETATM 1603 O  O   . HOH F 3 .  ? 3.389   -14.350 4.118   1.00 22.19 ? 264 HOH B O   1 
HETATM 1604 O  O   . HOH F 3 .  ? 10.986  7.846   -18.327 1.00 29.43 ? 265 HOH B O   1 
HETATM 1605 O  O   . HOH F 3 .  ? 26.368  6.261   -12.219 1.00 33.18 ? 266 HOH B O   1 
HETATM 1606 O  O   . HOH F 3 .  ? 10.299  12.175  -18.906 1.00 28.46 ? 267 HOH B O   1 
HETATM 1607 O  O   . HOH F 3 .  ? 7.923   9.702   3.223   1.00 27.56 ? 268 HOH B O   1 
HETATM 1608 O  O   . HOH F 3 .  ? -7.200  -0.181  -10.028 1.00 34.18 ? 269 HOH B O   1 
HETATM 1609 O  O   . HOH F 3 .  ? -0.942  -11.948 -6.896  1.00 31.77 ? 270 HOH B O   1 
HETATM 1610 O  O   . HOH F 3 .  ? 20.207  -5.933  -3.286  1.00 29.39 ? 271 HOH B O   1 
HETATM 1611 O  O   . HOH F 3 .  ? -0.649  -14.926 -2.514  1.00 34.05 ? 272 HOH B O   1 
HETATM 1612 O  O   . HOH F 3 .  ? 11.602  4.891   4.180   1.00 31.84 ? 273 HOH B O   1 
HETATM 1613 O  O   . HOH F 3 .  ? 1.336   -10.846 6.527   1.00 29.71 ? 274 HOH B O   1 
HETATM 1614 O  O   . HOH F 3 .  ? 7.978   13.164  -6.981  1.00 29.01 ? 275 HOH B O   1 
HETATM 1615 O  O   . HOH F 3 .  ? 9.990   -7.392  -19.135 1.00 35.44 ? 276 HOH B O   1 
HETATM 1616 O  O   . HOH F 3 .  ? -8.515  -10.404 -10.323 1.00 38.80 ? 277 HOH B O   1 
HETATM 1617 O  O   . HOH F 3 .  ? 15.102  -10.039 2.947   1.00 31.36 ? 278 HOH B O   1 
HETATM 1618 O  O   . HOH F 3 .  ? -7.065  -7.020  -9.204  1.00 48.04 ? 279 HOH B O   1 
HETATM 1619 O  O   . HOH F 3 .  ? 5.962   8.478   1.742   1.00 35.51 ? 280 HOH B O   1 
HETATM 1620 O  O   . HOH F 3 .  ? 8.256   -12.417 -7.638  1.00 48.35 ? 281 HOH B O   1 
HETATM 1621 O  O   . HOH F 3 .  ? 14.974  -10.201 -7.359  1.00 37.65 ? 282 HOH B O   1 
HETATM 1622 O  O   . HOH F 3 .  ? -5.080  -10.459 -9.389  1.00 32.06 ? 283 HOH B O   1 
HETATM 1623 O  O   . HOH F 3 .  ? 5.851   -12.018 -6.451  1.00 39.63 ? 284 HOH B O   1 
HETATM 1624 O  O   . HOH F 3 .  ? 12.686  -5.457  -18.406 1.00 45.71 ? 285 HOH B O   1 
HETATM 1625 O  O   . HOH F 3 .  ? 6.519   19.454  -14.447 1.00 42.91 ? 286 HOH B O   1 
# 
